data_5E2Z
#
_entry.id   5E2Z
#
_cell.length_a   73.063
_cell.length_b   234.150
_cell.length_c   72.947
_cell.angle_alpha   90.00
_cell.angle_beta   115.49
_cell.angle_gamma   90.00
#
_symmetry.space_group_name_H-M   'P 1 21 1'
#
loop_
_entity.id
_entity.type
_entity.pdbx_description
1 polymer Hemagglutinin
2 polymer Hemagglutinin
3 branched beta-L-fucopyranose-(1-3)-[2-acetamido-2-deoxy-beta-D-glucopyranose-(1-4)]2-acetamido-2-deoxy-beta-D-glucopyranose
4 branched 'N-acetyl-alpha-neuraminic acid-(2-3)-beta-D-galactopyranose'
5 branched beta-L-fucopyranose-(1-3)-[2-acetamido-2-deoxy-beta-D-glucopyranose-(1-4)][alpha-L-fucopyranose-(1-6)]2-acetamido-2-deoxy-beta-D-glucopyranose
6 branched 'N-acetyl-alpha-neuraminic acid-(2-3)-beta-D-galactopyranose-(1-3)-2-acetamido-2-deoxy-beta-D-glucopyranose'
7 non-polymer 2-acetamido-2-deoxy-beta-D-glucopyranose
8 water water
#
loop_
_entity_poly.entity_id
_entity_poly.type
_entity_poly.pdbx_seq_one_letter_code
_entity_poly.pdbx_strand_id
1 'polypeptide(L)'
;ADPGDQICIGYHANNSTEQVDTIMEKNVTVTHAQDILEKTHNGKLCNLDGVKPLILRDCSVAGWLLGNPMCDEFLNVPEW
SYIVEKINPANDLCYPGNFNDYEELKHLLSRINHFEKIQITPKNSWSDHEASGVSSACPYQGRSSFFRNVVWLTKKDNAY
PTIKRSYNNTNQEDLLVLWGIHHPNDATEQTRLYQNPTTYISVGTSTLNQKLVPKIATRSKVKGLSGRMEFFWTILKSND
AINFESNGNFIAPENAYKIVKKGDSTIMKSELEYGDCNTKCQTPIGAINSSMPFHNIHPLTIGECPKYVKSNRLVLATGL
RNSPQGERRRKKR
;
C,A,E
2 'polypeptide(L)'
;GLFGAIAGFIEGGWQGMVDGWYGYHHSNEQGSGYAADKESTQKAIDGVTNKVNSIIDKMNTQFEAVGREFNNLERRIENL
NKKMEDGFLDVWTYNAELLVLMENERTLDFHDSNVKNLYDKVRLQLRDNAKELGNGCFEFYHRCDNECMESVRNGTYDYP
QYSEEARLKREEISGRLVPR
;
D,B,F
#
loop_
_chem_comp.id
_chem_comp.type
_chem_comp.name
_chem_comp.formula
FUC L-saccharide, alpha linking alpha-L-fucopyranose 'C6 H12 O5'
FUL L-saccharide, beta linking beta-L-fucopyranose 'C6 H12 O5'
GAL D-saccharide, beta linking beta-D-galactopyranose 'C6 H12 O6'
NAG D-saccharide, beta linking 2-acetamido-2-deoxy-beta-D-glucopyranose 'C8 H15 N O6'
SIA D-saccharide, alpha linking 'N-acetyl-alpha-neuraminic acid' 'C11 H19 N O9'
#
# COMPACT_ATOMS: atom_id res chain seq x y z
N ASP A 2 18.41 -41.32 -54.91
CA ASP A 2 17.23 -41.92 -54.29
C ASP A 2 17.13 -41.49 -52.83
N PRO A 3 15.94 -41.60 -52.21
CA PRO A 3 15.86 -41.54 -50.76
C PRO A 3 16.79 -42.51 -50.02
N GLY A 4 17.63 -41.97 -49.15
CA GLY A 4 18.51 -42.74 -48.29
C GLY A 4 17.88 -42.89 -46.92
N ASP A 5 18.72 -42.90 -45.89
CA ASP A 5 18.23 -42.97 -44.52
C ASP A 5 17.93 -41.55 -44.04
N GLN A 6 16.97 -41.40 -43.12
CA GLN A 6 16.62 -40.07 -42.60
C GLN A 6 16.67 -39.99 -41.07
N ILE A 7 16.65 -38.75 -40.56
CA ILE A 7 16.46 -38.46 -39.13
C ILE A 7 15.85 -37.05 -38.94
N CYS A 8 14.87 -36.95 -38.05
CA CYS A 8 14.17 -35.67 -37.84
C CYS A 8 14.06 -35.27 -36.35
N ILE A 9 13.99 -33.96 -36.10
CA ILE A 9 13.86 -33.40 -34.74
C ILE A 9 12.47 -32.80 -34.56
N GLY A 10 11.83 -33.08 -33.43
CA GLY A 10 10.49 -32.57 -33.17
C GLY A 10 10.09 -32.57 -31.71
N TYR A 11 8.84 -32.19 -31.45
CA TYR A 11 8.40 -32.02 -30.07
C TYR A 11 7.06 -32.70 -29.80
N HIS A 12 6.73 -32.79 -28.51
CA HIS A 12 5.52 -33.47 -28.06
C HIS A 12 4.26 -32.70 -28.42
N ALA A 13 3.21 -33.43 -28.75
CA ALA A 13 1.88 -32.85 -28.88
C ALA A 13 0.95 -33.87 -28.25
N ASN A 14 -0.24 -33.43 -27.87
CA ASN A 14 -1.24 -34.31 -27.25
C ASN A 14 -2.63 -33.77 -27.55
N ASN A 15 -3.63 -34.24 -26.80
CA ASN A 15 -5.01 -33.84 -26.99
C ASN A 15 -5.51 -32.83 -25.94
N SER A 16 -4.57 -32.05 -25.39
CA SER A 16 -4.91 -31.07 -24.37
C SER A 16 -5.70 -29.95 -25.03
N THR A 17 -6.52 -29.25 -24.24
CA THR A 17 -7.32 -28.15 -24.77
C THR A 17 -7.23 -26.95 -23.82
N GLU A 18 -6.38 -27.09 -22.80
CA GLU A 18 -6.15 -26.04 -21.80
C GLU A 18 -5.50 -24.77 -22.34
N GLN A 19 -5.92 -23.63 -21.80
CA GLN A 19 -5.45 -22.32 -22.28
C GLN A 19 -4.77 -21.48 -21.19
N VAL A 20 -3.75 -20.72 -21.60
CA VAL A 20 -3.07 -19.78 -20.71
C VAL A 20 -3.08 -18.41 -21.39
N ASP A 21 -2.84 -17.35 -20.63
CA ASP A 21 -2.77 -16.00 -21.22
C ASP A 21 -1.34 -15.48 -21.13
N THR A 22 -1.02 -14.53 -22.01
CA THR A 22 0.27 -13.83 -22.00
C THR A 22 -0.12 -12.36 -22.28
N ILE A 23 0.84 -11.44 -22.23
CA ILE A 23 0.44 -10.05 -22.45
C ILE A 23 0.17 -9.69 -23.93
N MET A 24 0.70 -10.47 -24.87
CA MET A 24 0.52 -10.14 -26.29
C MET A 24 -0.59 -10.96 -26.92
N GLU A 25 -1.02 -12.01 -26.22
CA GLU A 25 -1.93 -12.98 -26.79
C GLU A 25 -2.76 -13.68 -25.69
N LYS A 26 -4.06 -13.79 -25.94
CA LYS A 26 -5.00 -14.36 -24.98
C LYS A 26 -5.41 -15.78 -25.42
N ASN A 27 -5.84 -16.61 -24.49
CA ASN A 27 -6.37 -17.97 -24.75
C ASN A 27 -5.49 -18.91 -25.62
N VAL A 28 -4.23 -19.11 -25.22
CA VAL A 28 -3.28 -19.98 -25.92
C VAL A 28 -3.36 -21.44 -25.45
N THR A 29 -3.63 -22.37 -26.38
CA THR A 29 -3.73 -23.77 -26.02
C THR A 29 -2.36 -24.42 -25.83
N VAL A 30 -2.22 -25.22 -24.79
CA VAL A 30 -0.92 -25.71 -24.31
C VAL A 30 -1.00 -27.21 -23.99
N THR A 31 0.14 -27.91 -24.02
CA THR A 31 0.16 -29.36 -23.78
C THR A 31 -0.02 -29.71 -22.31
N HIS A 32 0.64 -28.93 -21.46
CA HIS A 32 0.56 -29.15 -20.02
C HIS A 32 0.44 -27.80 -19.30
N ALA A 33 -0.48 -27.73 -18.33
CA ALA A 33 -0.67 -26.51 -17.55
C ALA A 33 -0.92 -26.82 -16.09
N GLN A 34 -0.70 -25.83 -15.23
CA GLN A 34 -0.99 -25.99 -13.81
C GLN A 34 -1.83 -24.82 -13.30
N ASP A 35 -3.03 -25.13 -12.83
CA ASP A 35 -3.90 -24.15 -12.16
C ASP A 35 -3.30 -23.88 -10.79
N ILE A 36 -3.25 -22.61 -10.37
CA ILE A 36 -2.66 -22.31 -9.06
C ILE A 36 -3.62 -21.53 -8.14
N LEU A 37 -4.91 -21.54 -8.49
CA LEU A 37 -5.92 -20.79 -7.77
C LEU A 37 -7.07 -21.66 -7.23
N GLU A 38 -7.18 -21.71 -5.90
CA GLU A 38 -8.28 -22.43 -5.26
C GLU A 38 -9.53 -21.58 -5.31
N LYS A 39 -10.63 -22.14 -5.81
CA LYS A 39 -11.83 -21.37 -6.02
C LYS A 39 -13.00 -22.01 -5.31
N THR A 40 -12.74 -23.03 -4.50
CA THR A 40 -13.86 -23.71 -3.83
C THR A 40 -13.64 -23.79 -2.31
N HIS A 41 -14.74 -23.71 -1.59
CA HIS A 41 -14.77 -23.80 -0.14
C HIS A 41 -15.93 -24.74 0.24
N ASN A 42 -16.00 -25.23 1.47
CA ASN A 42 -17.03 -26.20 1.82
C ASN A 42 -18.34 -25.60 2.37
N GLY A 43 -18.39 -24.26 2.44
CA GLY A 43 -19.59 -23.56 2.87
C GLY A 43 -19.93 -23.71 4.34
N LYS A 44 -18.96 -24.11 5.17
CA LYS A 44 -19.19 -24.39 6.60
C LYS A 44 -18.28 -23.64 7.59
N LEU A 45 -18.70 -23.62 8.86
CA LEU A 45 -17.83 -23.13 9.95
C LEU A 45 -17.23 -24.30 10.75
N CYS A 46 -15.90 -24.45 10.74
CA CYS A 46 -15.26 -25.62 11.36
C CYS A 46 -14.30 -25.35 12.51
N ASN A 47 -13.83 -26.45 13.09
CA ASN A 47 -12.73 -26.41 14.05
C ASN A 47 -11.48 -26.00 13.32
N LEU A 48 -10.66 -25.25 14.04
CA LEU A 48 -9.35 -24.86 13.56
C LEU A 48 -8.35 -25.70 14.33
N ASP A 49 -7.63 -26.54 13.59
CA ASP A 49 -6.90 -27.69 14.15
C ASP A 49 -7.85 -28.52 14.99
N GLY A 50 -7.56 -28.73 16.24
CA GLY A 50 -8.55 -29.52 16.97
C GLY A 50 -9.65 -28.66 17.58
N VAL A 51 -9.50 -27.34 17.54
CA VAL A 51 -10.22 -26.46 18.47
C VAL A 51 -11.49 -25.82 17.94
N LYS A 52 -12.57 -25.97 18.69
CA LYS A 52 -13.87 -25.46 18.26
C LYS A 52 -14.02 -23.95 18.41
N PRO A 53 -14.68 -23.29 17.45
CA PRO A 53 -14.94 -21.85 17.61
C PRO A 53 -16.05 -21.58 18.65
N LEU A 54 -16.08 -20.36 19.18
CA LEU A 54 -17.21 -19.85 19.95
C LEU A 54 -18.25 -19.30 18.96
N ILE A 55 -19.35 -20.04 18.78
CA ILE A 55 -20.41 -19.62 17.86
C ILE A 55 -21.56 -19.05 18.70
N LEU A 56 -21.67 -17.73 18.73
CA LEU A 56 -22.80 -17.02 19.35
C LEU A 56 -23.98 -17.26 18.43
N ARG A 57 -25.22 -17.15 18.87
CA ARG A 57 -26.23 -17.38 17.83
C ARG A 57 -26.77 -16.09 17.34
N ASP A 58 -27.80 -15.66 18.05
CA ASP A 58 -28.44 -14.40 17.84
C ASP A 58 -28.02 -13.47 18.98
N CYS A 59 -26.87 -13.80 19.59
CA CYS A 59 -26.34 -12.99 20.69
C CYS A 59 -25.14 -12.15 20.20
N SER A 60 -25.06 -10.92 20.71
CA SER A 60 -23.93 -10.06 20.40
C SER A 60 -22.85 -10.23 21.46
N VAL A 61 -21.67 -9.66 21.20
CA VAL A 61 -20.60 -9.75 22.19
C VAL A 61 -21.11 -9.12 23.49
N ALA A 62 -21.77 -7.99 23.38
CA ALA A 62 -22.30 -7.32 24.58
C ALA A 62 -23.28 -8.18 25.29
N GLY A 63 -24.15 -8.85 24.52
CA GLY A 63 -25.17 -9.70 25.12
C GLY A 63 -24.53 -10.80 25.95
N TRP A 64 -23.53 -11.47 25.37
CA TRP A 64 -22.84 -12.54 26.07
C TRP A 64 -22.17 -12.10 27.38
N LEU A 65 -21.29 -11.08 27.31
CA LEU A 65 -20.43 -10.74 28.45
C LEU A 65 -21.24 -10.22 29.63
N LEU A 66 -22.26 -9.41 29.34
CA LEU A 66 -23.14 -8.85 30.37
C LEU A 66 -24.13 -9.89 30.88
N GLY A 67 -24.45 -10.83 30.01
CA GLY A 67 -25.37 -11.90 30.36
C GLY A 67 -26.82 -11.54 30.12
N ASN A 68 -27.14 -11.09 28.90
CA ASN A 68 -28.52 -11.02 28.45
C ASN A 68 -29.17 -12.40 28.76
N PRO A 69 -30.37 -12.40 29.41
CA PRO A 69 -31.02 -13.65 29.86
C PRO A 69 -31.34 -14.64 28.72
N MET A 70 -31.38 -14.13 27.50
CA MET A 70 -31.66 -14.95 26.33
C MET A 70 -30.36 -15.55 25.80
N CYS A 71 -29.26 -15.35 26.53
CA CYS A 71 -27.96 -15.83 26.04
C CYS A 71 -27.29 -16.82 26.99
N ASP A 72 -28.10 -17.55 27.76
CA ASP A 72 -27.61 -18.44 28.82
C ASP A 72 -26.75 -19.62 28.34
N GLU A 73 -26.74 -19.87 27.03
CA GLU A 73 -25.89 -20.92 26.44
C GLU A 73 -24.40 -20.65 26.68
N PHE A 74 -24.05 -19.38 26.81
CA PHE A 74 -22.65 -19.00 26.87
C PHE A 74 -22.22 -18.56 28.28
N LEU A 75 -22.94 -19.02 29.31
CA LEU A 75 -22.63 -18.62 30.69
C LEU A 75 -21.22 -19.06 31.14
N ASN A 76 -20.73 -20.17 30.56
CA ASN A 76 -19.39 -20.68 30.85
C ASN A 76 -18.79 -21.39 29.63
N VAL A 77 -18.07 -20.67 28.78
CA VAL A 77 -17.61 -21.29 27.56
C VAL A 77 -16.20 -21.86 27.67
N PRO A 78 -15.94 -22.93 26.94
CA PRO A 78 -14.57 -23.42 26.93
C PRO A 78 -13.68 -22.64 25.99
N GLU A 79 -12.39 -22.93 26.04
CA GLU A 79 -11.39 -22.36 25.15
C GLU A 79 -11.86 -22.46 23.73
N TRP A 80 -11.65 -21.39 22.96
CA TRP A 80 -12.08 -21.30 21.58
C TRP A 80 -10.89 -20.99 20.70
N SER A 81 -11.10 -21.10 19.41
CA SER A 81 -10.08 -20.85 18.42
C SER A 81 -10.26 -19.52 17.70
N TYR A 82 -11.53 -19.15 17.47
CA TYR A 82 -11.95 -17.88 16.91
C TYR A 82 -13.45 -17.66 17.28
N ILE A 83 -14.01 -16.49 17.00
CA ILE A 83 -15.39 -16.17 17.41
C ILE A 83 -16.29 -15.82 16.20
N VAL A 84 -17.55 -16.26 16.18
CA VAL A 84 -18.46 -15.94 15.07
C VAL A 84 -19.67 -15.13 15.57
N GLU A 85 -20.01 -14.03 14.91
CA GLU A 85 -21.08 -13.13 15.33
C GLU A 85 -21.91 -12.74 14.10
N LYS A 86 -23.22 -12.60 14.22
CA LYS A 86 -24.05 -12.21 13.08
C LYS A 86 -23.94 -10.72 12.81
N ILE A 87 -24.43 -10.28 11.66
CA ILE A 87 -24.32 -8.88 11.25
C ILE A 87 -25.08 -7.97 12.21
N ASN A 88 -26.31 -8.36 12.51
CA ASN A 88 -27.21 -7.62 13.40
C ASN A 88 -27.84 -8.50 14.45
N PRO A 89 -27.06 -8.92 15.46
CA PRO A 89 -27.57 -9.87 16.45
C PRO A 89 -28.82 -9.34 17.09
N ALA A 90 -29.71 -10.26 17.47
CA ALA A 90 -31.01 -9.86 17.98
C ALA A 90 -30.95 -9.63 19.49
N ASN A 91 -30.14 -10.43 20.15
CA ASN A 91 -29.97 -10.35 21.60
C ASN A 91 -28.69 -9.59 21.95
N ASP A 92 -28.87 -8.27 22.16
CA ASP A 92 -27.80 -7.29 22.39
C ASP A 92 -28.03 -6.63 23.79
N LEU A 93 -28.14 -5.30 23.84
CA LEU A 93 -28.56 -4.65 25.09
C LEU A 93 -30.10 -4.69 25.19
N CYS A 94 -30.62 -5.56 26.05
CA CYS A 94 -32.06 -5.78 26.13
C CYS A 94 -32.77 -4.53 26.72
N TYR A 95 -32.18 -3.92 27.75
CA TYR A 95 -32.57 -2.57 28.22
C TYR A 95 -31.82 -1.51 27.39
N PRO A 96 -32.54 -0.54 26.81
CA PRO A 96 -31.92 0.45 25.89
C PRO A 96 -30.82 1.31 26.55
N GLY A 97 -29.83 1.71 25.75
CA GLY A 97 -28.72 2.52 26.21
C GLY A 97 -27.49 2.36 25.33
N ASN A 98 -26.30 2.46 25.91
CA ASN A 98 -25.06 2.36 25.14
C ASN A 98 -23.93 1.72 25.94
N PHE A 99 -22.92 1.26 25.20
CA PHE A 99 -21.78 0.52 25.77
C PHE A 99 -20.51 1.31 25.53
N ASN A 100 -20.02 1.99 26.55
CA ASN A 100 -18.87 2.86 26.38
C ASN A 100 -17.59 2.17 25.88
N ASP A 101 -16.95 2.75 24.88
CA ASP A 101 -15.73 2.17 24.28
C ASP A 101 -15.90 0.70 23.79
N TYR A 102 -17.07 0.40 23.22
CA TYR A 102 -17.40 -0.94 22.74
C TYR A 102 -16.43 -1.48 21.69
N GLU A 103 -16.02 -0.63 20.75
CA GLU A 103 -15.19 -1.11 19.67
C GLU A 103 -13.78 -1.47 20.21
N GLU A 104 -13.26 -0.72 21.20
CA GLU A 104 -11.97 -1.08 21.81
C GLU A 104 -12.05 -2.43 22.64
N LEU A 105 -13.16 -2.67 23.33
CA LEU A 105 -13.33 -3.96 24.00
C LEU A 105 -13.32 -5.11 22.98
N LYS A 106 -13.95 -4.87 21.83
CA LYS A 106 -14.02 -5.92 20.82
C LYS A 106 -12.64 -6.29 20.28
N HIS A 107 -11.79 -5.29 20.12
CA HIS A 107 -10.46 -5.48 19.59
C HIS A 107 -9.65 -6.26 20.61
N LEU A 108 -9.81 -5.92 21.89
CA LEU A 108 -9.13 -6.67 22.94
C LEU A 108 -9.53 -8.13 22.94
N LEU A 109 -10.82 -8.37 22.69
CA LEU A 109 -11.37 -9.72 22.74
C LEU A 109 -10.81 -10.62 21.67
N SER A 110 -10.34 -10.04 20.58
CA SER A 110 -9.82 -10.81 19.48
C SER A 110 -8.32 -11.14 19.67
N ARG A 111 -7.81 -10.90 20.87
CA ARG A 111 -6.44 -11.28 21.28
C ARG A 111 -6.49 -12.30 22.42
N ILE A 112 -7.67 -12.84 22.68
CA ILE A 112 -7.94 -13.74 23.80
C ILE A 112 -8.54 -15.08 23.33
N ASN A 113 -8.08 -16.19 23.91
CA ASN A 113 -8.60 -17.53 23.58
C ASN A 113 -9.38 -18.13 24.75
N HIS A 114 -9.17 -17.64 25.97
CA HIS A 114 -9.89 -18.29 27.06
C HIS A 114 -10.16 -17.45 28.33
N PHE A 115 -11.45 -17.41 28.70
CA PHE A 115 -11.92 -16.75 29.91
C PHE A 115 -12.24 -17.82 30.96
N GLU A 116 -12.19 -17.47 32.24
CA GLU A 116 -12.79 -18.32 33.25
C GLU A 116 -13.56 -17.48 34.25
N LYS A 117 -14.89 -17.57 34.16
CA LYS A 117 -15.75 -16.68 34.93
C LYS A 117 -15.74 -17.02 36.44
N ILE A 118 -15.69 -15.97 37.26
CA ILE A 118 -15.83 -16.09 38.72
C ILE A 118 -16.77 -15.06 39.33
N GLN A 119 -17.26 -15.37 40.51
CA GLN A 119 -18.12 -14.47 41.24
C GLN A 119 -17.26 -13.62 42.16
N ILE A 120 -17.42 -12.30 42.09
CA ILE A 120 -16.59 -11.40 42.89
C ILE A 120 -17.39 -10.74 44.03
N THR A 121 -18.67 -10.50 43.81
CA THR A 121 -19.53 -10.04 44.90
C THR A 121 -20.85 -10.82 44.82
N PRO A 122 -21.08 -11.74 45.76
CA PRO A 122 -22.29 -12.58 45.81
C PRO A 122 -23.61 -11.76 45.93
N LYS A 123 -24.67 -12.19 45.25
CA LYS A 123 -25.97 -11.50 45.27
C LYS A 123 -26.58 -11.44 46.68
N ASN A 124 -26.10 -12.30 47.58
CA ASN A 124 -26.60 -12.33 48.95
C ASN A 124 -25.74 -11.52 49.91
N SER A 125 -25.04 -10.51 49.39
CA SER A 125 -24.21 -9.62 50.23
C SER A 125 -24.84 -8.23 50.31
N TRP A 126 -25.91 -7.99 49.56
CA TRP A 126 -26.56 -6.69 49.57
C TRP A 126 -27.64 -6.62 50.62
N SER A 127 -27.28 -6.11 51.79
CA SER A 127 -28.14 -6.19 52.97
C SER A 127 -28.89 -4.90 53.33
N ASP A 128 -28.57 -3.79 52.68
CA ASP A 128 -29.30 -2.54 52.93
C ASP A 128 -29.91 -1.96 51.67
N HIS A 129 -29.88 -2.73 50.58
CA HIS A 129 -30.47 -2.30 49.31
C HIS A 129 -31.22 -3.46 48.71
N GLU A 130 -32.10 -3.14 47.76
CA GLU A 130 -32.82 -4.18 47.04
C GLU A 130 -32.06 -4.62 45.78
N ALA A 131 -31.64 -5.88 45.77
CA ALA A 131 -30.85 -6.42 44.68
C ALA A 131 -31.65 -7.43 43.89
N SER A 132 -32.75 -6.96 43.31
CA SER A 132 -33.64 -7.82 42.55
C SER A 132 -34.33 -7.01 41.42
N GLY A 133 -33.65 -5.97 40.95
CA GLY A 133 -34.18 -5.14 39.88
C GLY A 133 -34.42 -5.89 38.58
N VAL A 134 -35.47 -5.51 37.88
CA VAL A 134 -35.93 -6.31 36.77
C VAL A 134 -36.69 -5.43 35.77
N SER A 135 -36.71 -5.86 34.50
CA SER A 135 -37.38 -5.10 33.48
C SER A 135 -38.04 -6.00 32.44
N SER A 136 -39.15 -5.51 31.90
CA SER A 136 -39.90 -6.24 30.90
C SER A 136 -39.18 -6.18 29.55
N ALA A 137 -38.20 -5.29 29.42
CA ALA A 137 -37.42 -5.21 28.18
C ALA A 137 -36.37 -6.30 28.18
N CYS A 138 -36.24 -6.97 29.32
CA CYS A 138 -35.33 -8.11 29.47
C CYS A 138 -36.04 -9.38 29.93
N PRO A 139 -36.82 -10.01 29.05
CA PRO A 139 -37.55 -11.23 29.44
C PRO A 139 -36.70 -12.49 29.43
N TYR A 140 -37.10 -13.47 30.23
CA TYR A 140 -36.44 -14.79 30.24
C TYR A 140 -37.42 -15.89 29.78
N GLN A 141 -38.31 -16.34 30.67
CA GLN A 141 -39.29 -17.36 30.27
C GLN A 141 -40.70 -16.78 30.32
N GLY A 142 -40.92 -15.71 29.55
CA GLY A 142 -42.22 -15.09 29.49
C GLY A 142 -42.39 -14.08 30.61
N ARG A 143 -41.40 -14.01 31.50
CA ARG A 143 -41.46 -13.08 32.62
C ARG A 143 -40.22 -12.16 32.67
N SER A 144 -40.33 -11.06 33.42
CA SER A 144 -39.27 -10.03 33.47
C SER A 144 -38.03 -10.41 34.26
N SER A 145 -36.90 -10.09 33.65
CA SER A 145 -35.61 -10.51 34.19
C SER A 145 -34.61 -9.34 34.02
N PHE A 146 -33.31 -9.63 34.07
CA PHE A 146 -32.28 -8.61 33.91
C PHE A 146 -30.98 -9.35 33.58
N PHE A 147 -29.97 -8.59 33.19
CA PHE A 147 -28.62 -9.13 32.94
C PHE A 147 -28.10 -9.97 34.11
N ARG A 148 -27.44 -11.09 33.82
CA ARG A 148 -27.06 -12.04 34.88
C ARG A 148 -25.72 -11.78 35.55
N ASN A 149 -24.91 -10.93 34.94
CA ASN A 149 -23.58 -10.65 35.45
C ASN A 149 -23.44 -9.28 36.19
N VAL A 150 -24.53 -8.51 36.21
CA VAL A 150 -24.60 -7.26 36.96
C VAL A 150 -25.95 -7.18 37.72
N VAL A 151 -26.03 -6.37 38.78
CA VAL A 151 -27.23 -6.30 39.60
C VAL A 151 -27.84 -4.89 39.69
N TRP A 152 -29.15 -4.77 39.50
CA TRP A 152 -29.87 -3.49 39.62
C TRP A 152 -30.30 -3.21 41.07
N LEU A 153 -29.56 -2.36 41.77
CA LEU A 153 -29.85 -2.02 43.16
C LEU A 153 -30.83 -0.83 43.26
N THR A 154 -31.83 -0.97 44.13
CA THR A 154 -32.84 0.07 44.35
C THR A 154 -33.01 0.33 45.85
N LYS A 155 -33.80 1.34 46.20
CA LYS A 155 -33.97 1.71 47.61
C LYS A 155 -34.65 0.60 48.40
N LYS A 156 -34.27 0.48 49.67
CA LYS A 156 -34.86 -0.48 50.61
C LYS A 156 -35.41 0.28 51.80
N ASP A 157 -36.63 -0.07 52.19
CA ASP A 157 -37.49 0.76 53.04
C ASP A 157 -37.74 2.03 52.26
N ASN A 158 -37.25 3.16 52.74
CA ASN A 158 -37.29 4.37 51.93
C ASN A 158 -35.95 5.05 51.94
N ALA A 159 -34.88 4.27 51.85
CA ALA A 159 -33.55 4.84 51.93
C ALA A 159 -32.55 4.14 50.99
N TYR A 160 -31.56 4.91 50.56
CA TYR A 160 -30.45 4.40 49.77
C TYR A 160 -29.19 4.93 50.43
N PRO A 161 -28.69 4.16 51.40
CA PRO A 161 -27.45 4.51 52.08
C PRO A 161 -26.34 4.59 51.06
N THR A 162 -25.26 5.30 51.34
CA THR A 162 -24.12 5.40 50.42
C THR A 162 -23.39 4.06 50.45
N ILE A 163 -23.10 3.51 49.26
CA ILE A 163 -22.42 2.24 49.07
C ILE A 163 -20.91 2.46 49.00
N LYS A 164 -20.14 1.73 49.80
CA LYS A 164 -18.68 1.70 49.65
C LYS A 164 -18.16 0.28 49.59
N ARG A 165 -17.80 -0.20 48.41
CA ARG A 165 -17.41 -1.59 48.28
C ARG A 165 -16.11 -1.65 47.50
N SER A 166 -15.28 -2.64 47.81
CA SER A 166 -13.98 -2.80 47.12
C SER A 166 -13.67 -4.28 46.87
N TYR A 167 -12.89 -4.58 45.83
CA TYR A 167 -12.50 -5.97 45.51
C TYR A 167 -11.05 -6.06 45.12
N ASN A 168 -10.32 -6.99 45.75
CA ASN A 168 -8.90 -7.21 45.46
C ASN A 168 -8.63 -8.49 44.64
N ASN A 169 -8.01 -8.31 43.48
CA ASN A 169 -7.71 -9.40 42.56
C ASN A 169 -6.54 -10.25 43.00
N THR A 170 -6.85 -11.21 43.87
CA THR A 170 -5.86 -12.12 44.43
C THR A 170 -5.57 -13.28 43.48
N ASN A 171 -6.12 -13.22 42.27
CA ASN A 171 -5.81 -14.22 41.27
C ASN A 171 -4.53 -13.86 40.57
N GLN A 172 -3.91 -14.84 39.93
CA GLN A 172 -2.67 -14.54 39.22
C GLN A 172 -2.94 -13.87 37.87
N GLU A 173 -4.10 -14.14 37.26
CA GLU A 173 -4.40 -13.55 35.95
C GLU A 173 -5.26 -12.26 36.03
N ASP A 174 -5.29 -11.49 34.94
CA ASP A 174 -6.02 -10.21 34.91
C ASP A 174 -7.53 -10.43 34.84
N LEU A 175 -8.29 -9.45 35.32
CA LEU A 175 -9.75 -9.56 35.38
C LEU A 175 -10.47 -8.52 34.52
N LEU A 176 -11.46 -8.95 33.74
CA LEU A 176 -12.36 -8.02 33.06
C LEU A 176 -13.61 -7.72 33.94
N VAL A 177 -13.74 -6.46 34.38
CA VAL A 177 -14.83 -6.06 35.27
C VAL A 177 -15.82 -5.13 34.52
N LEU A 178 -17.13 -5.31 34.73
CA LEU A 178 -18.19 -4.56 34.03
C LEU A 178 -19.18 -3.90 35.00
N TRP A 179 -19.67 -2.70 34.66
CA TRP A 179 -20.70 -2.04 35.48
C TRP A 179 -21.45 -0.98 34.68
N GLY A 180 -22.49 -0.40 35.28
CA GLY A 180 -23.34 0.53 34.56
C GLY A 180 -23.95 1.62 35.42
N ILE A 181 -24.66 2.55 34.77
CA ILE A 181 -25.39 3.64 35.44
C ILE A 181 -26.76 3.82 34.79
N HIS A 182 -27.80 4.05 35.59
CA HIS A 182 -29.14 4.25 35.06
C HIS A 182 -29.56 5.72 34.94
N HIS A 183 -29.97 6.14 33.75
CA HIS A 183 -30.49 7.50 33.51
C HIS A 183 -32.01 7.53 33.46
N PRO A 184 -32.67 8.02 34.51
CA PRO A 184 -34.15 8.07 34.53
C PRO A 184 -34.80 9.14 33.61
N ASN A 185 -36.13 9.15 33.58
CA ASN A 185 -36.89 9.99 32.66
C ASN A 185 -37.36 11.33 33.26
N ASP A 186 -37.60 11.34 34.58
CA ASP A 186 -38.04 12.55 35.27
C ASP A 186 -37.72 12.49 36.79
N ALA A 187 -37.91 13.64 37.45
CA ALA A 187 -37.56 13.78 38.85
C ALA A 187 -38.33 12.83 39.76
N THR A 188 -39.55 12.48 39.34
CA THR A 188 -40.45 11.64 40.13
C THR A 188 -40.01 10.19 40.18
N GLU A 189 -39.67 9.67 39.00
CA GLU A 189 -39.13 8.32 38.84
C GLU A 189 -37.81 8.18 39.59
N GLN A 190 -37.01 9.26 39.61
CA GLN A 190 -35.73 9.26 40.32
C GLN A 190 -35.85 8.99 41.83
N THR A 191 -36.85 9.60 42.46
CA THR A 191 -37.00 9.50 43.91
C THR A 191 -37.68 8.17 44.25
N ARG A 192 -38.47 7.64 43.32
CA ARG A 192 -39.12 6.37 43.61
C ARG A 192 -38.10 5.21 43.62
N LEU A 193 -37.05 5.32 42.83
CA LEU A 193 -36.10 4.21 42.68
C LEU A 193 -34.95 4.24 43.68
N TYR A 194 -34.43 5.45 43.92
CA TYR A 194 -33.18 5.64 44.68
C TYR A 194 -33.29 6.64 45.86
N GLN A 195 -34.48 7.24 45.99
CA GLN A 195 -34.85 8.19 47.08
C GLN A 195 -34.20 9.58 46.97
N ASN A 196 -32.87 9.62 46.89
CA ASN A 196 -32.11 10.86 46.73
C ASN A 196 -32.20 11.47 45.32
N PRO A 197 -32.39 12.79 45.24
CA PRO A 197 -32.56 13.50 43.96
C PRO A 197 -31.24 13.78 43.20
N THR A 198 -30.13 13.91 43.92
CA THR A 198 -28.84 14.24 43.31
C THR A 198 -27.74 13.19 43.63
N THR A 199 -27.40 12.41 42.62
CA THR A 199 -26.57 11.22 42.81
C THR A 199 -25.31 11.19 41.93
N TYR A 200 -24.46 10.20 42.23
CA TYR A 200 -23.18 10.01 41.57
C TYR A 200 -22.69 8.55 41.69
N ILE A 201 -21.74 8.19 40.83
CA ILE A 201 -20.98 6.95 40.96
C ILE A 201 -19.47 7.24 40.78
N SER A 202 -18.68 6.78 41.75
CA SER A 202 -17.24 6.92 41.67
C SER A 202 -16.57 5.56 41.51
N VAL A 203 -15.59 5.47 40.60
CA VAL A 203 -14.85 4.22 40.47
C VAL A 203 -13.36 4.47 40.39
N GLY A 204 -12.59 3.78 41.23
CA GLY A 204 -11.16 3.95 41.27
C GLY A 204 -10.30 2.68 41.26
N THR A 205 -9.12 2.84 40.67
CA THR A 205 -8.18 1.76 40.42
C THR A 205 -6.79 2.42 40.49
N SER A 206 -5.71 1.66 40.30
CA SER A 206 -4.39 2.27 40.16
C SER A 206 -4.29 3.21 38.97
N THR A 207 -5.10 2.99 37.93
CA THR A 207 -5.07 3.90 36.78
C THR A 207 -6.42 4.56 36.46
N LEU A 208 -7.55 4.02 36.94
CA LEU A 208 -8.89 4.55 36.57
C LEU A 208 -9.37 5.55 37.63
N ASN A 209 -9.90 6.70 37.21
CA ASN A 209 -10.43 7.74 38.13
C ASN A 209 -11.71 8.38 37.56
N GLN A 210 -12.84 7.71 37.78
CA GLN A 210 -14.08 8.02 37.06
C GLN A 210 -15.16 8.61 38.00
N LYS A 211 -15.96 9.55 37.49
CA LYS A 211 -17.14 10.11 38.20
C LYS A 211 -18.34 10.28 37.27
N LEU A 212 -19.43 9.60 37.62
CA LEU A 212 -20.64 9.62 36.81
C LEU A 212 -21.83 10.29 37.56
N VAL A 213 -22.63 11.04 36.80
CA VAL A 213 -23.82 11.72 37.32
C VAL A 213 -24.95 11.50 36.31
N PRO A 214 -26.14 11.12 36.79
CA PRO A 214 -27.27 10.81 35.90
C PRO A 214 -27.77 12.00 35.13
N LYS A 215 -28.29 11.74 33.94
CA LYS A 215 -28.93 12.76 33.11
C LYS A 215 -30.45 12.53 33.14
N ILE A 216 -31.15 13.37 33.89
CA ILE A 216 -32.58 13.23 34.01
C ILE A 216 -33.29 14.14 33.03
N ALA A 217 -34.02 13.55 32.08
CA ALA A 217 -34.66 14.31 31.00
C ALA A 217 -35.61 13.44 30.18
N THR A 218 -36.33 14.04 29.23
CA THR A 218 -37.33 13.28 28.46
C THR A 218 -36.84 13.01 27.03
N ARG A 219 -36.90 11.72 26.65
CA ARG A 219 -36.43 11.25 25.36
C ARG A 219 -37.45 10.33 24.69
N SER A 220 -37.22 10.10 23.40
CA SER A 220 -38.06 9.21 22.62
C SER A 220 -38.14 7.82 23.27
N LYS A 221 -39.20 7.08 22.96
CA LYS A 221 -39.42 5.75 23.55
C LYS A 221 -38.67 4.72 22.73
N VAL A 222 -37.96 3.82 23.40
CA VAL A 222 -37.33 2.71 22.72
C VAL A 222 -37.75 1.44 23.46
N LYS A 223 -38.42 0.52 22.75
CA LYS A 223 -39.07 -0.66 23.37
C LYS A 223 -39.94 -0.26 24.55
N GLY A 224 -40.62 0.87 24.42
CA GLY A 224 -41.54 1.31 25.45
C GLY A 224 -40.91 2.05 26.61
N LEU A 225 -39.59 2.26 26.55
CA LEU A 225 -38.89 2.90 27.65
C LEU A 225 -38.27 4.25 27.30
N SER A 226 -38.25 5.15 28.25
CA SER A 226 -37.65 6.46 28.02
C SER A 226 -36.38 6.59 28.86
N GLY A 227 -36.12 5.58 29.69
CA GLY A 227 -34.91 5.49 30.48
C GLY A 227 -33.76 4.90 29.65
N ARG A 228 -32.53 5.03 30.13
CA ARG A 228 -31.37 4.51 29.41
C ARG A 228 -30.42 3.84 30.37
N MET A 229 -29.65 2.88 29.88
CA MET A 229 -28.57 2.30 30.68
C MET A 229 -27.25 2.43 29.95
N GLU A 230 -26.23 2.91 30.66
CA GLU A 230 -24.94 3.15 30.06
C GLU A 230 -23.86 2.31 30.72
N PHE A 231 -23.15 1.49 29.94
CA PHE A 231 -22.19 0.54 30.53
C PHE A 231 -20.71 0.85 30.31
N PHE A 232 -19.90 0.36 31.24
CA PHE A 232 -18.46 0.64 31.27
C PHE A 232 -17.68 -0.64 31.59
N TRP A 233 -16.38 -0.64 31.30
CA TRP A 233 -15.48 -1.77 31.55
C TRP A 233 -14.06 -1.30 31.84
N THR A 234 -13.29 -2.13 32.53
CA THR A 234 -11.89 -1.89 32.80
C THR A 234 -11.20 -3.26 32.94
N ILE A 235 -9.89 -3.26 32.79
CA ILE A 235 -9.06 -4.43 33.05
C ILE A 235 -8.34 -4.18 34.36
N LEU A 236 -8.67 -4.99 35.38
CA LEU A 236 -8.05 -4.91 36.70
C LEU A 236 -6.86 -5.88 36.82
N LYS A 237 -5.66 -5.33 36.80
CA LYS A 237 -4.43 -6.13 36.91
C LYS A 237 -4.28 -6.91 38.21
N SER A 238 -3.58 -8.02 38.15
CA SER A 238 -3.34 -8.87 39.32
C SER A 238 -2.71 -8.11 40.48
N ASN A 239 -3.33 -8.29 41.64
CA ASN A 239 -2.96 -7.68 42.91
C ASN A 239 -3.36 -6.18 43.03
N ASP A 240 -4.18 -5.68 42.11
CA ASP A 240 -4.73 -4.32 42.22
C ASP A 240 -6.13 -4.45 42.81
N ALA A 241 -6.74 -3.32 43.15
CA ALA A 241 -8.06 -3.30 43.76
C ALA A 241 -8.93 -2.26 43.05
N ILE A 242 -10.24 -2.50 43.05
CA ILE A 242 -11.18 -1.57 42.44
C ILE A 242 -12.12 -1.08 43.54
N ASN A 243 -12.46 0.21 43.50
CA ASN A 243 -13.29 0.84 44.51
C ASN A 243 -14.54 1.51 43.99
N PHE A 244 -15.68 1.09 44.53
CA PHE A 244 -16.95 1.64 44.15
C PHE A 244 -17.58 2.46 45.29
N GLU A 245 -18.12 3.64 44.95
CA GLU A 245 -18.92 4.40 45.90
C GLU A 245 -20.13 5.03 45.19
N SER A 246 -21.33 4.88 45.74
CA SER A 246 -22.51 5.38 45.08
C SER A 246 -23.68 5.61 46.04
N ASN A 247 -24.44 6.67 45.80
CA ASN A 247 -25.69 6.88 46.51
C ASN A 247 -26.90 6.83 45.57
N GLY A 248 -26.79 6.09 44.46
CA GLY A 248 -27.95 5.84 43.59
C GLY A 248 -27.63 5.67 42.12
N ASN A 249 -28.52 4.98 41.39
CA ASN A 249 -28.43 4.77 39.92
C ASN A 249 -27.30 3.84 39.49
N PHE A 250 -26.84 3.04 40.45
CA PHE A 250 -25.66 2.20 40.30
C PHE A 250 -26.07 0.79 39.87
N ILE A 251 -25.55 0.36 38.72
CA ILE A 251 -25.71 -1.05 38.33
C ILE A 251 -24.41 -1.83 38.63
N ALA A 252 -24.41 -2.58 39.74
CA ALA A 252 -23.20 -3.14 40.34
C ALA A 252 -22.75 -4.48 39.72
N PRO A 253 -21.45 -4.81 39.82
CA PRO A 253 -20.86 -6.09 39.37
C PRO A 253 -21.33 -7.30 40.14
N GLU A 254 -21.62 -8.42 39.48
CA GLU A 254 -21.69 -9.69 40.20
C GLU A 254 -20.62 -10.70 39.75
N ASN A 255 -20.46 -10.90 38.44
CA ASN A 255 -19.46 -11.83 37.88
C ASN A 255 -18.39 -11.11 37.04
N ALA A 256 -17.18 -11.66 36.97
CA ALA A 256 -16.14 -11.09 36.10
C ALA A 256 -15.29 -12.19 35.40
N TYR A 257 -14.39 -11.83 34.47
CA TYR A 257 -13.68 -12.86 33.70
C TYR A 257 -12.14 -12.92 33.88
N LYS A 258 -11.61 -14.10 34.20
CA LYS A 258 -10.15 -14.24 34.30
C LYS A 258 -9.57 -14.55 32.93
N ILE A 259 -8.58 -13.75 32.53
CA ILE A 259 -7.94 -13.94 31.25
C ILE A 259 -6.88 -15.01 31.39
N VAL A 260 -7.18 -16.18 30.84
CA VAL A 260 -6.42 -17.40 31.07
C VAL A 260 -5.42 -17.67 29.96
N LYS A 261 -5.81 -17.36 28.73
CA LYS A 261 -4.93 -17.58 27.58
C LYS A 261 -5.04 -16.52 26.50
N LYS A 262 -3.91 -15.98 26.05
CA LYS A 262 -3.95 -15.09 24.89
C LYS A 262 -3.37 -15.75 23.64
N GLY A 263 -3.79 -15.28 22.47
CA GLY A 263 -3.29 -15.79 21.20
C GLY A 263 -3.92 -15.14 19.96
N ASP A 264 -3.76 -15.78 18.81
CA ASP A 264 -4.36 -15.26 17.58
C ASP A 264 -5.77 -15.75 17.48
N SER A 265 -6.66 -14.79 17.27
CA SER A 265 -8.07 -15.09 17.20
C SER A 265 -8.62 -13.95 16.38
N THR A 266 -9.91 -13.96 16.14
CA THR A 266 -10.55 -12.90 15.40
C THR A 266 -12.03 -12.94 15.69
N ILE A 267 -12.76 -11.89 15.32
CA ILE A 267 -14.22 -11.96 15.38
C ILE A 267 -14.79 -11.93 13.94
N MET A 268 -15.40 -13.04 13.53
CA MET A 268 -15.94 -13.17 12.17
C MET A 268 -17.40 -12.76 12.09
N LYS A 269 -17.73 -12.08 11.00
CA LYS A 269 -19.11 -11.69 10.69
C LYS A 269 -19.70 -12.70 9.71
N SER A 270 -20.67 -13.51 10.14
CA SER A 270 -21.17 -14.57 9.31
C SER A 270 -22.56 -15.03 9.73
N GLU A 271 -23.33 -15.55 8.78
CA GLU A 271 -24.69 -16.00 9.08
C GLU A 271 -24.75 -17.51 9.29
N LEU A 272 -23.64 -18.19 9.02
CA LEU A 272 -23.55 -19.65 9.13
C LEU A 272 -23.58 -20.14 10.58
N GLU A 273 -23.63 -21.46 10.74
CA GLU A 273 -23.57 -22.15 12.03
C GLU A 273 -22.56 -23.29 11.96
N TYR A 274 -22.32 -23.94 13.11
CA TYR A 274 -21.34 -25.03 13.20
C TYR A 274 -21.60 -26.11 12.16
N GLY A 275 -20.54 -26.77 11.70
CA GLY A 275 -20.66 -27.74 10.60
C GLY A 275 -20.07 -29.10 10.92
N ASP A 276 -19.72 -29.30 12.20
CA ASP A 276 -19.17 -30.55 12.75
C ASP A 276 -18.00 -31.12 11.92
N CYS A 277 -17.13 -30.22 11.46
CA CYS A 277 -15.99 -30.60 10.63
C CYS A 277 -14.66 -30.03 11.19
N ASN A 278 -13.56 -30.27 10.48
CA ASN A 278 -12.29 -29.75 10.92
C ASN A 278 -11.46 -29.23 9.76
N THR A 279 -10.71 -28.14 9.98
CA THR A 279 -9.91 -27.45 8.96
C THR A 279 -8.69 -26.68 9.52
N LYS A 280 -7.85 -26.19 8.60
CA LYS A 280 -6.67 -25.38 8.93
C LYS A 280 -6.76 -23.99 8.30
N CYS A 281 -7.89 -23.73 7.64
CA CYS A 281 -8.15 -22.44 7.03
C CYS A 281 -9.66 -22.15 6.99
N GLN A 282 -10.07 -21.08 7.65
CA GLN A 282 -11.48 -20.71 7.79
C GLN A 282 -11.72 -19.28 7.26
N THR A 283 -12.82 -19.11 6.51
CA THR A 283 -13.30 -17.81 5.98
C THR A 283 -14.77 -17.67 6.42
N PRO A 284 -15.34 -16.44 6.38
CA PRO A 284 -16.72 -16.21 6.85
C PRO A 284 -17.83 -16.96 6.08
N ILE A 285 -17.50 -17.47 4.90
CA ILE A 285 -18.49 -18.17 4.08
C ILE A 285 -18.15 -19.65 3.84
N GLY A 286 -17.06 -20.13 4.44
CA GLY A 286 -16.70 -21.52 4.29
C GLY A 286 -15.22 -21.83 4.45
N ALA A 287 -14.89 -23.11 4.71
CA ALA A 287 -13.51 -23.48 4.95
C ALA A 287 -12.82 -24.02 3.70
N ILE A 288 -11.50 -24.05 3.77
CA ILE A 288 -10.58 -24.37 2.67
C ILE A 288 -9.60 -25.51 3.03
N ASN A 289 -9.54 -26.54 2.20
CA ASN A 289 -8.53 -27.59 2.31
C ASN A 289 -7.85 -27.68 0.94
N SER A 290 -6.70 -27.03 0.82
CA SER A 290 -6.10 -26.88 -0.49
C SER A 290 -4.61 -26.81 -0.35
N SER A 291 -3.92 -26.94 -1.47
CA SER A 291 -2.46 -26.85 -1.52
C SER A 291 -2.07 -25.75 -2.51
N MET A 292 -3.07 -25.12 -3.12
CA MET A 292 -2.82 -24.01 -4.03
C MET A 292 -2.15 -22.80 -3.36
N PRO A 293 -1.33 -22.08 -4.13
CA PRO A 293 -0.69 -20.94 -3.47
C PRO A 293 -1.60 -19.71 -3.34
N PHE A 294 -2.70 -19.69 -4.07
CA PHE A 294 -3.63 -18.55 -4.08
C PHE A 294 -5.04 -18.98 -3.88
N HIS A 295 -5.89 -18.08 -3.40
CA HIS A 295 -7.30 -18.37 -3.36
C HIS A 295 -8.06 -17.08 -3.61
N ASN A 296 -9.36 -17.17 -3.91
CA ASN A 296 -10.12 -15.96 -4.21
C ASN A 296 -11.50 -15.96 -3.55
N ILE A 297 -11.64 -16.67 -2.44
CA ILE A 297 -12.95 -16.83 -1.78
C ILE A 297 -13.42 -15.63 -0.94
N HIS A 298 -12.55 -15.09 -0.09
CA HIS A 298 -12.87 -13.97 0.81
C HIS A 298 -11.58 -13.45 1.38
N PRO A 299 -11.46 -12.12 1.58
CA PRO A 299 -10.24 -11.51 2.16
C PRO A 299 -10.13 -11.64 3.69
N LEU A 300 -11.20 -11.91 4.43
CA LEU A 300 -11.04 -12.01 5.87
C LEU A 300 -10.91 -13.47 6.36
N THR A 301 -9.68 -13.98 6.48
CA THR A 301 -9.45 -15.41 6.83
C THR A 301 -8.68 -15.61 8.15
N ILE A 302 -8.65 -16.83 8.68
CA ILE A 302 -7.81 -17.17 9.84
C ILE A 302 -7.29 -18.60 9.70
N GLY A 303 -6.06 -18.83 10.17
CA GLY A 303 -5.41 -20.12 10.07
C GLY A 303 -4.31 -20.09 9.04
N GLU A 304 -3.87 -21.27 8.62
CA GLU A 304 -2.79 -21.39 7.66
C GLU A 304 -3.34 -21.45 6.24
N CYS A 305 -3.39 -20.30 5.57
CA CYS A 305 -4.14 -20.15 4.31
C CYS A 305 -3.30 -19.74 3.10
N PRO A 306 -3.85 -20.00 1.90
CA PRO A 306 -3.33 -19.44 0.65
C PRO A 306 -3.46 -17.91 0.62
N LYS A 307 -2.87 -17.23 -0.36
CA LYS A 307 -2.96 -15.77 -0.45
C LYS A 307 -4.12 -15.29 -1.27
N TYR A 308 -4.77 -14.22 -0.83
CA TYR A 308 -5.98 -13.72 -1.48
C TYR A 308 -5.67 -12.76 -2.65
N VAL A 309 -6.40 -12.95 -3.74
CA VAL A 309 -6.36 -12.07 -4.91
C VAL A 309 -7.79 -11.96 -5.43
N LYS A 310 -8.09 -10.91 -6.20
CA LYS A 310 -9.42 -10.71 -6.78
C LYS A 310 -9.56 -11.29 -8.20
N SER A 311 -8.77 -12.29 -8.56
CA SER A 311 -8.75 -12.83 -9.92
C SER A 311 -9.83 -13.88 -10.13
N ASN A 312 -10.33 -13.95 -11.35
CA ASN A 312 -11.25 -15.01 -11.74
C ASN A 312 -10.55 -16.25 -12.24
N ARG A 313 -9.32 -16.07 -12.73
CA ARG A 313 -8.51 -17.14 -13.29
C ARG A 313 -7.03 -16.90 -13.05
N LEU A 314 -6.31 -17.96 -12.72
CA LEU A 314 -4.86 -17.87 -12.65
C LEU A 314 -4.28 -19.24 -12.98
N VAL A 315 -3.93 -19.44 -14.25
CA VAL A 315 -3.41 -20.72 -14.68
C VAL A 315 -2.06 -20.51 -15.37
N LEU A 316 -1.11 -21.35 -14.99
CA LEU A 316 0.29 -21.25 -15.40
C LEU A 316 0.62 -22.25 -16.53
N ALA A 317 1.32 -21.79 -17.57
CA ALA A 317 1.80 -22.70 -18.62
C ALA A 317 2.98 -23.49 -18.09
N THR A 318 2.92 -24.81 -18.17
CA THR A 318 4.04 -25.65 -17.72
C THR A 318 4.66 -26.42 -18.90
N GLY A 319 3.82 -26.81 -19.85
CA GLY A 319 4.24 -27.52 -21.05
C GLY A 319 4.49 -26.57 -22.20
N LEU A 320 4.31 -27.04 -23.43
CA LEU A 320 4.54 -26.18 -24.58
C LEU A 320 3.27 -25.95 -25.42
N ARG A 321 3.40 -25.09 -26.43
CA ARG A 321 2.26 -24.72 -27.25
C ARG A 321 1.74 -25.93 -28.01
N ASN A 322 0.42 -26.12 -28.00
CA ASN A 322 -0.14 -27.31 -28.63
C ASN A 322 -0.69 -27.07 -30.04
N SER A 323 -0.30 -27.98 -30.94
CA SER A 323 -0.66 -27.94 -32.35
C SER A 323 -2.15 -28.20 -32.51
N PRO A 324 -2.83 -27.37 -33.32
CA PRO A 324 -4.28 -27.49 -33.55
C PRO A 324 -4.73 -28.86 -34.07
N GLY B 1 6.44 -15.40 -33.43
CA GLY B 1 7.11 -15.55 -32.14
C GLY B 1 8.59 -15.20 -32.13
N LEU B 2 9.25 -15.44 -30.99
CA LEU B 2 10.66 -15.02 -30.82
C LEU B 2 11.67 -16.02 -31.34
N PHE B 3 11.22 -16.98 -32.13
CA PHE B 3 12.02 -18.18 -32.21
C PHE B 3 12.26 -18.89 -33.55
N GLY B 4 11.21 -18.99 -34.35
CA GLY B 4 11.24 -19.56 -35.68
C GLY B 4 11.12 -21.07 -35.72
N ALA B 5 11.23 -21.73 -34.56
CA ALA B 5 11.22 -23.21 -34.51
C ALA B 5 9.81 -23.80 -34.36
N ILE B 6 9.25 -23.77 -33.15
CA ILE B 6 7.88 -24.25 -32.91
C ILE B 6 6.89 -23.41 -33.72
N ALA B 7 5.98 -24.07 -34.44
CA ALA B 7 5.06 -23.37 -35.35
C ALA B 7 5.84 -22.49 -36.32
N GLY B 8 7.06 -22.93 -36.67
CA GLY B 8 7.96 -22.20 -37.52
C GLY B 8 8.46 -23.07 -38.66
N PHE B 9 9.77 -23.33 -38.72
CA PHE B 9 10.28 -24.18 -39.79
C PHE B 9 9.85 -25.61 -39.47
N ILE B 10 9.62 -25.89 -38.19
CA ILE B 10 8.88 -27.09 -37.83
C ILE B 10 7.45 -26.70 -37.49
N GLU B 11 6.50 -27.22 -38.26
CA GLU B 11 5.09 -26.93 -38.02
C GLU B 11 4.52 -28.16 -37.34
N GLY B 12 3.79 -27.96 -36.24
CA GLY B 12 3.15 -29.06 -35.55
C GLY B 12 4.08 -30.05 -34.83
N GLY B 13 3.50 -30.72 -33.84
CA GLY B 13 4.21 -31.68 -33.02
C GLY B 13 3.82 -33.11 -33.33
N TRP B 14 4.51 -34.03 -32.69
CA TRP B 14 4.29 -35.45 -32.92
C TRP B 14 3.46 -36.08 -31.80
N GLN B 15 2.21 -36.38 -32.10
CA GLN B 15 1.36 -37.05 -31.13
C GLN B 15 1.89 -38.45 -30.82
N GLY B 16 2.70 -38.98 -31.72
CA GLY B 16 3.21 -40.33 -31.56
C GLY B 16 4.44 -40.38 -30.67
N MET B 17 5.02 -39.22 -30.37
CA MET B 17 6.15 -39.19 -29.47
C MET B 17 5.65 -38.85 -28.08
N VAL B 18 5.58 -39.85 -27.21
CA VAL B 18 4.93 -39.69 -25.91
C VAL B 18 5.86 -40.08 -24.77
N ASP B 19 7.15 -39.81 -24.95
CA ASP B 19 8.11 -40.16 -23.92
C ASP B 19 8.79 -38.90 -23.40
N GLY B 20 8.66 -37.81 -24.14
CA GLY B 20 9.29 -36.59 -23.69
C GLY B 20 8.75 -35.35 -24.38
N TRP B 21 9.50 -34.27 -24.23
CA TRP B 21 9.13 -32.99 -24.79
C TRP B 21 9.89 -32.80 -26.09
N TYR B 22 11.16 -33.22 -26.10
CA TYR B 22 12.00 -33.13 -27.28
C TYR B 22 12.63 -34.49 -27.63
N GLY B 23 12.86 -34.75 -28.92
CA GLY B 23 13.49 -35.99 -29.34
C GLY B 23 13.65 -36.18 -30.85
N TYR B 24 13.72 -37.45 -31.28
CA TYR B 24 14.05 -37.82 -32.66
C TYR B 24 13.06 -38.82 -33.32
N HIS B 25 12.76 -38.60 -34.61
CA HIS B 25 12.08 -39.59 -35.47
C HIS B 25 13.00 -40.02 -36.63
N HIS B 26 13.46 -41.28 -36.63
CA HIS B 26 14.41 -41.73 -37.65
C HIS B 26 13.67 -42.65 -38.61
N SER B 27 14.08 -42.67 -39.87
CA SER B 27 13.42 -43.52 -40.86
C SER B 27 14.45 -44.16 -41.80
N ASN B 28 14.96 -45.33 -41.42
CA ASN B 28 15.89 -46.09 -42.26
C ASN B 28 15.37 -47.51 -42.59
N GLU B 29 16.29 -48.39 -43.01
CA GLU B 29 15.92 -49.76 -43.43
C GLU B 29 15.31 -50.58 -42.29
N GLN B 30 15.89 -50.45 -41.09
CA GLN B 30 15.29 -51.05 -39.90
C GLN B 30 14.08 -50.21 -39.48
N GLY B 31 13.06 -50.16 -40.33
CA GLY B 31 11.81 -49.48 -40.06
C GLY B 31 11.91 -48.04 -39.60
N SER B 32 10.84 -47.58 -38.92
CA SER B 32 10.77 -46.21 -38.41
C SER B 32 10.98 -46.21 -36.89
N GLY B 33 10.67 -45.09 -36.24
CA GLY B 33 10.74 -45.02 -34.79
C GLY B 33 10.96 -43.65 -34.18
N TYR B 34 10.66 -43.56 -32.87
CA TYR B 34 10.84 -42.34 -32.09
C TYR B 34 11.85 -42.53 -30.95
N ALA B 35 12.46 -41.43 -30.50
CA ALA B 35 13.41 -41.48 -29.40
C ALA B 35 13.45 -40.13 -28.71
N ALA B 36 13.34 -40.11 -27.38
CA ALA B 36 13.31 -38.86 -26.64
C ALA B 36 14.70 -38.50 -26.14
N ASP B 37 15.13 -37.26 -26.40
CA ASP B 37 16.40 -36.76 -25.85
C ASP B 37 16.14 -36.38 -24.41
N LYS B 38 16.54 -37.27 -23.51
CA LYS B 38 16.25 -37.12 -22.09
C LYS B 38 16.98 -35.92 -21.49
N GLU B 39 18.26 -35.76 -21.84
CA GLU B 39 19.11 -34.70 -21.29
C GLU B 39 18.51 -33.31 -21.48
N SER B 40 18.03 -33.04 -22.70
CA SER B 40 17.45 -31.74 -22.99
C SER B 40 16.06 -31.65 -22.38
N THR B 41 15.40 -32.81 -22.22
CA THR B 41 14.09 -32.90 -21.56
C THR B 41 14.25 -32.78 -20.05
N GLN B 42 15.35 -33.31 -19.54
CA GLN B 42 15.61 -33.26 -18.10
C GLN B 42 15.93 -31.85 -17.62
N LYS B 43 16.72 -31.13 -18.39
CA LYS B 43 17.02 -29.75 -18.04
C LYS B 43 15.76 -28.91 -18.16
N ALA B 44 14.82 -29.35 -19.00
CA ALA B 44 13.57 -28.62 -19.21
C ALA B 44 12.52 -28.92 -18.14
N ILE B 45 12.39 -30.17 -17.71
CA ILE B 45 11.44 -30.49 -16.63
C ILE B 45 11.96 -29.91 -15.31
N ASP B 46 13.27 -29.96 -15.08
CA ASP B 46 13.87 -29.34 -13.90
C ASP B 46 13.82 -27.80 -13.95
N GLY B 47 13.98 -27.24 -15.15
CA GLY B 47 14.04 -25.79 -15.30
C GLY B 47 12.72 -25.11 -15.00
N VAL B 48 11.64 -25.71 -15.47
CA VAL B 48 10.30 -25.14 -15.31
C VAL B 48 9.77 -25.34 -13.89
N THR B 49 10.14 -26.44 -13.24
CA THR B 49 9.69 -26.75 -11.88
C THR B 49 10.40 -25.86 -10.86
N ASN B 50 11.61 -25.40 -11.19
CA ASN B 50 12.31 -24.41 -10.36
C ASN B 50 11.53 -23.11 -10.38
N LYS B 51 11.03 -22.78 -11.57
CA LYS B 51 10.28 -21.55 -11.80
C LYS B 51 9.01 -21.46 -10.94
N VAL B 52 8.20 -22.51 -10.94
CA VAL B 52 6.91 -22.47 -10.24
C VAL B 52 7.06 -22.43 -8.71
N ASN B 53 8.12 -23.02 -8.19
CA ASN B 53 8.34 -23.00 -6.75
C ASN B 53 8.84 -21.63 -6.26
N SER B 54 9.69 -20.99 -7.07
CA SER B 54 10.21 -19.66 -6.74
C SER B 54 9.11 -18.61 -6.66
N ILE B 55 8.12 -18.73 -7.55
CA ILE B 55 7.02 -17.77 -7.62
C ILE B 55 6.05 -17.94 -6.44
N ILE B 56 5.92 -19.18 -5.98
CA ILE B 56 5.05 -19.50 -4.87
C ILE B 56 5.68 -19.00 -3.57
N ASP B 57 7.00 -19.20 -3.44
CA ASP B 57 7.74 -18.80 -2.24
C ASP B 57 7.93 -17.28 -2.11
N LYS B 58 7.82 -16.55 -3.23
CA LYS B 58 7.93 -15.09 -3.21
C LYS B 58 6.65 -14.42 -2.73
N MET B 59 5.60 -15.24 -2.61
CA MET B 59 4.25 -14.74 -2.31
C MET B 59 3.73 -15.17 -0.94
N ASN B 60 4.55 -15.91 -0.19
CA ASN B 60 4.11 -16.40 1.11
C ASN B 60 3.96 -15.27 2.12
N THR B 61 4.76 -14.21 1.95
CA THR B 61 4.61 -12.98 2.74
C THR B 61 3.92 -11.91 1.91
N GLN B 62 2.62 -11.77 2.13
CA GLN B 62 1.76 -10.90 1.33
C GLN B 62 0.68 -10.39 2.25
N PHE B 63 0.14 -9.21 1.97
CA PHE B 63 -0.78 -8.52 2.88
C PHE B 63 -2.00 -9.34 3.32
N GLU B 64 -2.29 -9.33 4.61
CA GLU B 64 -3.49 -9.97 5.12
C GLU B 64 -4.35 -8.94 5.86
N ALA B 65 -5.62 -8.86 5.47
CA ALA B 65 -6.55 -7.90 6.03
C ALA B 65 -7.24 -8.43 7.29
N VAL B 66 -7.43 -7.57 8.30
CA VAL B 66 -8.20 -7.94 9.49
C VAL B 66 -9.35 -6.94 9.68
N GLY B 67 -10.47 -7.45 10.17
CA GLY B 67 -11.62 -6.61 10.45
C GLY B 67 -11.38 -5.73 11.68
N ARG B 68 -11.79 -4.46 11.54
CA ARG B 68 -11.81 -3.51 12.64
C ARG B 68 -13.14 -2.80 12.57
N GLU B 69 -13.72 -2.44 13.71
CA GLU B 69 -15.06 -1.85 13.72
C GLU B 69 -15.02 -0.40 14.22
N PHE B 70 -15.98 0.42 13.78
CA PHE B 70 -16.00 1.86 14.11
C PHE B 70 -17.41 2.35 14.45
N ASN B 71 -17.56 3.34 15.32
CA ASN B 71 -18.93 3.82 15.62
C ASN B 71 -19.37 4.90 14.61
N ASN B 72 -20.53 5.48 14.84
CA ASN B 72 -21.18 6.37 13.86
C ASN B 72 -20.55 7.74 13.70
N LEU B 73 -19.69 8.14 14.64
CA LEU B 73 -18.95 9.42 14.54
C LEU B 73 -17.46 9.14 14.36
N GLU B 74 -17.15 8.01 13.74
CA GLU B 74 -15.80 7.67 13.30
C GLU B 74 -15.80 7.40 11.79
N ARG B 75 -16.59 8.14 11.03
CA ARG B 75 -16.73 7.86 9.61
C ARG B 75 -15.44 8.07 8.83
N ARG B 76 -14.70 9.11 9.18
CA ARG B 76 -13.44 9.41 8.50
C ARG B 76 -12.37 8.31 8.61
N ILE B 77 -12.10 7.79 9.81
CA ILE B 77 -11.06 6.77 9.94
C ILE B 77 -11.58 5.42 9.49
N GLU B 78 -12.90 5.22 9.54
CA GLU B 78 -13.49 4.02 8.96
C GLU B 78 -13.22 3.98 7.46
N ASN B 79 -13.32 5.15 6.83
CA ASN B 79 -13.06 5.35 5.40
C ASN B 79 -11.54 5.22 5.13
N LEU B 80 -10.70 5.70 6.06
CA LEU B 80 -9.25 5.48 5.98
C LEU B 80 -8.95 3.99 5.94
N ASN B 81 -9.51 3.27 6.91
CA ASN B 81 -9.24 1.85 7.04
C ASN B 81 -9.67 1.05 5.79
N LYS B 82 -10.82 1.38 5.24
CA LYS B 82 -11.34 0.66 4.09
C LYS B 82 -10.50 0.90 2.86
N LYS B 83 -10.10 2.15 2.65
CA LYS B 83 -9.30 2.50 1.49
C LYS B 83 -7.89 1.92 1.56
N MET B 84 -7.35 1.81 2.77
CA MET B 84 -6.01 1.22 2.89
C MET B 84 -6.03 -0.30 2.61
N GLU B 85 -7.03 -0.99 3.13
CA GLU B 85 -7.10 -2.43 2.89
C GLU B 85 -7.42 -2.76 1.43
N ASP B 86 -8.37 -2.04 0.85
CA ASP B 86 -8.65 -2.19 -0.58
C ASP B 86 -7.42 -1.91 -1.42
N GLY B 87 -6.62 -0.95 -0.96
CA GLY B 87 -5.46 -0.53 -1.70
C GLY B 87 -4.43 -1.63 -1.84
N PHE B 88 -4.20 -2.35 -0.75
CA PHE B 88 -3.21 -3.40 -0.78
C PHE B 88 -3.71 -4.60 -1.58
N LEU B 89 -5.02 -4.85 -1.58
CA LEU B 89 -5.56 -6.02 -2.30
C LEU B 89 -5.46 -5.79 -3.81
N ASP B 90 -5.58 -4.54 -4.23
CA ASP B 90 -5.41 -4.18 -5.63
C ASP B 90 -3.92 -4.27 -6.01
N VAL B 91 -3.03 -3.83 -5.12
CA VAL B 91 -1.59 -3.87 -5.42
C VAL B 91 -1.10 -5.32 -5.64
N TRP B 92 -1.49 -6.24 -4.75
CA TRP B 92 -1.06 -7.63 -4.80
C TRP B 92 -1.79 -8.47 -5.87
N THR B 93 -2.98 -8.03 -6.26
CA THR B 93 -3.73 -8.68 -7.33
C THR B 93 -3.08 -8.34 -8.66
N TYR B 94 -2.70 -7.07 -8.81
CA TYR B 94 -1.93 -6.64 -9.97
C TYR B 94 -0.60 -7.40 -10.01
N ASN B 95 0.06 -7.53 -8.87
CA ASN B 95 1.36 -8.18 -8.84
C ASN B 95 1.30 -9.66 -9.27
N ALA B 96 0.20 -10.35 -8.96
CA ALA B 96 0.11 -11.77 -9.30
C ALA B 96 -0.33 -11.98 -10.75
N GLU B 97 -1.24 -11.17 -11.23
CA GLU B 97 -1.76 -11.38 -12.57
C GLU B 97 -0.66 -11.08 -13.59
N LEU B 98 0.02 -9.97 -13.39
CA LEU B 98 1.02 -9.51 -14.31
C LEU B 98 2.22 -10.46 -14.28
N LEU B 99 2.44 -11.10 -13.14
CA LEU B 99 3.56 -12.01 -13.06
C LEU B 99 3.29 -13.30 -13.84
N VAL B 100 2.04 -13.78 -13.82
CA VAL B 100 1.66 -15.00 -14.55
C VAL B 100 1.69 -14.78 -16.08
N LEU B 101 1.24 -13.60 -16.52
CA LEU B 101 1.33 -13.20 -17.92
C LEU B 101 2.77 -13.11 -18.41
N MET B 102 3.65 -12.57 -17.58
CA MET B 102 5.03 -12.39 -18.00
C MET B 102 5.77 -13.72 -18.10
N GLU B 103 5.56 -14.60 -17.13
CA GLU B 103 6.31 -15.86 -17.11
C GLU B 103 5.69 -16.94 -18.02
N ASN B 104 4.42 -16.76 -18.38
CA ASN B 104 3.81 -17.59 -19.42
C ASN B 104 4.53 -17.29 -20.76
N GLU B 105 4.73 -16.01 -21.05
CA GLU B 105 5.42 -15.55 -22.26
C GLU B 105 6.83 -16.16 -22.37
N ARG B 106 7.53 -16.29 -21.26
CA ARG B 106 8.89 -16.85 -21.28
C ARG B 106 8.95 -18.36 -21.31
N THR B 107 7.96 -19.00 -20.73
CA THR B 107 7.89 -20.45 -20.67
C THR B 107 7.70 -21.06 -22.07
N LEU B 108 6.81 -20.47 -22.86
CA LEU B 108 6.57 -20.95 -24.20
C LEU B 108 7.79 -20.70 -25.11
N ASP B 109 8.43 -19.55 -24.94
CA ASP B 109 9.62 -19.23 -25.73
C ASP B 109 10.81 -20.03 -25.23
N PHE B 110 10.73 -20.57 -24.01
CA PHE B 110 11.80 -21.39 -23.45
C PHE B 110 11.89 -22.78 -24.05
N HIS B 111 10.73 -23.40 -24.26
CA HIS B 111 10.69 -24.70 -24.89
C HIS B 111 11.21 -24.50 -26.28
N ASP B 112 10.81 -23.38 -26.87
CA ASP B 112 11.19 -23.09 -28.22
C ASP B 112 12.70 -22.91 -28.38
N SER B 113 13.33 -22.26 -27.43
CA SER B 113 14.78 -22.11 -27.45
C SER B 113 15.46 -23.47 -27.39
N ASN B 114 14.84 -24.42 -26.70
CA ASN B 114 15.44 -25.75 -26.52
C ASN B 114 15.30 -26.63 -27.78
N VAL B 115 14.26 -26.39 -28.57
CA VAL B 115 14.03 -27.11 -29.83
C VAL B 115 15.07 -26.69 -30.89
N LYS B 116 15.25 -25.38 -31.05
CA LYS B 116 16.23 -24.83 -31.98
C LYS B 116 17.67 -25.20 -31.62
N ASN B 117 17.98 -25.22 -30.33
CA ASN B 117 19.32 -25.56 -29.90
C ASN B 117 19.65 -27.04 -30.15
N LEU B 118 18.64 -27.90 -30.03
CA LEU B 118 18.78 -29.34 -30.29
C LEU B 118 18.91 -29.62 -31.78
N TYR B 119 18.13 -28.90 -32.58
CA TYR B 119 18.22 -28.98 -34.03
C TYR B 119 19.61 -28.53 -34.46
N ASP B 120 20.07 -27.40 -33.92
CA ASP B 120 21.38 -26.84 -34.24
C ASP B 120 22.51 -27.71 -33.69
N LYS B 121 22.16 -28.58 -32.74
CA LYS B 121 23.12 -29.46 -32.09
C LYS B 121 23.61 -30.57 -33.03
N VAL B 122 22.69 -31.09 -33.82
CA VAL B 122 22.97 -32.19 -34.76
C VAL B 122 23.39 -31.66 -36.14
N ARG B 123 22.85 -30.51 -36.54
CA ARG B 123 23.25 -29.86 -37.79
C ARG B 123 24.73 -29.50 -37.74
N LEU B 124 25.21 -29.21 -36.54
CA LEU B 124 26.63 -28.93 -36.30
C LEU B 124 27.46 -30.21 -36.23
N GLN B 125 26.79 -31.34 -36.07
CA GLN B 125 27.45 -32.63 -35.91
C GLN B 125 27.65 -33.38 -37.22
N LEU B 126 26.62 -33.35 -38.06
CA LEU B 126 26.61 -34.12 -39.30
C LEU B 126 27.37 -33.35 -40.37
N ARG B 127 27.10 -32.05 -40.47
CA ARG B 127 27.67 -31.19 -41.50
C ARG B 127 27.36 -31.68 -42.92
N ASP B 128 28.39 -31.85 -43.76
CA ASP B 128 28.14 -32.17 -45.18
C ASP B 128 27.89 -33.66 -45.45
N ASN B 129 27.61 -34.43 -44.40
CA ASN B 129 27.22 -35.83 -44.57
C ASN B 129 25.70 -36.00 -44.67
N ALA B 130 24.97 -34.88 -44.68
CA ALA B 130 23.51 -34.87 -44.79
C ALA B 130 22.96 -33.63 -45.50
N LYS B 131 21.67 -33.64 -45.82
CA LYS B 131 21.02 -32.48 -46.44
C LYS B 131 19.95 -31.91 -45.51
N GLU B 132 19.93 -30.59 -45.38
CA GLU B 132 18.87 -29.92 -44.60
C GLU B 132 17.65 -29.77 -45.49
N LEU B 133 16.57 -30.49 -45.18
CA LEU B 133 15.36 -30.38 -45.99
C LEU B 133 14.62 -29.06 -45.71
N GLY B 134 14.77 -28.54 -44.50
CA GLY B 134 14.22 -27.22 -44.17
C GLY B 134 12.91 -27.25 -43.40
N ASN B 135 12.55 -28.41 -42.86
CA ASN B 135 11.31 -28.59 -42.09
C ASN B 135 11.54 -29.43 -40.84
N GLY B 136 12.81 -29.55 -40.46
CA GLY B 136 13.21 -30.31 -39.29
C GLY B 136 13.81 -31.67 -39.58
N CYS B 137 13.82 -32.07 -40.84
CA CYS B 137 14.33 -33.38 -41.25
C CYS B 137 15.73 -33.31 -41.90
N PHE B 138 16.56 -34.31 -41.60
CA PHE B 138 17.87 -34.48 -42.24
C PHE B 138 18.00 -35.81 -43.02
N GLU B 139 18.16 -35.76 -44.34
CA GLU B 139 18.44 -36.98 -45.11
C GLU B 139 19.93 -37.11 -45.42
N PHE B 140 20.63 -37.95 -44.66
CA PHE B 140 22.09 -38.06 -44.79
C PHE B 140 22.53 -38.94 -45.95
N TYR B 141 23.83 -38.87 -46.23
CA TYR B 141 24.45 -39.43 -47.43
C TYR B 141 25.03 -40.85 -47.31
N HIS B 142 24.73 -41.56 -46.22
CA HIS B 142 25.17 -42.94 -46.10
C HIS B 142 24.13 -43.80 -45.38
N ARG B 143 24.53 -44.99 -44.96
CA ARG B 143 23.61 -45.88 -44.27
C ARG B 143 23.89 -45.91 -42.79
N CYS B 144 22.82 -45.93 -42.01
CA CYS B 144 22.95 -45.98 -40.57
C CYS B 144 22.09 -47.07 -39.94
N ASP B 145 22.76 -47.98 -39.23
CA ASP B 145 22.12 -49.07 -38.53
C ASP B 145 21.38 -48.58 -37.28
N ASN B 146 21.15 -49.50 -36.34
CA ASN B 146 20.58 -49.12 -35.05
C ASN B 146 21.65 -49.02 -33.95
N GLU B 147 22.78 -48.40 -34.31
CA GLU B 147 23.87 -48.11 -33.37
C GLU B 147 24.62 -46.86 -33.86
N CYS B 148 24.34 -46.45 -35.10
CA CYS B 148 24.80 -45.18 -35.66
C CYS B 148 23.91 -44.02 -35.18
N MET B 149 22.59 -44.18 -35.39
CA MET B 149 21.58 -43.25 -34.88
C MET B 149 21.83 -43.00 -33.41
N GLU B 150 22.23 -44.05 -32.72
CA GLU B 150 22.56 -43.97 -31.31
C GLU B 150 23.78 -43.07 -31.05
N SER B 151 24.77 -43.08 -31.95
CA SER B 151 25.99 -42.33 -31.75
C SER B 151 25.80 -40.82 -31.86
N VAL B 152 24.76 -40.39 -32.57
CA VAL B 152 24.49 -38.96 -32.71
C VAL B 152 23.71 -38.46 -31.50
N ARG B 153 22.83 -39.32 -30.97
CA ARG B 153 21.97 -39.01 -29.84
C ARG B 153 22.75 -38.93 -28.53
N ASN B 154 23.90 -39.60 -28.48
CA ASN B 154 24.79 -39.50 -27.32
C ASN B 154 25.99 -38.63 -27.65
N GLY B 155 25.95 -38.00 -28.83
CA GLY B 155 26.95 -37.04 -29.24
C GLY B 155 28.38 -37.54 -29.37
N THR B 156 28.57 -38.67 -30.06
CA THR B 156 29.90 -39.25 -30.24
C THR B 156 30.26 -39.43 -31.72
N TYR B 157 29.26 -39.28 -32.58
CA TYR B 157 29.39 -39.43 -34.04
C TYR B 157 30.70 -38.89 -34.61
N ASP B 158 31.57 -39.81 -35.03
CA ASP B 158 32.86 -39.48 -35.63
C ASP B 158 32.63 -39.13 -37.11
N TYR B 159 32.82 -37.86 -37.46
CA TYR B 159 32.47 -37.35 -38.78
C TYR B 159 33.25 -38.02 -39.94
N PRO B 160 34.60 -38.06 -39.90
CA PRO B 160 35.31 -38.65 -41.04
C PRO B 160 35.04 -40.15 -41.27
N GLN B 161 34.57 -40.86 -40.23
CA GLN B 161 34.36 -42.32 -40.29
C GLN B 161 33.21 -42.70 -41.23
N TYR B 162 32.49 -41.69 -41.73
CA TYR B 162 31.38 -41.89 -42.66
C TYR B 162 31.48 -40.90 -43.84
N SER B 163 32.55 -40.11 -43.84
CA SER B 163 32.78 -39.07 -44.84
C SER B 163 32.95 -39.64 -46.25
N GLU B 164 33.52 -40.84 -46.34
CA GLU B 164 33.87 -41.45 -47.62
C GLU B 164 32.67 -41.96 -48.40
N GLU B 165 31.85 -42.84 -47.78
CA GLU B 165 30.65 -43.36 -48.43
C GLU B 165 29.75 -42.20 -48.84
N ALA B 166 29.73 -41.17 -47.98
CA ALA B 166 29.02 -39.93 -48.24
C ALA B 166 29.66 -39.19 -49.42
N ARG B 167 30.99 -39.07 -49.40
CA ARG B 167 31.77 -38.39 -50.44
C ARG B 167 31.44 -39.00 -51.79
N LEU B 168 31.35 -40.33 -51.82
CA LEU B 168 30.96 -41.04 -53.03
C LEU B 168 29.55 -40.65 -53.47
N LYS B 169 28.61 -40.66 -52.53
CA LYS B 169 27.20 -40.44 -52.85
C LYS B 169 26.87 -39.02 -53.35
N ARG B 170 27.51 -38.00 -52.79
CA ARG B 170 27.23 -36.63 -53.22
C ARG B 170 27.86 -36.35 -54.58
N GLU B 171 28.92 -37.09 -54.91
CA GLU B 171 29.47 -37.02 -56.26
C GLU B 171 28.53 -37.73 -57.27
N GLU B 172 27.84 -38.79 -56.81
CA GLU B 172 26.87 -39.52 -57.63
C GLU B 172 25.65 -38.66 -57.98
N ILE B 173 25.29 -37.74 -57.08
CA ILE B 173 24.25 -36.75 -57.32
C ILE B 173 24.84 -35.67 -58.22
N SER B 174 26.16 -35.47 -58.09
CA SER B 174 26.88 -34.49 -58.89
C SER B 174 27.27 -35.15 -60.22
N GLY B 175 26.43 -36.07 -60.67
CA GLY B 175 26.62 -36.79 -61.92
C GLY B 175 25.34 -36.80 -62.74
N ASP C 2 48.14 -30.04 -44.90
CA ASP C 2 48.20 -29.69 -43.47
C ASP C 2 46.97 -28.90 -43.03
N PRO C 3 46.73 -28.85 -41.70
CA PRO C 3 45.83 -27.87 -41.10
C PRO C 3 46.19 -26.47 -41.58
N GLY C 4 45.20 -25.68 -42.00
CA GLY C 4 45.50 -24.32 -42.39
C GLY C 4 45.34 -23.44 -41.17
N ASP C 5 44.94 -22.20 -41.39
CA ASP C 5 44.80 -21.23 -40.31
C ASP C 5 43.43 -21.31 -39.65
N GLN C 6 43.39 -20.90 -38.38
CA GLN C 6 42.16 -20.90 -37.61
C GLN C 6 41.84 -19.53 -37.06
N ILE C 7 40.59 -19.41 -36.60
CA ILE C 7 40.12 -18.28 -35.81
C ILE C 7 38.95 -18.84 -34.99
N CYS C 8 38.88 -18.50 -33.70
CA CYS C 8 37.87 -19.08 -32.82
C CYS C 8 37.10 -18.00 -32.06
N ILE C 9 35.87 -18.32 -31.67
CA ILE C 9 35.03 -17.36 -30.93
C ILE C 9 34.89 -17.80 -29.48
N GLY C 10 35.06 -16.85 -28.56
CA GLY C 10 34.93 -17.12 -27.14
C GLY C 10 34.73 -15.90 -26.25
N TYR C 11 34.61 -16.15 -24.95
CA TYR C 11 34.26 -15.13 -23.97
C TYR C 11 35.21 -15.17 -22.75
N HIS C 12 35.07 -14.17 -21.88
CA HIS C 12 35.92 -14.02 -20.70
C HIS C 12 35.61 -15.13 -19.66
N ALA C 13 36.64 -15.61 -18.97
CA ALA C 13 36.46 -16.51 -17.82
C ALA C 13 37.47 -16.12 -16.73
N ASN C 14 37.22 -16.55 -15.49
CA ASN C 14 38.07 -16.19 -14.36
C ASN C 14 38.15 -17.25 -13.26
N ASN C 15 38.72 -16.83 -12.14
CA ASN C 15 38.85 -17.68 -10.96
C ASN C 15 37.89 -17.24 -9.88
N SER C 16 36.80 -16.57 -10.31
CA SER C 16 35.79 -16.04 -9.42
C SER C 16 34.89 -17.15 -8.83
N THR C 17 34.24 -16.86 -7.71
CA THR C 17 33.31 -17.83 -7.11
C THR C 17 31.99 -17.19 -6.66
N GLU C 18 31.82 -15.91 -6.98
CA GLU C 18 30.61 -15.20 -6.60
C GLU C 18 29.37 -15.77 -7.29
N GLN C 19 28.26 -15.83 -6.57
CA GLN C 19 27.04 -16.45 -7.09
C GLN C 19 25.84 -15.50 -7.03
N VAL C 20 24.99 -15.59 -8.05
CA VAL C 20 23.76 -14.80 -8.11
C VAL C 20 22.61 -15.76 -8.30
N ASP C 21 21.40 -15.27 -8.06
CA ASP C 21 20.21 -16.08 -8.28
C ASP C 21 19.36 -15.53 -9.41
N THR C 22 18.58 -16.42 -10.01
CA THR C 22 17.58 -16.12 -11.03
C THR C 22 16.34 -16.97 -10.74
N ILE C 23 15.27 -16.77 -11.50
CA ILE C 23 14.05 -17.50 -11.22
C ILE C 23 14.05 -18.96 -11.67
N MET C 24 14.95 -19.32 -12.59
CA MET C 24 14.97 -20.71 -13.08
C MET C 24 16.08 -21.56 -12.46
N GLU C 25 17.07 -20.92 -11.84
CA GLU C 25 18.24 -21.63 -11.34
C GLU C 25 18.95 -20.85 -10.21
N LYS C 26 19.28 -21.58 -9.14
CA LYS C 26 19.86 -20.96 -7.95
C LYS C 26 21.37 -21.19 -7.87
N ASN C 27 22.05 -20.32 -7.11
CA ASN C 27 23.50 -20.40 -6.88
C ASN C 27 24.28 -20.58 -8.18
N VAL C 28 24.08 -19.68 -9.12
CA VAL C 28 24.83 -19.72 -10.36
C VAL C 28 26.09 -18.90 -10.17
N THR C 29 27.25 -19.54 -10.28
CA THR C 29 28.52 -18.85 -10.06
C THR C 29 28.84 -18.02 -11.30
N VAL C 30 29.34 -16.80 -11.09
CA VAL C 30 29.44 -15.81 -12.15
C VAL C 30 30.82 -15.08 -12.08
N THR C 31 31.27 -14.53 -13.20
CA THR C 31 32.59 -13.88 -13.28
C THR C 31 32.64 -12.51 -12.59
N HIS C 32 31.56 -11.74 -12.75
CA HIS C 32 31.44 -10.40 -12.16
C HIS C 32 30.04 -10.19 -11.56
N ALA C 33 30.00 -9.67 -10.34
CA ALA C 33 28.74 -9.34 -9.68
C ALA C 33 28.89 -8.05 -8.87
N GLN C 34 27.75 -7.42 -8.55
CA GLN C 34 27.75 -6.21 -7.74
C GLN C 34 26.76 -6.30 -6.58
N ASP C 35 27.28 -6.22 -5.34
CA ASP C 35 26.42 -6.18 -4.16
C ASP C 35 25.77 -4.80 -4.04
N ILE C 36 24.50 -4.78 -3.67
CA ILE C 36 23.78 -3.51 -3.45
C ILE C 36 23.04 -3.43 -2.09
N LEU C 37 23.34 -4.35 -1.17
CA LEU C 37 22.66 -4.40 0.14
C LEU C 37 23.61 -4.27 1.35
N GLU C 38 23.53 -3.15 2.06
CA GLU C 38 24.33 -2.92 3.28
C GLU C 38 23.82 -3.71 4.48
N LYS C 39 24.70 -4.48 5.12
CA LYS C 39 24.31 -5.40 6.19
C LYS C 39 25.04 -5.14 7.51
N THR C 40 25.80 -4.04 7.59
CA THR C 40 26.56 -3.74 8.79
C THR C 40 26.35 -2.31 9.33
N HIS C 41 26.34 -2.22 10.65
CA HIS C 41 26.23 -0.93 11.36
C HIS C 41 27.26 -0.91 12.49
N ASN C 42 27.51 0.29 13.04
CA ASN C 42 28.57 0.43 14.02
C ASN C 42 28.11 0.23 15.47
N GLY C 43 26.82 0.01 15.66
CA GLY C 43 26.27 -0.29 16.98
C GLY C 43 26.26 0.80 18.04
N LYS C 44 26.39 2.08 17.65
CA LYS C 44 26.35 3.20 18.61
C LYS C 44 25.44 4.40 18.19
N LEU C 45 25.18 5.31 19.14
CA LEU C 45 24.44 6.56 18.87
C LEU C 45 25.36 7.75 18.64
N CYS C 46 25.22 8.40 17.49
CA CYS C 46 26.15 9.45 17.05
C CYS C 46 25.50 10.80 16.87
N ASN C 47 26.31 11.82 16.61
CA ASN C 47 25.80 13.11 16.17
C ASN C 47 25.20 12.96 14.78
N LEU C 48 24.22 13.80 14.45
CA LEU C 48 23.70 13.83 13.09
C LEU C 48 24.22 15.10 12.44
N ASP C 49 25.05 14.95 11.40
CA ASP C 49 25.90 16.05 10.90
C ASP C 49 26.73 16.60 12.05
N GLY C 50 26.59 17.89 12.32
CA GLY C 50 27.34 18.46 13.43
C GLY C 50 26.63 18.34 14.77
N VAL C 51 25.35 18.00 14.72
CA VAL C 51 24.46 18.19 15.85
C VAL C 51 24.23 16.96 16.71
N LYS C 52 24.49 17.14 18.00
CA LYS C 52 24.35 16.07 18.99
C LYS C 52 22.84 15.87 19.32
N PRO C 53 22.41 14.61 19.48
CA PRO C 53 21.03 14.32 19.89
C PRO C 53 20.82 14.57 21.38
N LEU C 54 19.57 14.80 21.78
CA LEU C 54 19.16 14.85 23.19
C LEU C 54 18.93 13.45 23.72
N ILE C 55 19.84 12.98 24.56
CA ILE C 55 19.68 11.64 25.08
C ILE C 55 19.14 11.74 26.53
N LEU C 56 17.84 11.55 26.72
CA LEU C 56 17.35 11.44 28.09
C LEU C 56 17.92 10.11 28.52
N ARG C 57 18.12 9.91 29.80
CA ARG C 57 18.71 8.64 30.20
C ARG C 57 17.60 7.78 30.69
N ASP C 58 17.28 7.98 31.96
CA ASP C 58 16.18 7.31 32.63
C ASP C 58 15.01 8.27 32.78
N CYS C 59 15.02 9.33 31.95
CA CYS C 59 13.93 10.29 31.92
C CYS C 59 13.04 10.12 30.68
N SER C 60 11.73 10.39 30.84
CA SER C 60 10.76 10.49 29.73
C SER C 60 10.54 11.94 29.27
N VAL C 61 9.79 12.14 28.18
CA VAL C 61 9.49 13.50 27.74
C VAL C 61 8.68 14.20 28.87
N ALA C 62 7.69 13.51 29.43
CA ALA C 62 6.90 14.07 30.53
C ALA C 62 7.77 14.46 31.74
N GLY C 63 8.71 13.60 32.12
CA GLY C 63 9.61 13.86 33.23
C GLY C 63 10.46 15.10 32.94
N TRP C 64 10.96 15.15 31.72
CA TRP C 64 11.77 16.28 31.26
C TRP C 64 11.03 17.62 31.34
N LEU C 65 9.90 17.71 30.65
CA LEU C 65 9.22 18.99 30.44
C LEU C 65 8.56 19.54 31.72
N LEU C 66 8.02 18.67 32.56
CA LEU C 66 7.37 19.11 33.81
C LEU C 66 8.42 19.42 34.88
N GLY C 67 9.59 18.79 34.75
CA GLY C 67 10.69 18.99 35.69
C GLY C 67 10.63 18.05 36.89
N ASN C 68 10.57 16.74 36.62
CA ASN C 68 10.79 15.69 37.62
C ASN C 68 12.10 16.01 38.34
N PRO C 69 12.08 16.00 39.69
CA PRO C 69 13.27 16.42 40.46
C PRO C 69 14.53 15.61 40.13
N MET C 70 14.35 14.40 39.60
CA MET C 70 15.44 13.51 39.23
C MET C 70 15.92 13.74 37.81
N CYS C 71 15.47 14.82 37.20
CA CYS C 71 15.82 15.09 35.82
C CYS C 71 16.48 16.46 35.66
N ASP C 72 17.14 16.94 36.71
CA ASP C 72 17.64 18.32 36.65
C ASP C 72 18.70 18.48 35.57
N GLU C 73 19.21 17.35 35.06
CA GLU C 73 20.18 17.34 33.96
C GLU C 73 19.57 18.05 32.76
N PHE C 74 18.25 17.99 32.61
CA PHE C 74 17.65 18.58 31.41
C PHE C 74 16.89 19.89 31.65
N LEU C 75 17.29 20.65 32.67
CA LEU C 75 16.63 21.93 32.96
C LEU C 75 16.79 23.01 31.88
N ASN C 76 17.89 22.97 31.14
CA ASN C 76 18.12 23.92 30.06
C ASN C 76 18.95 23.24 28.97
N VAL C 77 18.30 22.62 28.00
CA VAL C 77 19.04 21.83 27.01
C VAL C 77 19.33 22.60 25.73
N PRO C 78 20.50 22.34 25.14
CA PRO C 78 20.79 23.02 23.88
C PRO C 78 20.03 22.37 22.75
N GLU C 79 20.06 23.04 21.60
CA GLU C 79 19.44 22.62 20.35
C GLU C 79 19.79 21.16 20.04
N TRP C 80 18.81 20.40 19.58
CA TRP C 80 19.07 18.99 19.32
C TRP C 80 18.76 18.60 17.86
N SER C 81 19.22 17.43 17.45
CA SER C 81 18.98 16.92 16.10
C SER C 81 17.88 15.85 16.13
N TYR C 82 17.87 15.05 17.17
CA TYR C 82 16.80 14.09 17.38
C TYR C 82 16.82 13.74 18.86
N ILE C 83 15.82 12.99 19.32
CA ILE C 83 15.66 12.67 20.74
C ILE C 83 15.70 11.16 20.93
N VAL C 84 16.39 10.69 21.96
CA VAL C 84 16.50 9.24 22.30
C VAL C 84 15.91 8.94 23.67
N GLU C 85 15.04 7.94 23.75
CA GLU C 85 14.30 7.60 24.96
C GLU C 85 14.24 6.10 25.15
N LYS C 86 14.30 5.62 26.39
CA LYS C 86 14.19 4.17 26.65
C LYS C 86 12.75 3.69 26.57
N ILE C 87 12.56 2.37 26.53
CA ILE C 87 11.24 1.77 26.41
C ILE C 87 10.43 2.02 27.67
N ASN C 88 11.08 1.83 28.82
CA ASN C 88 10.40 2.00 30.11
C ASN C 88 11.21 2.88 31.09
N PRO C 89 11.32 4.20 30.81
CA PRO C 89 12.14 5.09 31.64
C PRO C 89 11.70 5.08 33.11
N ALA C 90 12.64 5.31 34.02
CA ALA C 90 12.39 5.25 35.47
C ALA C 90 11.90 6.60 36.02
N ASN C 91 12.30 7.69 35.39
CA ASN C 91 11.86 9.01 35.84
C ASN C 91 10.81 9.61 34.90
N ASP C 92 9.55 9.39 35.28
CA ASP C 92 8.39 9.78 34.48
C ASP C 92 7.58 10.75 35.34
N LEU C 93 6.28 10.48 35.50
CA LEU C 93 5.45 11.22 36.46
C LEU C 93 5.71 10.65 37.86
N CYS C 94 6.44 11.41 38.69
CA CYS C 94 6.83 10.93 40.00
C CYS C 94 5.63 10.90 40.96
N TYR C 95 4.77 11.92 40.90
CA TYR C 95 3.48 11.84 41.60
C TYR C 95 2.51 11.09 40.71
N PRO C 96 1.86 10.03 41.24
CA PRO C 96 1.03 9.22 40.33
C PRO C 96 -0.14 9.99 39.68
N GLY C 97 -0.45 9.66 38.42
CA GLY C 97 -1.54 10.32 37.70
C GLY C 97 -1.40 10.19 36.18
N ASN C 98 -1.82 11.22 35.42
CA ASN C 98 -1.78 11.12 33.96
C ASN C 98 -1.50 12.48 33.32
N PHE C 99 -1.05 12.42 32.07
CA PHE C 99 -0.64 13.57 31.25
C PHE C 99 -1.51 13.62 30.00
N ASN C 100 -2.43 14.56 29.97
CA ASN C 100 -3.42 14.68 28.90
C ASN C 100 -2.89 14.90 27.48
N ASP C 101 -3.40 14.15 26.51
CA ASP C 101 -2.99 14.32 25.10
C ASP C 101 -1.48 14.22 24.92
N TYR C 102 -0.89 13.32 25.69
CA TYR C 102 0.56 13.13 25.70
C TYR C 102 1.11 12.79 24.33
N GLU C 103 0.43 11.87 23.61
CA GLU C 103 0.97 11.38 22.34
C GLU C 103 0.91 12.44 21.27
N GLU C 104 -0.14 13.28 21.30
CA GLU C 104 -0.23 14.41 20.37
C GLU C 104 0.89 15.44 20.62
N LEU C 105 1.23 15.67 21.90
CA LEU C 105 2.31 16.58 22.25
C LEU C 105 3.66 16.03 21.80
N LYS C 106 3.87 14.72 21.94
CA LYS C 106 5.12 14.11 21.49
C LYS C 106 5.24 14.27 19.96
N HIS C 107 4.11 14.21 19.26
CA HIS C 107 4.09 14.36 17.79
C HIS C 107 4.47 15.77 17.37
N LEU C 108 3.97 16.74 18.11
CA LEU C 108 4.26 18.16 17.90
C LEU C 108 5.79 18.40 18.05
N LEU C 109 6.37 17.63 18.98
CA LEU C 109 7.77 17.71 19.36
C LEU C 109 8.73 17.28 18.25
N SER C 110 8.22 16.58 17.25
CA SER C 110 9.11 16.13 16.21
C SER C 110 9.22 17.15 15.07
N ARG C 111 8.70 18.35 15.28
CA ARG C 111 8.93 19.41 14.30
C ARG C 111 9.70 20.55 15.00
N ILE C 112 10.26 20.24 16.17
CA ILE C 112 10.89 21.26 17.01
C ILE C 112 12.34 20.86 17.32
N ASN C 113 13.24 21.81 17.22
CA ASN C 113 14.65 21.54 17.51
C ASN C 113 15.18 22.29 18.74
N HIS C 114 14.47 23.32 19.17
CA HIS C 114 14.94 24.07 20.34
C HIS C 114 13.87 24.85 21.11
N PHE C 115 13.88 24.64 22.42
CA PHE C 115 13.03 25.37 23.36
C PHE C 115 13.90 26.43 24.05
N GLU C 116 13.28 27.54 24.44
CA GLU C 116 13.92 28.56 25.27
C GLU C 116 12.99 28.88 26.44
N LYS C 117 13.36 28.42 27.62
CA LYS C 117 12.48 28.51 28.78
C LYS C 117 12.33 29.92 29.33
N ILE C 118 11.10 30.32 29.64
CA ILE C 118 10.92 31.59 30.33
C ILE C 118 9.93 31.50 31.51
N GLN C 119 10.03 32.47 32.40
CA GLN C 119 9.18 32.53 33.58
C GLN C 119 7.89 33.30 33.37
N ILE C 120 6.80 32.73 33.86
CA ILE C 120 5.54 33.39 33.75
C ILE C 120 5.08 33.95 35.10
N THR C 121 5.30 33.19 36.17
CA THR C 121 4.94 33.64 37.49
C THR C 121 6.01 33.30 38.53
N PRO C 122 6.62 34.35 39.11
CA PRO C 122 7.66 34.19 40.13
C PRO C 122 7.08 33.46 41.34
N LYS C 123 7.85 32.56 41.92
CA LYS C 123 7.40 31.78 43.07
C LYS C 123 7.08 32.63 44.31
N ASN C 124 7.68 33.82 44.41
CA ASN C 124 7.40 34.70 45.55
C ASN C 124 6.36 35.75 45.21
N SER C 125 5.48 35.48 44.24
CA SER C 125 4.48 36.47 43.87
C SER C 125 3.13 36.08 44.47
N TRP C 126 3.08 34.88 45.06
CA TRP C 126 1.83 34.39 45.66
C TRP C 126 1.78 34.87 47.12
N SER C 127 1.04 35.94 47.39
CA SER C 127 1.13 36.52 48.73
C SER C 127 -0.09 36.13 49.59
N ASP C 128 -1.07 35.47 48.98
CA ASP C 128 -2.24 35.01 49.72
C ASP C 128 -2.46 33.49 49.66
N HIS C 129 -1.46 32.76 49.19
CA HIS C 129 -1.49 31.29 49.13
C HIS C 129 -0.13 30.73 49.53
N GLU C 130 -0.07 29.48 49.97
CA GLU C 130 1.21 28.83 50.25
C GLU C 130 1.70 28.06 49.01
N ALA C 131 2.90 28.40 48.54
CA ALA C 131 3.44 27.86 47.30
C ALA C 131 4.66 26.98 47.51
N SER C 132 4.52 25.90 48.26
CA SER C 132 5.67 25.08 48.61
C SER C 132 5.35 23.60 48.75
N GLY C 133 4.29 23.14 48.09
CA GLY C 133 3.87 21.76 48.15
C GLY C 133 4.93 20.80 47.65
N VAL C 134 4.99 19.63 48.28
CA VAL C 134 6.12 18.70 48.17
C VAL C 134 5.59 17.27 48.48
N SER C 135 6.21 16.22 47.96
CA SER C 135 5.70 14.84 48.21
C SER C 135 6.80 13.80 48.22
N SER C 136 6.64 12.74 48.99
CA SER C 136 7.63 11.66 49.04
C SER C 136 7.66 10.81 47.75
N ALA C 137 6.64 10.91 46.90
CA ALA C 137 6.67 10.17 45.63
C ALA C 137 7.63 10.83 44.66
N CYS C 138 8.06 12.05 45.02
CA CYS C 138 9.00 12.85 44.25
C CYS C 138 10.23 13.26 45.05
N PRO C 139 11.17 12.32 45.31
CA PRO C 139 12.36 12.60 46.14
C PRO C 139 13.46 13.35 45.39
N TYR C 140 14.28 14.13 46.07
CA TYR C 140 15.39 14.79 45.39
C TYR C 140 16.73 14.23 45.94
N GLN C 141 17.24 14.77 47.03
CA GLN C 141 18.51 14.20 47.50
C GLN C 141 18.21 13.53 48.85
N GLY C 142 17.30 12.58 48.84
CA GLY C 142 16.93 11.92 50.08
C GLY C 142 15.79 12.60 50.82
N ARG C 143 15.27 13.70 50.26
CA ARG C 143 14.14 14.37 50.91
C ARG C 143 12.94 14.55 49.95
N SER C 144 11.79 14.93 50.52
CA SER C 144 10.57 15.15 49.71
C SER C 144 10.67 16.45 48.86
N SER C 145 10.24 16.37 47.60
CA SER C 145 10.38 17.50 46.65
C SER C 145 9.15 17.61 45.74
N PHE C 146 9.29 18.24 44.57
CA PHE C 146 8.18 18.38 43.63
C PHE C 146 8.65 18.75 42.23
N PHE C 147 7.76 18.68 41.24
CA PHE C 147 8.03 19.19 39.90
C PHE C 147 8.49 20.62 39.98
N ARG C 148 9.48 20.96 39.17
CA ARG C 148 10.13 22.26 39.17
C ARG C 148 9.46 23.35 38.27
N ASN C 149 8.65 22.95 37.29
CA ASN C 149 8.12 23.92 36.31
C ASN C 149 6.66 24.35 36.55
N VAL C 150 6.04 23.74 37.55
CA VAL C 150 4.69 24.09 37.94
C VAL C 150 4.70 24.18 39.45
N VAL C 151 3.73 24.86 40.05
CA VAL C 151 3.73 25.03 41.51
C VAL C 151 2.46 24.50 42.22
N TRP C 152 2.63 23.80 43.34
CA TRP C 152 1.49 23.33 44.15
C TRP C 152 1.02 24.37 45.21
N LEU C 153 -0.07 25.09 44.93
CA LEU C 153 -0.63 26.09 45.83
C LEU C 153 -1.63 25.53 46.87
N THR C 154 -1.53 25.97 48.12
CA THR C 154 -2.45 25.54 49.16
C THR C 154 -2.94 26.73 49.99
N LYS C 155 -3.88 26.49 50.89
CA LYS C 155 -4.44 27.57 51.69
C LYS C 155 -3.40 28.19 52.62
N LYS C 156 -3.58 29.49 52.83
CA LYS C 156 -2.74 30.25 53.74
C LYS C 156 -3.64 30.87 54.78
N ASP C 157 -3.18 30.75 56.02
CA ASP C 157 -4.02 30.97 57.19
C ASP C 157 -5.17 29.96 57.09
N ASN C 158 -6.41 30.40 56.97
CA ASN C 158 -7.45 29.42 56.71
C ASN C 158 -8.29 29.85 55.55
N ALA C 159 -7.63 30.33 54.51
CA ALA C 159 -8.34 30.81 53.35
C ALA C 159 -7.61 30.49 52.07
N TYR C 160 -8.41 30.41 51.01
CA TYR C 160 -7.93 30.28 49.64
C TYR C 160 -8.77 31.28 48.82
N PRO C 161 -8.32 32.53 48.77
CA PRO C 161 -8.98 33.58 47.98
C PRO C 161 -9.02 33.22 46.50
N THR C 162 -9.92 33.83 45.74
CA THR C 162 -10.01 33.50 44.32
C THR C 162 -8.84 34.09 43.52
N ILE C 163 -8.20 33.25 42.72
CA ILE C 163 -7.08 33.63 41.87
C ILE C 163 -7.51 34.00 40.47
N LYS C 164 -7.05 35.18 40.03
CA LYS C 164 -7.26 35.69 38.67
C LYS C 164 -5.92 36.13 38.18
N ARG C 165 -5.34 35.42 37.25
CA ARG C 165 -3.97 35.70 36.84
C ARG C 165 -4.03 35.82 35.31
N SER C 166 -3.13 36.61 34.70
CA SER C 166 -3.17 36.80 33.23
C SER C 166 -1.81 36.93 32.56
N TYR C 167 -1.71 36.56 31.29
CA TYR C 167 -0.45 36.77 30.58
C TYR C 167 -0.69 37.00 29.08
N ASN C 168 -0.04 38.03 28.52
CA ASN C 168 -0.09 38.33 27.08
C ASN C 168 1.22 37.95 26.40
N ASN C 169 1.16 37.10 25.39
CA ASN C 169 2.38 36.69 24.72
C ASN C 169 2.92 37.77 23.79
N THR C 170 3.73 38.69 24.31
CA THR C 170 4.24 39.77 23.47
C THR C 170 5.48 39.37 22.66
N ASN C 171 5.85 38.08 22.69
CA ASN C 171 6.99 37.57 21.90
C ASN C 171 6.60 37.29 20.47
N GLN C 172 7.59 37.14 19.61
CA GLN C 172 7.30 36.86 18.21
C GLN C 172 6.92 35.40 18.01
N GLU C 173 7.53 34.53 18.84
CA GLU C 173 7.33 33.10 18.74
C GLU C 173 6.19 32.61 19.63
N ASP C 174 5.75 31.37 19.37
CA ASP C 174 4.68 30.71 20.13
C ASP C 174 5.17 30.12 21.46
N LEU C 175 4.24 29.98 22.41
CA LEU C 175 4.52 29.50 23.77
C LEU C 175 3.86 28.15 24.11
N LEU C 176 4.66 27.20 24.60
CA LEU C 176 4.12 25.94 25.15
C LEU C 176 3.92 26.08 26.64
N VAL C 177 2.65 26.13 27.06
CA VAL C 177 2.29 26.36 28.47
C VAL C 177 1.66 25.10 29.12
N LEU C 178 2.12 24.74 30.34
CA LEU C 178 1.66 23.54 31.04
C LEU C 178 1.03 23.85 32.43
N TRP C 179 -0.02 23.15 32.82
CA TRP C 179 -0.63 23.38 34.15
C TRP C 179 -1.36 22.13 34.57
N GLY C 180 -1.89 22.09 35.80
CA GLY C 180 -2.48 20.85 36.27
C GLY C 180 -3.58 20.96 37.31
N ILE C 181 -4.20 19.83 37.68
CA ILE C 181 -5.18 19.81 38.78
C ILE C 181 -4.91 18.60 39.73
N HIS C 182 -5.06 18.79 41.05
CA HIS C 182 -4.91 17.70 42.04
C HIS C 182 -6.29 17.10 42.48
N HIS C 183 -6.39 15.77 42.36
CA HIS C 183 -7.56 15.00 42.81
C HIS C 183 -7.31 14.32 44.16
N PRO C 184 -7.89 14.84 45.25
CA PRO C 184 -7.70 14.24 46.57
C PRO C 184 -8.42 12.90 46.78
N ASN C 185 -8.24 12.30 47.96
CA ASN C 185 -8.86 11.00 48.24
C ASN C 185 -10.20 11.12 49.01
N ASP C 186 -10.35 12.16 49.82
CA ASP C 186 -11.57 12.39 50.60
C ASP C 186 -11.77 13.85 51.01
N ALA C 187 -12.97 14.16 51.48
CA ALA C 187 -13.37 15.55 51.74
C ALA C 187 -12.51 16.22 52.80
N THR C 188 -11.95 15.42 53.68
CA THR C 188 -11.18 15.95 54.79
C THR C 188 -9.87 16.53 54.23
N GLU C 189 -9.22 15.76 53.36
CA GLU C 189 -8.00 16.20 52.68
C GLU C 189 -8.25 17.44 51.82
N GLN C 190 -9.39 17.49 51.11
CA GLN C 190 -9.73 18.66 50.29
C GLN C 190 -9.80 19.94 51.14
N THR C 191 -10.27 19.79 52.37
CA THR C 191 -10.45 20.94 53.25
C THR C 191 -9.13 21.30 53.91
N ARG C 192 -8.32 20.26 54.12
CA ARG C 192 -7.04 20.42 54.75
C ARG C 192 -6.08 21.16 53.84
N LEU C 193 -6.26 20.98 52.53
CA LEU C 193 -5.35 21.55 51.54
C LEU C 193 -5.84 22.89 50.97
N TYR C 194 -7.14 22.99 50.66
CA TYR C 194 -7.66 24.17 49.93
C TYR C 194 -8.85 24.93 50.60
N GLN C 195 -9.31 24.48 51.77
CA GLN C 195 -10.34 25.19 52.56
C GLN C 195 -11.74 25.16 51.94
N ASN C 196 -11.87 25.64 50.71
CA ASN C 196 -13.14 25.57 49.99
C ASN C 196 -13.46 24.14 49.54
N PRO C 197 -14.67 23.67 49.83
CA PRO C 197 -15.12 22.30 49.50
C PRO C 197 -15.51 22.12 48.02
N THR C 198 -15.96 23.19 47.37
CA THR C 198 -16.47 23.12 46.01
C THR C 198 -15.65 24.00 45.07
N THR C 199 -14.77 23.43 44.26
CA THR C 199 -13.77 24.26 43.55
C THR C 199 -13.71 24.06 42.02
N TYR C 200 -12.98 24.94 41.32
CA TYR C 200 -12.89 24.91 39.84
C TYR C 200 -11.61 25.55 39.25
N ILE C 201 -11.32 25.23 37.99
CA ILE C 201 -10.26 25.95 37.27
C ILE C 201 -10.77 26.34 35.89
N SER C 202 -10.70 27.63 35.56
CA SER C 202 -11.13 28.14 34.25
C SER C 202 -9.90 28.53 33.47
N VAL C 203 -9.79 28.14 32.21
CA VAL C 203 -8.65 28.60 31.41
C VAL C 203 -9.17 29.07 30.05
N GLY C 204 -8.84 30.30 29.69
CA GLY C 204 -9.33 30.89 28.47
C GLY C 204 -8.25 31.50 27.63
N THR C 205 -8.45 31.43 26.32
CA THR C 205 -7.47 31.86 25.33
C THR C 205 -8.35 32.40 24.17
N SER C 206 -7.79 32.85 23.04
CA SER C 206 -8.72 33.18 21.94
C SER C 206 -9.45 31.92 21.39
N THR C 207 -8.83 30.74 21.54
CA THR C 207 -9.40 29.48 21.02
C THR C 207 -9.69 28.43 22.09
N LEU C 208 -9.14 28.56 23.30
CA LEU C 208 -9.37 27.57 24.36
C LEU C 208 -10.42 28.07 25.38
N ASN C 209 -11.39 27.23 25.77
CA ASN C 209 -12.41 27.63 26.77
C ASN C 209 -12.69 26.49 27.76
N GLN C 210 -11.81 26.34 28.75
CA GLN C 210 -11.80 25.13 29.60
C GLN C 210 -12.29 25.32 31.04
N LYS C 211 -12.93 24.29 31.57
CA LYS C 211 -13.37 24.26 32.96
C LYS C 211 -13.16 22.88 33.61
N LEU C 212 -12.32 22.84 34.66
CA LEU C 212 -12.00 21.63 35.42
C LEU C 212 -12.54 21.65 36.83
N VAL C 213 -12.98 20.51 37.32
CA VAL C 213 -13.53 20.35 38.67
C VAL C 213 -12.92 19.07 39.22
N PRO C 214 -12.42 19.11 40.48
CA PRO C 214 -11.73 17.94 41.06
C PRO C 214 -12.67 16.74 41.21
N LYS C 215 -12.12 15.53 41.12
CA LYS C 215 -12.86 14.29 41.34
C LYS C 215 -12.41 13.61 42.61
N ILE C 216 -13.15 13.79 43.70
CA ILE C 216 -12.77 13.31 45.04
C ILE C 216 -13.36 11.93 45.38
N ALA C 217 -12.50 10.93 45.53
CA ALA C 217 -12.93 9.52 45.59
C ALA C 217 -11.84 8.55 46.11
N THR C 218 -12.17 7.26 46.21
CA THR C 218 -11.28 6.27 46.85
C THR C 218 -10.55 5.43 45.82
N ARG C 219 -9.21 5.36 45.89
CA ARG C 219 -8.39 4.61 44.92
C ARG C 219 -7.27 3.77 45.53
N SER C 220 -6.75 2.82 44.74
CA SER C 220 -5.62 2.01 45.18
C SER C 220 -4.40 2.83 45.49
N LYS C 221 -3.51 2.29 46.30
CA LYS C 221 -2.31 3.05 46.59
C LYS C 221 -1.28 2.72 45.55
N VAL C 222 -0.67 3.78 45.03
CA VAL C 222 0.42 3.65 44.09
C VAL C 222 1.60 4.35 44.73
N LYS C 223 2.70 3.62 44.95
CA LYS C 223 3.83 4.19 45.66
C LYS C 223 3.41 4.81 46.99
N GLY C 224 2.47 4.16 47.66
CA GLY C 224 1.98 4.54 48.97
C GLY C 224 0.90 5.60 48.95
N LEU C 225 0.60 6.12 47.76
CA LEU C 225 -0.34 7.25 47.66
C LEU C 225 -1.63 6.87 46.94
N SER C 226 -2.71 7.56 47.30
CA SER C 226 -4.00 7.40 46.66
C SER C 226 -4.47 8.67 45.95
N GLY C 227 -3.69 9.74 46.01
CA GLY C 227 -4.04 10.97 45.32
C GLY C 227 -3.59 10.92 43.88
N ARG C 228 -4.12 11.78 43.02
CA ARG C 228 -3.70 11.78 41.62
C ARG C 228 -3.51 13.21 41.13
N MET C 229 -2.62 13.37 40.15
CA MET C 229 -2.43 14.67 39.50
C MET C 229 -2.60 14.50 38.00
N GLU C 230 -3.37 15.40 37.41
CA GLU C 230 -3.67 15.39 35.99
C GLU C 230 -3.16 16.68 35.30
N PHE C 231 -2.30 16.53 34.29
CA PHE C 231 -1.68 17.69 33.65
C PHE C 231 -2.20 18.01 32.24
N PHE C 232 -2.16 19.31 31.89
CA PHE C 232 -2.74 19.84 30.65
C PHE C 232 -1.79 20.77 29.92
N TRP C 233 -2.05 21.01 28.63
CA TRP C 233 -1.19 21.89 27.83
C TRP C 233 -1.90 22.60 26.67
N THR C 234 -1.31 23.73 26.26
CA THR C 234 -1.76 24.48 25.09
C THR C 234 -0.60 25.26 24.48
N ILE C 235 -0.73 25.62 23.20
CA ILE C 235 0.20 26.49 22.50
C ILE C 235 -0.47 27.86 22.42
N LEU C 236 0.17 28.86 23.01
CA LEU C 236 -0.33 30.24 22.99
C LEU C 236 0.25 31.02 21.79
N LYS C 237 -0.61 31.42 20.86
CA LYS C 237 -0.15 32.15 19.67
C LYS C 237 0.47 33.50 20.01
N SER C 238 1.45 33.92 19.19
CA SER C 238 2.06 35.23 19.33
C SER C 238 1.00 36.31 19.29
N ASN C 239 1.04 37.21 20.26
CA ASN C 239 0.11 38.33 20.41
C ASN C 239 -1.27 37.93 21.00
N ASP C 240 -1.43 36.69 21.49
CA ASP C 240 -2.67 36.29 22.19
C ASP C 240 -2.46 36.31 23.71
N ALA C 241 -3.54 36.13 24.47
CA ALA C 241 -3.43 36.19 25.92
C ALA C 241 -4.10 34.98 26.57
N ILE C 242 -3.59 34.55 27.72
CA ILE C 242 -4.19 33.42 28.44
C ILE C 242 -4.71 33.90 29.80
N ASN C 243 -5.86 33.40 30.21
CA ASN C 243 -6.48 33.83 31.46
C ASN C 243 -6.80 32.65 32.37
N PHE C 244 -6.31 32.70 33.62
CA PHE C 244 -6.58 31.64 34.61
C PHE C 244 -7.48 32.12 35.76
N GLU C 245 -8.45 31.31 36.15
CA GLU C 245 -9.21 31.59 37.38
C GLU C 245 -9.55 30.32 38.19
N SER C 246 -9.30 30.38 39.51
CA SER C 246 -9.43 29.21 40.39
C SER C 246 -9.65 29.55 41.85
N ASN C 247 -10.46 28.74 42.54
CA ASN C 247 -10.59 28.83 44.00
C ASN C 247 -10.16 27.57 44.72
N GLY C 248 -9.23 26.80 44.13
CA GLY C 248 -8.68 25.60 44.76
C GLY C 248 -8.24 24.50 43.78
N ASN C 249 -7.36 23.62 44.25
CA ASN C 249 -6.86 22.43 43.51
C ASN C 249 -5.97 22.73 42.30
N PHE C 250 -5.45 23.95 42.23
CA PHE C 250 -4.76 24.47 41.03
C PHE C 250 -3.27 24.26 41.11
N ILE C 251 -2.69 23.62 40.11
CA ILE C 251 -1.23 23.52 40.06
C ILE C 251 -0.70 24.50 39.00
N ALA C 252 -0.22 25.66 39.46
CA ALA C 252 -0.07 26.79 38.54
C ALA C 252 1.21 26.72 37.75
N PRO C 253 1.23 27.37 36.56
CA PRO C 253 2.46 27.50 35.78
C PRO C 253 3.47 28.36 36.52
N GLU C 254 4.75 27.95 36.51
CA GLU C 254 5.82 28.85 36.90
C GLU C 254 6.69 29.17 35.67
N ASN C 255 7.09 28.13 34.94
CA ASN C 255 7.87 28.27 33.70
C ASN C 255 7.11 27.77 32.45
N ALA C 256 7.42 28.32 31.29
CA ALA C 256 6.84 27.89 30.01
C ALA C 256 7.92 27.88 28.93
N TYR C 257 7.60 27.39 27.72
CA TYR C 257 8.63 27.23 26.67
C TYR C 257 8.36 27.99 25.35
N LYS C 258 9.32 28.82 24.92
CA LYS C 258 9.24 29.49 23.61
C LYS C 258 9.86 28.60 22.56
N ILE C 259 9.07 28.32 21.53
CA ILE C 259 9.54 27.47 20.46
C ILE C 259 10.38 28.34 19.51
N VAL C 260 11.70 28.21 19.62
CA VAL C 260 12.63 29.15 18.98
C VAL C 260 13.22 28.59 17.68
N LYS C 261 13.31 27.27 17.57
CA LYS C 261 13.84 26.72 16.34
C LYS C 261 12.97 25.54 15.87
N LYS C 262 12.52 25.63 14.62
CA LYS C 262 11.70 24.57 14.03
C LYS C 262 12.47 23.79 12.96
N GLY C 263 12.14 22.51 12.79
CA GLY C 263 12.82 21.68 11.83
C GLY C 263 12.43 20.21 11.91
N ASP C 264 13.25 19.34 11.32
CA ASP C 264 12.99 17.91 11.33
C ASP C 264 13.66 17.15 12.50
N SER C 265 12.86 16.39 13.23
CA SER C 265 13.38 15.59 14.33
C SER C 265 12.48 14.38 14.55
N THR C 266 12.87 13.50 15.45
CA THR C 266 12.07 12.34 15.74
C THR C 266 12.43 11.88 17.15
N ILE C 267 11.61 11.00 17.72
CA ILE C 267 11.94 10.40 19.00
C ILE C 267 12.23 8.90 18.84
N MET C 268 13.47 8.52 19.09
CA MET C 268 13.90 7.12 18.93
C MET C 268 13.84 6.31 20.23
N LYS C 269 13.34 5.08 20.14
CA LYS C 269 13.32 4.15 21.29
C LYS C 269 14.53 3.19 21.24
N SER C 270 15.39 3.31 22.25
CA SER C 270 16.65 2.57 22.29
C SER C 270 17.22 2.44 23.69
N GLU C 271 18.05 1.42 23.91
CA GLU C 271 18.72 1.26 25.20
C GLU C 271 20.18 1.77 25.23
N LEU C 272 20.71 2.19 24.07
CA LEU C 272 22.11 2.58 23.98
C LEU C 272 22.40 3.93 24.62
N GLU C 273 23.69 4.25 24.71
CA GLU C 273 24.14 5.55 25.23
C GLU C 273 25.06 6.18 24.21
N TYR C 274 25.43 7.44 24.42
CA TYR C 274 26.25 8.18 23.45
C TYR C 274 27.52 7.41 23.07
N GLY C 275 28.02 7.65 21.85
CA GLY C 275 29.18 6.92 21.36
C GLY C 275 30.34 7.77 20.82
N ASP C 276 30.26 9.09 21.01
CA ASP C 276 31.30 10.02 20.54
C ASP C 276 31.69 9.76 19.10
N CYS C 277 30.70 9.50 18.27
CA CYS C 277 30.94 9.25 16.86
C CYS C 277 30.11 10.24 16.06
N ASN C 278 30.16 10.15 14.75
CA ASN C 278 29.38 11.02 13.90
C ASN C 278 28.88 10.29 12.65
N THR C 279 27.67 10.62 12.21
CA THR C 279 27.05 9.96 11.06
C THR C 279 26.05 10.89 10.35
N LYS C 280 25.56 10.45 9.18
CA LYS C 280 24.52 11.18 8.46
C LYS C 280 23.30 10.29 8.28
N CYS C 281 23.38 9.10 8.89
CA CYS C 281 22.27 8.16 8.91
C CYS C 281 22.28 7.32 10.21
N GLN C 282 21.23 7.50 11.00
CA GLN C 282 21.15 6.91 12.33
C GLN C 282 19.92 6.03 12.51
N THR C 283 20.10 4.86 13.13
CA THR C 283 19.00 3.94 13.44
C THR C 283 19.02 3.64 14.94
N PRO C 284 17.90 3.12 15.50
CA PRO C 284 17.90 2.91 16.96
C PRO C 284 18.97 1.94 17.50
N ILE C 285 19.61 1.13 16.64
CA ILE C 285 20.56 0.14 17.14
C ILE C 285 22.00 0.34 16.64
N GLY C 286 22.22 1.42 15.90
CA GLY C 286 23.54 1.71 15.34
C GLY C 286 23.48 2.59 14.10
N ALA C 287 24.62 3.21 13.76
CA ALA C 287 24.67 4.17 12.66
C ALA C 287 25.13 3.48 11.36
N ILE C 288 24.94 4.18 10.23
CA ILE C 288 25.23 3.62 8.90
C ILE C 288 26.17 4.52 8.10
N ASN C 289 27.29 3.95 7.67
CA ASN C 289 28.20 4.62 6.76
C ASN C 289 28.35 3.68 5.56
N SER C 290 27.55 3.94 4.54
CA SER C 290 27.43 3.02 3.43
C SER C 290 27.12 3.80 2.16
N SER C 291 27.29 3.14 1.02
CA SER C 291 26.99 3.77 -0.25
C SER C 291 26.02 2.91 -1.04
N MET C 292 25.69 1.75 -0.48
CA MET C 292 24.73 0.86 -1.09
C MET C 292 23.38 1.55 -1.20
N PRO C 293 22.62 1.20 -2.26
CA PRO C 293 21.30 1.82 -2.45
C PRO C 293 20.26 1.22 -1.50
N PHE C 294 20.61 0.12 -0.84
CA PHE C 294 19.73 -0.51 0.14
C PHE C 294 20.47 -0.81 1.45
N HIS C 295 19.72 -1.02 2.52
CA HIS C 295 20.24 -1.53 3.79
C HIS C 295 19.16 -2.39 4.42
N ASN C 296 19.51 -3.17 5.43
CA ASN C 296 18.53 -4.04 6.07
C ASN C 296 18.66 -4.06 7.61
N ILE C 297 19.13 -2.96 8.19
CA ILE C 297 19.38 -2.88 9.63
C ILE C 297 18.13 -2.62 10.49
N HIS C 298 17.38 -1.58 10.11
CA HIS C 298 16.22 -1.12 10.87
C HIS C 298 15.39 -0.23 9.95
N PRO C 299 14.04 -0.29 10.08
CA PRO C 299 13.11 0.51 9.28
C PRO C 299 12.98 1.97 9.68
N LEU C 300 13.32 2.29 10.94
CA LEU C 300 13.27 3.68 11.41
C LEU C 300 14.63 4.38 11.44
N THR C 301 14.90 5.18 10.41
CA THR C 301 16.19 5.87 10.32
C THR C 301 15.93 7.38 10.33
N ILE C 302 16.97 8.19 10.50
CA ILE C 302 16.83 9.64 10.29
C ILE C 302 18.11 10.18 9.63
N GLY C 303 17.95 11.14 8.72
CA GLY C 303 19.09 11.66 7.98
C GLY C 303 19.04 11.19 6.54
N GLU C 304 20.21 11.23 5.88
CA GLU C 304 20.32 10.86 4.46
C GLU C 304 20.66 9.36 4.30
N CYS C 305 19.65 8.53 4.07
CA CYS C 305 19.81 7.07 4.18
C CYS C 305 19.49 6.27 2.94
N PRO C 306 20.04 5.04 2.85
CA PRO C 306 19.60 4.05 1.87
C PRO C 306 18.15 3.68 2.13
N LYS C 307 17.53 2.94 1.22
CA LYS C 307 16.16 2.53 1.42
C LYS C 307 16.15 1.19 2.12
N TYR C 308 15.21 1.00 3.03
CA TYR C 308 15.15 -0.20 3.85
C TYR C 308 14.39 -1.34 3.19
N VAL C 309 14.97 -2.54 3.28
CA VAL C 309 14.36 -3.76 2.76
C VAL C 309 14.61 -4.87 3.77
N LYS C 310 13.79 -5.93 3.75
CA LYS C 310 13.96 -7.09 4.63
C LYS C 310 14.77 -8.28 4.04
N SER C 311 15.68 -8.03 3.10
CA SER C 311 16.40 -9.12 2.46
C SER C 311 17.67 -9.53 3.24
N ASN C 312 18.03 -10.81 3.17
CA ASN C 312 19.29 -11.24 3.77
C ASN C 312 20.45 -11.00 2.81
N ARG C 313 20.15 -11.06 1.51
CA ARG C 313 21.15 -10.89 0.46
C ARG C 313 20.54 -10.26 -0.79
N LEU C 314 21.29 -9.35 -1.41
CA LEU C 314 20.85 -8.74 -2.66
C LEU C 314 22.01 -8.46 -3.58
N VAL C 315 22.26 -9.38 -4.52
CA VAL C 315 23.39 -9.22 -5.45
C VAL C 315 22.97 -9.35 -6.94
N LEU C 316 23.48 -8.43 -7.74
CA LEU C 316 23.13 -8.30 -9.16
C LEU C 316 24.19 -8.93 -10.07
N ALA C 317 23.75 -9.74 -11.04
CA ALA C 317 24.67 -10.27 -12.02
C ALA C 317 25.07 -9.16 -12.99
N THR C 318 26.37 -8.93 -13.12
CA THR C 318 26.93 -7.93 -14.06
C THR C 318 27.75 -8.61 -15.17
N GLY C 319 28.45 -9.67 -14.82
CA GLY C 319 29.25 -10.39 -15.79
C GLY C 319 28.48 -11.55 -16.36
N LEU C 320 29.18 -12.57 -16.84
CA LEU C 320 28.54 -13.73 -17.44
C LEU C 320 28.84 -15.00 -16.67
N ARG C 321 28.21 -16.09 -17.10
CA ARG C 321 28.30 -17.36 -16.41
C ARG C 321 29.72 -17.92 -16.44
N ASN C 322 30.19 -18.40 -15.28
CA ASN C 322 31.57 -18.83 -15.15
C ASN C 322 31.72 -20.34 -15.32
N SER C 323 32.68 -20.74 -16.14
CA SER C 323 32.91 -22.14 -16.48
C SER C 323 33.45 -22.95 -15.31
N PRO C 324 32.80 -24.10 -15.05
CA PRO C 324 33.13 -25.01 -13.94
C PRO C 324 34.58 -25.50 -13.97
N GLY D 1 22.49 -22.19 -22.84
CA GLY D 1 21.84 -20.90 -22.76
C GLY D 1 20.60 -20.78 -23.64
N LEU D 2 20.04 -19.57 -23.71
CA LEU D 2 18.81 -19.34 -24.47
C LEU D 2 19.13 -19.07 -25.94
N PHE D 3 20.40 -19.27 -26.28
CA PHE D 3 20.97 -18.83 -27.55
C PHE D 3 21.92 -19.91 -28.06
N GLY D 4 22.42 -20.71 -27.12
CA GLY D 4 23.22 -21.88 -27.44
C GLY D 4 24.72 -21.68 -27.49
N ALA D 5 25.18 -20.46 -27.26
CA ALA D 5 26.60 -20.18 -27.36
C ALA D 5 27.29 -20.54 -26.03
N ILE D 6 27.11 -19.75 -24.97
CA ILE D 6 27.72 -20.08 -23.67
C ILE D 6 27.23 -21.44 -23.14
N ALA D 7 28.20 -22.28 -22.74
CA ALA D 7 27.95 -23.65 -22.30
C ALA D 7 27.14 -24.42 -23.34
N GLY D 8 27.36 -24.09 -24.62
CA GLY D 8 26.62 -24.71 -25.71
C GLY D 8 27.53 -25.28 -26.78
N PHE D 9 27.41 -24.80 -28.02
CA PHE D 9 28.23 -25.34 -29.10
C PHE D 9 29.67 -24.90 -28.96
N ILE D 10 29.88 -23.78 -28.29
CA ILE D 10 31.20 -23.41 -27.82
C ILE D 10 31.23 -23.73 -26.32
N GLU D 11 32.18 -24.57 -25.91
CA GLU D 11 32.25 -25.02 -24.51
C GLU D 11 33.28 -24.25 -23.70
N GLY D 12 32.91 -23.81 -22.51
CA GLY D 12 33.85 -23.18 -21.61
C GLY D 12 34.37 -21.83 -22.08
N GLY D 13 34.90 -21.04 -21.14
CA GLY D 13 35.46 -19.74 -21.45
C GLY D 13 36.97 -19.83 -21.35
N TRP D 14 37.64 -18.76 -21.80
CA TRP D 14 39.10 -18.74 -21.83
C TRP D 14 39.75 -17.92 -20.72
N GLN D 15 40.38 -18.61 -19.78
CA GLN D 15 41.08 -17.97 -18.68
C GLN D 15 42.21 -17.08 -19.21
N GLY D 16 42.65 -17.37 -20.44
CA GLY D 16 43.72 -16.63 -21.09
C GLY D 16 43.18 -15.39 -21.78
N MET D 17 41.85 -15.29 -21.83
CA MET D 17 41.16 -14.15 -22.43
C MET D 17 40.85 -13.13 -21.33
N VAL D 18 41.67 -12.09 -21.22
CA VAL D 18 41.55 -11.15 -20.10
C VAL D 18 41.57 -9.67 -20.56
N ASP D 19 41.04 -9.37 -21.73
CA ASP D 19 41.05 -7.98 -22.20
C ASP D 19 39.64 -7.44 -22.46
N GLY D 20 38.66 -8.33 -22.46
CA GLY D 20 37.28 -7.93 -22.70
C GLY D 20 36.34 -9.02 -22.26
N TRP D 21 35.10 -8.93 -22.73
CA TRP D 21 34.11 -9.92 -22.38
C TRP D 21 34.00 -10.99 -23.47
N TYR D 22 34.07 -10.52 -24.72
CA TYR D 22 33.95 -11.42 -25.87
C TYR D 22 35.14 -11.28 -26.82
N GLY D 23 35.51 -12.37 -27.49
CA GLY D 23 36.62 -12.31 -28.42
C GLY D 23 37.03 -13.56 -29.18
N TYR D 24 38.32 -13.60 -29.53
CA TYR D 24 38.89 -14.59 -30.45
C TYR D 24 40.10 -15.36 -29.91
N HIS D 25 40.18 -16.63 -30.27
CA HIS D 25 41.40 -17.42 -30.08
C HIS D 25 41.93 -17.65 -31.49
N HIS D 26 43.04 -16.98 -31.83
CA HIS D 26 43.57 -17.06 -33.18
C HIS D 26 44.81 -17.94 -33.24
N SER D 27 44.93 -18.68 -34.34
CA SER D 27 46.01 -19.66 -34.53
C SER D 27 46.48 -19.73 -35.98
N ASN D 28 47.44 -18.90 -36.37
CA ASN D 28 48.00 -19.00 -37.72
C ASN D 28 49.51 -19.23 -37.64
N GLU D 29 50.24 -18.86 -38.70
CA GLU D 29 51.69 -19.08 -38.79
C GLU D 29 52.45 -18.35 -37.70
N GLN D 30 52.06 -17.09 -37.47
CA GLN D 30 52.55 -16.32 -36.35
C GLN D 30 51.88 -16.78 -35.05
N GLY D 31 52.20 -18.02 -34.65
CA GLY D 31 51.76 -18.59 -33.39
C GLY D 31 50.29 -18.58 -33.02
N SER D 32 50.03 -18.65 -31.73
CA SER D 32 48.70 -18.71 -31.16
C SER D 32 48.33 -17.32 -30.62
N GLY D 33 47.29 -17.25 -29.80
CA GLY D 33 46.94 -15.99 -29.16
C GLY D 33 45.50 -15.74 -28.78
N TYR D 34 45.29 -14.72 -27.94
CA TYR D 34 43.95 -14.26 -27.56
C TYR D 34 43.75 -12.80 -28.01
N ALA D 35 42.50 -12.41 -28.22
CA ALA D 35 42.17 -11.04 -28.66
C ALA D 35 40.72 -10.64 -28.31
N ALA D 36 40.53 -9.43 -27.79
CA ALA D 36 39.19 -8.97 -27.41
C ALA D 36 38.54 -8.10 -28.49
N ASP D 37 37.26 -8.33 -28.78
CA ASP D 37 36.51 -7.44 -29.67
C ASP D 37 36.02 -6.22 -28.90
N LYS D 38 36.69 -5.09 -29.12
CA LYS D 38 36.43 -3.87 -28.35
C LYS D 38 35.03 -3.27 -28.55
N GLU D 39 34.60 -3.16 -29.81
CA GLU D 39 33.36 -2.45 -30.14
C GLU D 39 32.09 -2.97 -29.43
N SER D 40 31.91 -4.29 -29.45
CA SER D 40 30.71 -4.93 -28.89
C SER D 40 30.72 -4.96 -27.36
N THR D 41 31.91 -4.91 -26.78
CA THR D 41 32.06 -4.88 -25.33
C THR D 41 31.69 -3.51 -24.76
N GLN D 42 31.90 -2.44 -25.52
CA GLN D 42 31.53 -1.10 -25.03
C GLN D 42 30.01 -0.99 -24.93
N LYS D 43 29.32 -1.47 -25.96
CA LYS D 43 27.86 -1.48 -25.95
C LYS D 43 27.35 -2.42 -24.86
N ALA D 44 28.19 -3.37 -24.47
CA ALA D 44 27.84 -4.29 -23.40
C ALA D 44 28.10 -3.68 -22.00
N ILE D 45 29.20 -2.97 -21.79
CA ILE D 45 29.39 -2.31 -20.49
C ILE D 45 28.42 -1.14 -20.36
N ASP D 46 28.12 -0.46 -21.47
CA ASP D 46 27.15 0.63 -21.43
C ASP D 46 25.74 0.10 -21.09
N GLY D 47 25.45 -1.11 -21.58
CA GLY D 47 24.15 -1.71 -21.39
C GLY D 47 23.87 -2.12 -19.95
N VAL D 48 24.86 -2.71 -19.30
CA VAL D 48 24.67 -3.18 -17.93
C VAL D 48 24.71 -1.97 -16.97
N THR D 49 25.51 -0.97 -17.33
CA THR D 49 25.68 0.24 -16.52
C THR D 49 24.44 1.12 -16.56
N ASN D 50 23.76 1.16 -17.70
CA ASN D 50 22.48 1.85 -17.78
C ASN D 50 21.42 1.12 -16.97
N LYS D 51 21.48 -0.20 -17.03
CA LYS D 51 20.53 -1.04 -16.31
C LYS D 51 20.57 -0.77 -14.82
N VAL D 52 21.78 -0.78 -14.26
CA VAL D 52 21.95 -0.59 -12.82
C VAL D 52 21.61 0.85 -12.40
N ASN D 53 21.80 1.81 -13.29
CA ASN D 53 21.45 3.18 -12.95
C ASN D 53 19.91 3.32 -12.97
N SER D 54 19.26 2.69 -13.96
CA SER D 54 17.81 2.66 -14.11
C SER D 54 17.14 1.94 -12.94
N ILE D 55 17.83 0.93 -12.43
CA ILE D 55 17.33 0.09 -11.35
C ILE D 55 17.37 0.81 -9.99
N ILE D 56 18.37 1.66 -9.80
CA ILE D 56 18.57 2.40 -8.56
C ILE D 56 17.67 3.62 -8.42
N ASP D 57 17.62 4.45 -9.44
CA ASP D 57 16.82 5.68 -9.39
C ASP D 57 15.32 5.38 -9.47
N LYS D 58 14.94 4.19 -9.92
CA LYS D 58 13.53 3.84 -9.98
C LYS D 58 13.02 3.47 -8.57
N MET D 59 13.95 3.37 -7.64
CA MET D 59 13.63 2.96 -6.27
C MET D 59 13.88 4.09 -5.28
N ASN D 60 14.33 5.25 -5.79
CA ASN D 60 14.72 6.35 -4.89
C ASN D 60 13.50 6.97 -4.19
N THR D 61 12.34 6.88 -4.84
CA THR D 61 11.09 7.29 -4.20
C THR D 61 10.36 6.06 -3.70
N GLN D 62 10.51 5.81 -2.40
CA GLN D 62 10.00 4.61 -1.77
C GLN D 62 9.61 4.89 -0.31
N PHE D 63 8.68 4.10 0.20
CA PHE D 63 8.10 4.31 1.52
C PHE D 63 9.11 4.40 2.65
N GLU D 64 8.91 5.41 3.50
CA GLU D 64 9.75 5.60 4.66
C GLU D 64 8.87 5.52 5.89
N ALA D 65 9.25 4.68 6.85
CA ALA D 65 8.46 4.50 8.06
C ALA D 65 8.73 5.63 9.06
N VAL D 66 7.70 6.04 9.80
CA VAL D 66 7.81 7.05 10.87
C VAL D 66 7.31 6.47 12.18
N GLY D 67 7.97 6.76 13.30
CA GLY D 67 7.46 6.24 14.56
C GLY D 67 6.25 7.07 15.00
N ARG D 68 5.16 6.41 15.41
CA ARG D 68 4.00 7.11 15.99
C ARG D 68 3.55 6.36 17.22
N GLU D 69 3.10 7.08 18.24
CA GLU D 69 2.72 6.44 19.49
C GLU D 69 1.21 6.53 19.76
N PHE D 70 0.69 5.56 20.51
CA PHE D 70 -0.75 5.50 20.77
C PHE D 70 -0.99 5.05 22.20
N ASN D 71 -2.04 5.56 22.85
CA ASN D 71 -2.29 5.12 24.23
C ASN D 71 -3.14 3.83 24.30
N ASN D 72 -3.52 3.46 25.51
CA ASN D 72 -4.07 2.13 25.72
C ASN D 72 -5.49 1.92 25.19
N LEU D 73 -6.21 3.00 24.88
CA LEU D 73 -7.54 2.88 24.30
C LEU D 73 -7.52 3.39 22.84
N GLU D 74 -6.36 3.30 22.20
CA GLU D 74 -6.19 3.53 20.79
C GLU D 74 -5.61 2.26 20.12
N ARG D 75 -6.03 1.07 20.58
CA ARG D 75 -5.43 -0.15 20.03
C ARG D 75 -5.80 -0.34 18.57
N ARG D 76 -7.00 0.06 18.18
CA ARG D 76 -7.43 -0.06 16.78
C ARG D 76 -6.57 0.76 15.82
N ILE D 77 -6.29 2.02 16.13
CA ILE D 77 -5.50 2.81 15.18
C ILE D 77 -4.01 2.48 15.31
N GLU D 78 -3.58 2.00 16.48
CA GLU D 78 -2.21 1.53 16.65
C GLU D 78 -1.93 0.36 15.69
N ASN D 79 -2.94 -0.51 15.59
CA ASN D 79 -2.91 -1.70 14.75
C ASN D 79 -3.00 -1.35 13.26
N LEU D 80 -3.84 -0.36 12.95
CA LEU D 80 -3.90 0.18 11.59
C LEU D 80 -2.53 0.72 11.14
N ASN D 81 -1.88 1.52 12.00
CA ASN D 81 -0.60 2.10 11.68
C ASN D 81 0.45 1.01 11.37
N LYS D 82 0.40 -0.06 12.16
CA LYS D 82 1.35 -1.17 12.02
C LYS D 82 1.16 -1.97 10.73
N LYS D 83 -0.09 -2.27 10.37
CA LYS D 83 -0.39 -3.02 9.16
C LYS D 83 -0.07 -2.25 7.88
N MET D 84 -0.25 -0.94 7.94
CA MET D 84 0.01 -0.09 6.81
C MET D 84 1.50 0.01 6.54
N GLU D 85 2.29 0.19 7.61
CA GLU D 85 3.73 0.32 7.47
C GLU D 85 4.39 -1.04 7.13
N ASP D 86 4.00 -2.12 7.81
CA ASP D 86 4.43 -3.47 7.44
C ASP D 86 3.98 -3.79 6.00
N GLY D 87 2.81 -3.30 5.63
CA GLY D 87 2.27 -3.55 4.32
C GLY D 87 3.12 -2.95 3.22
N PHE D 88 3.58 -1.71 3.39
CA PHE D 88 4.38 -1.07 2.35
C PHE D 88 5.79 -1.67 2.31
N LEU D 89 6.30 -2.15 3.44
CA LEU D 89 7.63 -2.71 3.45
C LEU D 89 7.66 -4.06 2.73
N ASP D 90 6.61 -4.87 2.84
CA ASP D 90 6.60 -6.15 2.13
C ASP D 90 6.47 -5.93 0.61
N VAL D 91 5.72 -4.90 0.23
CA VAL D 91 5.51 -4.54 -1.16
C VAL D 91 6.82 -4.11 -1.80
N TRP D 92 7.57 -3.23 -1.15
CA TRP D 92 8.83 -2.75 -1.74
C TRP D 92 10.00 -3.76 -1.62
N THR D 93 9.90 -4.70 -0.67
CA THR D 93 10.86 -5.78 -0.53
C THR D 93 10.62 -6.77 -1.65
N TYR D 94 9.35 -7.04 -1.93
CA TYR D 94 8.97 -7.88 -3.06
C TYR D 94 9.40 -7.26 -4.38
N ASN D 95 9.14 -5.96 -4.52
CA ASN D 95 9.47 -5.25 -5.74
C ASN D 95 10.96 -5.30 -6.02
N ALA D 96 11.77 -5.26 -4.96
CA ALA D 96 13.21 -5.16 -5.14
C ALA D 96 13.81 -6.54 -5.43
N GLU D 97 13.32 -7.57 -4.77
CA GLU D 97 13.81 -8.92 -5.01
C GLU D 97 13.43 -9.45 -6.40
N LEU D 98 12.19 -9.24 -6.82
CA LEU D 98 11.70 -9.74 -8.08
C LEU D 98 12.37 -9.05 -9.26
N LEU D 99 12.70 -7.78 -9.10
CA LEU D 99 13.31 -7.01 -10.19
C LEU D 99 14.77 -7.43 -10.44
N VAL D 100 15.47 -7.75 -9.37
CA VAL D 100 16.83 -8.26 -9.40
C VAL D 100 16.85 -9.72 -9.92
N LEU D 101 15.87 -10.52 -9.49
CA LEU D 101 15.71 -11.89 -9.96
C LEU D 101 15.47 -11.93 -11.47
N MET D 102 14.65 -11.00 -11.94
CA MET D 102 14.30 -10.93 -13.34
C MET D 102 15.44 -10.40 -14.20
N GLU D 103 16.10 -9.36 -13.74
CA GLU D 103 17.11 -8.71 -14.58
C GLU D 103 18.46 -9.42 -14.52
N ASN D 104 18.65 -10.28 -13.54
CA ASN D 104 19.82 -11.16 -13.56
C ASN D 104 19.73 -12.10 -14.76
N GLU D 105 18.58 -12.77 -14.87
CA GLU D 105 18.38 -13.76 -15.90
C GLU D 105 18.53 -13.15 -17.29
N ARG D 106 18.09 -11.89 -17.45
CA ARG D 106 18.17 -11.22 -18.74
C ARG D 106 19.59 -10.73 -19.01
N THR D 107 20.33 -10.44 -17.95
CA THR D 107 21.72 -10.02 -18.06
C THR D 107 22.59 -11.17 -18.56
N LEU D 108 22.30 -12.38 -18.07
CA LEU D 108 23.03 -13.56 -18.53
C LEU D 108 22.71 -13.90 -19.99
N ASP D 109 21.45 -13.73 -20.38
CA ASP D 109 21.04 -13.98 -21.75
C ASP D 109 21.48 -12.86 -22.70
N PHE D 110 21.84 -11.70 -22.16
CA PHE D 110 22.32 -10.57 -22.97
C PHE D 110 23.73 -10.87 -23.42
N HIS D 111 24.52 -11.49 -22.54
CA HIS D 111 25.86 -11.95 -22.89
C HIS D 111 25.83 -13.10 -23.90
N ASP D 112 24.91 -14.04 -23.71
CA ASP D 112 24.78 -15.19 -24.60
C ASP D 112 24.42 -14.74 -26.03
N SER D 113 23.49 -13.79 -26.13
CA SER D 113 23.08 -13.23 -27.41
C SER D 113 24.23 -12.49 -28.09
N ASN D 114 25.08 -11.88 -27.28
CA ASN D 114 26.16 -11.05 -27.82
C ASN D 114 27.29 -11.88 -28.39
N VAL D 115 27.49 -13.08 -27.81
CA VAL D 115 28.48 -14.02 -28.33
C VAL D 115 28.01 -14.63 -29.66
N LYS D 116 26.75 -15.08 -29.68
CA LYS D 116 26.20 -15.69 -30.89
C LYS D 116 26.20 -14.70 -32.04
N ASN D 117 25.88 -13.43 -31.77
CA ASN D 117 25.86 -12.44 -32.83
C ASN D 117 27.27 -12.17 -33.35
N LEU D 118 28.25 -12.32 -32.47
CA LEU D 118 29.65 -12.16 -32.85
C LEU D 118 30.12 -13.35 -33.71
N TYR D 119 29.72 -14.56 -33.32
CA TYR D 119 30.03 -15.74 -34.10
C TYR D 119 29.45 -15.66 -35.51
N ASP D 120 28.19 -15.24 -35.59
CA ASP D 120 27.52 -15.10 -36.87
C ASP D 120 28.15 -13.94 -37.65
N LYS D 121 28.84 -13.04 -36.94
CA LYS D 121 29.45 -11.87 -37.58
C LYS D 121 30.62 -12.29 -38.48
N VAL D 122 31.37 -13.30 -38.08
CA VAL D 122 32.48 -13.79 -38.90
C VAL D 122 32.01 -14.89 -39.86
N ARG D 123 31.07 -15.73 -39.42
CA ARG D 123 30.54 -16.79 -40.27
C ARG D 123 29.81 -16.28 -41.53
N LEU D 124 29.15 -15.13 -41.43
CA LEU D 124 28.42 -14.58 -42.58
C LEU D 124 29.38 -13.90 -43.55
N GLN D 125 30.60 -13.65 -43.07
CA GLN D 125 31.62 -12.95 -43.84
C GLN D 125 32.52 -13.92 -44.61
N LEU D 126 32.81 -15.07 -43.99
CA LEU D 126 33.71 -16.06 -44.57
C LEU D 126 33.06 -16.97 -45.61
N ARG D 127 31.92 -17.55 -45.24
CA ARG D 127 31.24 -18.59 -46.04
C ARG D 127 32.17 -19.77 -46.31
N ASP D 128 32.30 -20.11 -47.60
CA ASP D 128 33.09 -21.28 -48.02
C ASP D 128 34.61 -21.03 -48.16
N ASN D 129 35.11 -19.94 -47.58
CA ASN D 129 36.56 -19.72 -47.46
C ASN D 129 37.07 -20.33 -46.17
N ALA D 130 36.15 -20.91 -45.39
CA ALA D 130 36.48 -21.60 -44.16
C ALA D 130 35.43 -22.66 -43.85
N LYS D 131 35.75 -23.53 -42.90
CA LYS D 131 34.80 -24.56 -42.48
C LYS D 131 34.44 -24.44 -40.99
N GLU D 132 33.16 -24.66 -40.67
CA GLU D 132 32.71 -24.68 -39.28
C GLU D 132 33.09 -26.02 -38.68
N LEU D 133 34.00 -25.97 -37.73
CA LEU D 133 34.47 -27.18 -37.07
C LEU D 133 33.43 -27.70 -36.07
N GLY D 134 32.59 -26.80 -35.57
CA GLY D 134 31.48 -27.15 -34.70
C GLY D 134 31.70 -26.85 -33.22
N ASN D 135 32.71 -26.03 -32.96
CA ASN D 135 33.05 -25.66 -31.60
C ASN D 135 33.33 -24.17 -31.47
N GLY D 136 32.95 -23.41 -32.49
CA GLY D 136 33.15 -21.98 -32.49
C GLY D 136 34.35 -21.58 -33.31
N CYS D 137 35.07 -22.59 -33.81
CA CYS D 137 36.33 -22.33 -34.54
C CYS D 137 36.16 -22.42 -36.05
N PHE D 138 36.86 -21.55 -36.77
CA PHE D 138 36.84 -21.55 -38.22
C PHE D 138 38.22 -21.86 -38.81
N GLU D 139 38.31 -22.95 -39.55
CA GLU D 139 39.55 -23.36 -40.25
C GLU D 139 39.55 -22.93 -41.70
N PHE D 140 40.48 -22.04 -42.07
CA PHE D 140 40.46 -21.47 -43.42
C PHE D 140 40.88 -22.50 -44.49
N TYR D 141 40.48 -22.23 -45.74
CA TYR D 141 40.82 -23.06 -46.90
C TYR D 141 41.98 -22.38 -47.59
N HIS D 142 42.53 -21.41 -46.88
CA HIS D 142 43.72 -20.72 -47.29
C HIS D 142 44.48 -20.36 -46.03
N ARG D 143 45.55 -19.58 -46.18
CA ARG D 143 46.28 -19.12 -45.02
C ARG D 143 46.03 -17.66 -44.80
N CYS D 144 45.91 -17.31 -43.52
CA CYS D 144 45.59 -15.95 -43.15
C CYS D 144 46.66 -15.41 -42.20
N ASP D 145 47.33 -14.35 -42.65
CA ASP D 145 48.39 -13.74 -41.86
C ASP D 145 47.80 -12.97 -40.68
N ASN D 146 48.58 -12.04 -40.14
CA ASN D 146 48.07 -11.16 -39.09
C ASN D 146 47.68 -9.79 -39.66
N GLU D 147 46.98 -9.82 -40.79
CA GLU D 147 46.41 -8.62 -41.41
C GLU D 147 45.12 -9.02 -42.13
N CYS D 148 44.96 -10.33 -42.29
CA CYS D 148 43.71 -10.90 -42.76
C CYS D 148 42.78 -10.99 -41.55
N MET D 149 43.30 -11.58 -40.47
CA MET D 149 42.60 -11.72 -39.19
C MET D 149 41.96 -10.40 -38.73
N GLU D 150 42.65 -9.29 -38.92
CA GLU D 150 42.14 -7.97 -38.54
C GLU D 150 40.96 -7.51 -39.36
N SER D 151 40.95 -7.86 -40.63
CA SER D 151 39.91 -7.41 -41.56
C SER D 151 38.54 -8.03 -41.23
N VAL D 152 38.54 -9.17 -40.54
CA VAL D 152 37.29 -9.79 -40.15
C VAL D 152 36.81 -9.13 -38.84
N ARG D 153 37.77 -8.79 -37.98
CA ARG D 153 37.46 -8.20 -36.67
C ARG D 153 36.98 -6.75 -36.77
N ASN D 154 37.32 -6.05 -37.85
CA ASN D 154 36.77 -4.73 -38.07
C ASN D 154 35.73 -4.82 -39.20
N GLY D 155 35.42 -6.04 -39.60
CA GLY D 155 34.39 -6.30 -40.58
C GLY D 155 34.61 -5.72 -41.97
N THR D 156 35.79 -5.94 -42.54
CA THR D 156 36.12 -5.47 -43.89
C THR D 156 36.59 -6.59 -44.84
N TYR D 157 36.79 -7.79 -44.28
CA TYR D 157 37.26 -8.99 -45.01
C TYR D 157 36.74 -9.08 -46.44
N ASP D 158 37.66 -8.88 -47.39
CA ASP D 158 37.33 -8.89 -48.82
C ASP D 158 37.23 -10.34 -49.30
N TYR D 159 36.01 -10.78 -49.54
CA TYR D 159 35.76 -12.20 -49.84
C TYR D 159 36.30 -12.64 -51.22
N PRO D 160 35.88 -11.96 -52.32
CA PRO D 160 36.26 -12.47 -53.65
C PRO D 160 37.77 -12.47 -53.91
N GLN D 161 38.51 -11.66 -53.16
CA GLN D 161 39.96 -11.55 -53.33
C GLN D 161 40.71 -12.79 -52.84
N TYR D 162 40.01 -13.71 -52.16
CA TYR D 162 40.68 -14.90 -51.64
C TYR D 162 39.89 -16.16 -51.92
N SER D 163 38.79 -15.99 -52.66
CA SER D 163 37.87 -17.06 -52.98
C SER D 163 38.47 -18.21 -53.81
N GLU D 164 39.42 -17.88 -54.70
CA GLU D 164 39.97 -18.84 -55.66
C GLU D 164 40.91 -19.84 -54.96
N GLU D 165 41.87 -19.31 -54.18
CA GLU D 165 42.80 -20.12 -53.42
C GLU D 165 42.09 -21.12 -52.53
N ALA D 166 41.01 -20.66 -51.89
CA ALA D 166 40.16 -21.49 -51.05
C ALA D 166 39.44 -22.55 -51.90
N ARG D 167 38.83 -22.11 -53.00
CA ARG D 167 38.11 -22.99 -53.91
C ARG D 167 39.02 -24.10 -54.47
N LEU D 168 40.25 -23.73 -54.81
CA LEU D 168 41.26 -24.70 -55.29
C LEU D 168 41.61 -25.73 -54.20
N LYS D 169 41.85 -25.24 -52.99
CA LYS D 169 42.29 -26.03 -51.85
C LYS D 169 41.21 -27.03 -51.42
N ARG D 170 39.95 -26.60 -51.55
CA ARG D 170 38.79 -27.39 -51.19
C ARG D 170 38.45 -28.49 -52.22
N GLU D 171 38.78 -28.25 -53.48
CA GLU D 171 38.66 -29.26 -54.55
C GLU D 171 39.78 -30.30 -54.41
N GLU D 172 40.94 -29.86 -53.93
CA GLU D 172 42.07 -30.75 -53.66
C GLU D 172 41.71 -31.75 -52.57
N ILE D 173 40.92 -31.27 -51.62
CA ILE D 173 40.42 -32.11 -50.54
C ILE D 173 39.26 -32.98 -51.05
N SER D 174 38.52 -32.45 -52.03
CA SER D 174 37.37 -33.18 -52.60
C SER D 174 37.77 -34.09 -53.78
N GLY D 175 38.99 -34.63 -53.73
CA GLY D 175 39.47 -35.52 -54.77
C GLY D 175 40.10 -36.78 -54.21
N ASP E 2 28.10 -10.93 -64.16
CA ASP E 2 27.45 -9.75 -63.62
C ASP E 2 26.59 -10.10 -62.40
N PRO E 3 26.23 -9.09 -61.60
CA PRO E 3 25.13 -9.27 -60.64
C PRO E 3 23.88 -9.85 -61.33
N GLY E 4 23.30 -10.91 -60.76
CA GLY E 4 22.09 -11.51 -61.30
C GLY E 4 20.83 -10.96 -60.65
N ASP E 5 19.82 -11.80 -60.48
CA ASP E 5 18.59 -11.35 -59.84
C ASP E 5 18.70 -11.49 -58.34
N GLN E 6 18.08 -10.55 -57.63
CA GLN E 6 18.11 -10.52 -56.18
C GLN E 6 16.74 -10.41 -55.54
N ILE E 7 16.71 -10.67 -54.24
CA ILE E 7 15.56 -10.36 -53.41
C ILE E 7 16.13 -10.10 -52.02
N CYS E 8 15.66 -9.02 -51.39
CA CYS E 8 16.21 -8.61 -50.10
C CYS E 8 15.13 -8.37 -49.04
N ILE E 9 15.50 -8.59 -47.78
CA ILE E 9 14.59 -8.39 -46.65
C ILE E 9 15.00 -7.16 -45.84
N GLY E 10 14.02 -6.32 -45.50
CA GLY E 10 14.28 -5.10 -44.75
C GLY E 10 13.04 -4.55 -44.07
N TYR E 11 13.19 -3.42 -43.40
CA TYR E 11 12.12 -2.86 -42.56
C TYR E 11 11.82 -1.40 -42.82
N HIS E 12 10.75 -0.91 -42.20
CA HIS E 12 10.23 0.45 -42.41
C HIS E 12 11.09 1.58 -41.81
N ALA E 13 11.13 2.71 -42.51
CA ALA E 13 11.72 3.94 -41.96
C ALA E 13 10.90 5.17 -42.38
N ASN E 14 11.08 6.27 -41.66
CA ASN E 14 10.39 7.53 -41.93
C ASN E 14 11.20 8.72 -41.43
N ASN E 15 10.55 9.87 -41.34
CA ASN E 15 11.20 11.10 -40.84
C ASN E 15 10.73 11.49 -39.45
N SER E 16 10.30 10.51 -38.67
CA SER E 16 9.75 10.76 -37.34
C SER E 16 10.83 11.18 -36.35
N THR E 17 10.40 11.84 -35.27
CA THR E 17 11.32 12.34 -34.27
C THR E 17 10.91 11.88 -32.86
N GLU E 18 9.92 10.99 -32.79
CA GLU E 18 9.45 10.47 -31.52
C GLU E 18 10.54 9.65 -30.81
N GLN E 19 10.60 9.80 -29.48
CA GLN E 19 11.60 9.10 -28.68
C GLN E 19 10.92 8.29 -27.58
N VAL E 20 11.50 7.15 -27.28
CA VAL E 20 10.99 6.26 -26.27
C VAL E 20 12.13 5.89 -25.30
N ASP E 21 11.82 5.46 -24.08
CA ASP E 21 12.86 5.05 -23.14
C ASP E 21 12.78 3.56 -22.86
N THR E 22 13.92 2.98 -22.48
CA THR E 22 14.01 1.55 -22.18
C THR E 22 14.80 1.44 -20.87
N ILE E 23 14.90 0.24 -20.31
CA ILE E 23 15.63 0.05 -19.06
C ILE E 23 17.17 0.04 -19.30
N MET E 24 17.58 -0.25 -20.53
CA MET E 24 18.99 -0.33 -20.91
C MET E 24 19.44 0.89 -21.71
N GLU E 25 18.48 1.67 -22.19
CA GLU E 25 18.77 2.73 -23.15
C GLU E 25 17.70 3.82 -23.21
N LYS E 26 18.13 5.08 -23.20
CA LYS E 26 17.23 6.23 -23.22
C LYS E 26 17.16 6.93 -24.58
N ASN E 27 16.07 7.67 -24.79
CA ASN E 27 15.87 8.47 -25.99
C ASN E 27 16.08 7.69 -27.29
N VAL E 28 15.35 6.61 -27.45
CA VAL E 28 15.44 5.80 -28.65
C VAL E 28 14.44 6.29 -29.68
N THR E 29 14.95 6.70 -30.83
CA THR E 29 14.06 7.26 -31.85
C THR E 29 13.32 6.14 -32.54
N VAL E 30 12.04 6.35 -32.78
CA VAL E 30 11.17 5.28 -33.26
C VAL E 30 10.26 5.80 -34.36
N THR E 31 9.76 4.88 -35.18
CA THR E 31 8.92 5.21 -36.31
C THR E 31 7.52 5.63 -35.85
N HIS E 32 7.02 4.92 -34.83
CA HIS E 32 5.70 5.19 -34.26
C HIS E 32 5.70 5.06 -32.73
N ALA E 33 5.05 6.00 -32.05
CA ALA E 33 4.92 5.97 -30.60
C ALA E 33 3.53 6.46 -30.20
N GLN E 34 3.10 6.14 -28.98
CA GLN E 34 1.79 6.58 -28.49
C GLN E 34 1.88 7.24 -27.11
N ASP E 35 1.46 8.49 -27.02
CA ASP E 35 1.37 9.22 -25.75
C ASP E 35 0.17 8.72 -24.93
N ILE E 36 0.36 8.52 -23.63
CA ILE E 36 -0.74 8.06 -22.78
C ILE E 36 -0.94 8.91 -21.53
N LEU E 37 -0.36 10.12 -21.51
CA LEU E 37 -0.45 11.01 -20.37
C LEU E 37 -1.05 12.37 -20.72
N GLU E 38 -2.24 12.66 -20.19
CA GLU E 38 -2.88 13.96 -20.37
C GLU E 38 -2.25 15.01 -19.45
N LYS E 39 -1.82 16.13 -20.03
CA LYS E 39 -1.04 17.14 -19.31
C LYS E 39 -1.66 18.53 -19.35
N THR E 40 -2.91 18.62 -19.83
CA THR E 40 -3.54 19.92 -20.04
C THR E 40 -4.91 20.02 -19.36
N HIS E 41 -5.22 21.19 -18.82
CA HIS E 41 -6.55 21.46 -18.23
C HIS E 41 -7.04 22.83 -18.69
N ASN E 42 -8.33 23.12 -18.53
CA ASN E 42 -8.86 24.39 -19.04
C ASN E 42 -8.90 25.56 -18.06
N GLY E 43 -8.49 25.34 -16.80
CA GLY E 43 -8.41 26.42 -15.83
C GLY E 43 -9.73 27.03 -15.36
N LYS E 44 -10.83 26.31 -15.55
CA LYS E 44 -12.11 26.84 -15.13
C LYS E 44 -12.89 25.85 -14.27
N LEU E 45 -13.91 26.36 -13.57
CA LEU E 45 -14.84 25.55 -12.80
C LEU E 45 -16.15 25.39 -13.59
N CYS E 46 -16.51 24.15 -13.91
CA CYS E 46 -17.62 23.86 -14.81
C CYS E 46 -18.70 23.02 -14.18
N ASN E 47 -19.80 22.83 -14.90
CA ASN E 47 -20.81 21.85 -14.49
C ASN E 47 -20.25 20.45 -14.62
N LEU E 48 -20.78 19.53 -13.83
CA LEU E 48 -20.42 18.12 -13.97
C LEU E 48 -21.57 17.44 -14.66
N ASP E 49 -21.35 16.95 -15.88
CA ASP E 49 -22.45 16.58 -16.78
C ASP E 49 -23.39 17.77 -16.91
N GLY E 50 -24.66 17.60 -16.55
CA GLY E 50 -25.54 18.73 -16.65
C GLY E 50 -25.59 19.66 -15.44
N VAL E 51 -25.01 19.22 -14.33
CA VAL E 51 -25.37 19.77 -13.02
C VAL E 51 -24.40 20.86 -12.55
N LYS E 52 -24.94 22.00 -12.14
CA LYS E 52 -24.15 23.13 -11.67
C LYS E 52 -23.66 22.93 -10.22
N PRO E 53 -22.40 23.32 -9.95
CA PRO E 53 -21.91 23.20 -8.58
C PRO E 53 -22.47 24.26 -7.62
N LEU E 54 -22.50 23.95 -6.31
CA LEU E 54 -22.78 24.96 -5.31
C LEU E 54 -21.49 25.71 -5.02
N ILE E 55 -21.38 26.93 -5.54
CA ILE E 55 -20.17 27.71 -5.34
C ILE E 55 -20.44 28.76 -4.27
N LEU E 56 -19.97 28.43 -3.06
CA LEU E 56 -20.01 29.38 -1.95
C LEU E 56 -18.99 30.43 -2.36
N ARG E 57 -19.16 31.67 -1.92
CA ARG E 57 -18.20 32.68 -2.38
C ARG E 57 -17.16 32.90 -1.33
N ASP E 58 -17.48 33.83 -0.46
CA ASP E 58 -16.68 34.17 0.68
C ASP E 58 -17.39 33.62 1.90
N CYS E 59 -18.27 32.64 1.69
CA CYS E 59 -18.96 32.00 2.79
C CYS E 59 -18.35 30.63 2.98
N SER E 60 -18.29 30.17 4.24
CA SER E 60 -17.84 28.82 4.56
C SER E 60 -19.08 27.95 4.70
N VAL E 61 -18.89 26.63 4.84
CA VAL E 61 -20.01 25.70 5.02
C VAL E 61 -20.82 26.00 6.27
N ALA E 62 -20.13 26.32 7.36
CA ALA E 62 -20.84 26.67 8.58
C ALA E 62 -21.65 27.93 8.37
N GLY E 63 -21.07 28.91 7.67
CA GLY E 63 -21.77 30.17 7.42
C GLY E 63 -23.06 29.91 6.65
N TRP E 64 -22.94 29.13 5.57
CA TRP E 64 -24.09 28.72 4.79
C TRP E 64 -25.13 27.99 5.69
N LEU E 65 -24.75 26.93 6.39
CA LEU E 65 -25.75 26.12 7.12
C LEU E 65 -26.41 26.79 8.31
N LEU E 66 -25.65 27.61 9.03
CA LEU E 66 -26.19 28.33 10.17
C LEU E 66 -26.95 29.58 9.69
N GLY E 67 -26.55 30.11 8.53
CA GLY E 67 -27.25 31.25 7.98
C GLY E 67 -26.71 32.57 8.50
N ASN E 68 -25.40 32.73 8.36
CA ASN E 68 -24.77 34.02 8.55
C ASN E 68 -25.55 34.99 7.69
N PRO E 69 -26.00 36.11 8.28
CA PRO E 69 -26.80 37.12 7.56
C PRO E 69 -26.09 37.64 6.29
N MET E 70 -24.78 37.44 6.18
CA MET E 70 -24.05 37.86 4.99
C MET E 70 -23.95 36.79 3.90
N CYS E 71 -24.67 35.68 4.07
CA CYS E 71 -24.63 34.57 3.13
C CYS E 71 -26.04 34.32 2.59
N ASP E 72 -26.84 35.37 2.57
CA ASP E 72 -28.26 35.24 2.24
C ASP E 72 -28.49 34.77 0.79
N GLU E 73 -27.43 34.77 -0.03
CA GLU E 73 -27.50 34.19 -1.36
C GLU E 73 -27.90 32.71 -1.32
N PHE E 74 -27.51 32.06 -0.23
CA PHE E 74 -27.62 30.62 -0.10
C PHE E 74 -28.73 30.18 0.82
N LEU E 75 -29.72 31.03 1.04
CA LEU E 75 -30.79 30.63 1.93
C LEU E 75 -31.54 29.42 1.37
N ASN E 76 -31.58 29.31 0.05
CA ASN E 76 -32.25 28.17 -0.57
C ASN E 76 -31.62 27.76 -1.90
N VAL E 77 -30.69 26.81 -1.81
CA VAL E 77 -29.93 26.41 -2.98
C VAL E 77 -30.59 25.20 -3.67
N PRO E 78 -30.40 25.07 -4.99
CA PRO E 78 -30.84 23.92 -5.79
C PRO E 78 -29.84 22.75 -5.72
N GLU E 79 -30.23 21.60 -6.27
CA GLU E 79 -29.39 20.42 -6.37
C GLU E 79 -28.00 20.77 -6.95
N TRP E 80 -26.94 20.19 -6.39
CA TRP E 80 -25.55 20.47 -6.83
C TRP E 80 -24.77 19.19 -7.21
N SER E 81 -23.65 19.35 -7.91
CA SER E 81 -22.80 18.25 -8.40
C SER E 81 -21.56 18.09 -7.54
N TYR E 82 -21.08 19.22 -7.01
CA TYR E 82 -20.02 19.25 -6.00
C TYR E 82 -20.06 20.62 -5.30
N ILE E 83 -19.22 20.81 -4.28
CA ILE E 83 -19.21 22.05 -3.50
C ILE E 83 -17.85 22.72 -3.58
N VAL E 84 -17.86 24.03 -3.80
CA VAL E 84 -16.61 24.79 -3.88
C VAL E 84 -16.57 25.78 -2.71
N GLU E 85 -15.48 25.73 -1.97
CA GLU E 85 -15.29 26.50 -0.76
C GLU E 85 -13.88 27.06 -0.86
N LYS E 86 -13.69 28.29 -0.40
CA LYS E 86 -12.36 28.89 -0.43
C LYS E 86 -11.50 28.37 0.71
N ILE E 87 -10.19 28.61 0.64
CA ILE E 87 -9.28 28.12 1.66
C ILE E 87 -9.54 28.80 3.00
N ASN E 88 -9.71 30.12 3.00
CA ASN E 88 -9.94 30.87 4.24
C ASN E 88 -11.15 31.81 4.08
N PRO E 89 -12.37 31.22 4.06
CA PRO E 89 -13.61 31.96 3.77
C PRO E 89 -13.81 33.15 4.71
N ALA E 90 -14.47 34.23 4.28
CA ALA E 90 -14.56 35.41 5.15
C ALA E 90 -15.78 35.37 6.04
N ASN E 91 -16.87 34.86 5.51
CA ASN E 91 -18.10 34.83 6.27
C ASN E 91 -18.36 33.47 6.86
N ASP E 92 -17.94 33.29 8.12
CA ASP E 92 -18.02 32.00 8.80
C ASP E 92 -18.91 32.14 10.04
N LEU E 93 -18.36 31.81 11.19
CA LEU E 93 -19.05 32.09 12.43
C LEU E 93 -18.86 33.58 12.75
N CYS E 94 -19.91 34.39 12.57
CA CYS E 94 -19.77 35.84 12.78
C CYS E 94 -19.65 36.16 14.27
N TYR E 95 -20.45 35.50 15.09
CA TYR E 95 -20.26 35.51 16.53
C TYR E 95 -19.21 34.45 16.88
N PRO E 96 -18.16 34.85 17.63
CA PRO E 96 -17.05 33.95 17.92
C PRO E 96 -17.46 32.66 18.66
N GLY E 97 -16.74 31.58 18.34
CA GLY E 97 -17.02 30.30 18.98
C GLY E 97 -16.54 29.10 18.17
N ASN E 98 -17.25 27.99 18.28
CA ASN E 98 -16.86 26.77 17.56
C ASN E 98 -18.03 25.86 17.14
N PHE E 99 -17.74 25.02 16.16
CA PHE E 99 -18.72 24.10 15.58
C PHE E 99 -18.33 22.65 15.86
N ASN E 100 -19.07 22.01 16.75
CA ASN E 100 -18.80 20.66 17.20
C ASN E 100 -18.85 19.54 16.13
N ASP E 101 -17.83 18.67 16.12
CA ASP E 101 -17.72 17.57 15.17
C ASP E 101 -17.85 18.04 13.75
N TYR E 102 -17.30 19.22 13.49
CA TYR E 102 -17.42 19.84 12.18
C TYR E 102 -16.89 18.96 11.04
N GLU E 103 -15.72 18.33 11.22
CA GLU E 103 -15.07 17.58 10.14
C GLU E 103 -15.84 16.27 9.84
N GLU E 104 -16.50 15.70 10.86
CA GLU E 104 -17.38 14.55 10.62
C GLU E 104 -18.62 14.95 9.81
N LEU E 105 -19.15 16.16 10.10
CA LEU E 105 -20.29 16.70 9.34
C LEU E 105 -19.91 16.99 7.90
N LYS E 106 -18.71 17.56 7.70
CA LYS E 106 -18.26 17.86 6.37
C LYS E 106 -18.13 16.54 5.61
N HIS E 107 -17.70 15.48 6.29
CA HIS E 107 -17.56 14.19 5.62
C HIS E 107 -18.93 13.63 5.21
N LEU E 108 -19.93 13.81 6.07
CA LEU E 108 -21.32 13.43 5.81
C LEU E 108 -21.90 14.10 4.56
N LEU E 109 -21.51 15.36 4.38
CA LEU E 109 -21.96 16.21 3.29
C LEU E 109 -21.43 15.71 1.93
N SER E 110 -20.42 14.87 1.93
CA SER E 110 -19.89 14.42 0.65
C SER E 110 -20.66 13.21 0.17
N ARG E 111 -21.78 12.93 0.81
CA ARG E 111 -22.67 11.88 0.32
C ARG E 111 -24.04 12.45 0.00
N ILE E 112 -24.11 13.77 -0.12
CA ILE E 112 -25.36 14.54 -0.32
C ILE E 112 -25.28 15.49 -1.54
N ASN E 113 -26.36 15.52 -2.34
CA ASN E 113 -26.46 16.38 -3.54
C ASN E 113 -27.53 17.49 -3.44
N HIS E 114 -28.50 17.33 -2.54
CA HIS E 114 -29.59 18.30 -2.41
C HIS E 114 -30.27 18.36 -1.04
N PHE E 115 -30.37 19.58 -0.51
CA PHE E 115 -31.11 19.91 0.71
C PHE E 115 -32.41 20.62 0.39
N GLU E 116 -33.40 20.47 1.26
CA GLU E 116 -34.63 21.29 1.18
C GLU E 116 -34.91 21.93 2.54
N LYS E 117 -34.76 23.26 2.65
CA LYS E 117 -34.92 23.88 3.98
C LYS E 117 -36.38 23.98 4.45
N ILE E 118 -36.67 23.63 5.71
CA ILE E 118 -38.01 23.90 6.25
C ILE E 118 -37.99 24.59 7.62
N GLN E 119 -39.09 25.28 7.96
CA GLN E 119 -39.17 25.95 9.26
C GLN E 119 -39.81 24.98 10.22
N ILE E 120 -39.18 24.76 11.37
CA ILE E 120 -39.70 23.80 12.37
C ILE E 120 -40.21 24.51 13.64
N THR E 121 -39.67 25.68 13.94
CA THR E 121 -40.19 26.48 15.05
C THR E 121 -40.34 27.94 14.59
N PRO E 122 -41.60 28.41 14.50
CA PRO E 122 -41.96 29.78 14.14
C PRO E 122 -41.45 30.80 15.20
N LYS E 123 -40.93 31.92 14.72
CA LYS E 123 -40.35 32.93 15.62
C LYS E 123 -41.38 33.51 16.60
N ASN E 124 -42.65 33.34 16.27
CA ASN E 124 -43.76 33.85 17.06
C ASN E 124 -44.36 32.80 17.96
N SER E 125 -43.55 31.82 18.33
CA SER E 125 -44.02 30.74 19.19
C SER E 125 -43.45 30.92 20.60
N TRP E 126 -42.51 31.85 20.76
CA TRP E 126 -41.91 32.11 22.06
C TRP E 126 -42.66 33.23 22.77
N SER E 127 -43.58 32.84 23.64
CA SER E 127 -44.51 33.79 24.23
C SER E 127 -44.13 34.25 25.64
N ASP E 128 -43.13 33.62 26.24
CA ASP E 128 -42.68 33.99 27.57
C ASP E 128 -41.19 34.37 27.57
N HIS E 129 -40.63 34.48 26.36
CA HIS E 129 -39.23 34.87 26.21
C HIS E 129 -39.11 35.89 25.07
N GLU E 130 -38.03 36.66 25.06
CA GLU E 130 -37.76 37.58 23.97
C GLU E 130 -36.96 36.86 22.90
N ALA E 131 -37.53 36.70 21.72
CA ALA E 131 -36.85 35.93 20.68
C ALA E 131 -36.39 36.87 19.60
N SER E 132 -35.55 37.83 19.96
CA SER E 132 -35.10 38.84 19.04
C SER E 132 -33.65 39.23 19.31
N GLY E 133 -32.88 38.30 19.88
CA GLY E 133 -31.48 38.56 20.18
C GLY E 133 -30.62 38.89 18.97
N VAL E 134 -29.69 39.81 19.17
CA VAL E 134 -29.04 40.47 18.04
C VAL E 134 -27.64 40.94 18.48
N SER E 135 -26.72 41.10 17.53
CA SER E 135 -25.36 41.50 17.87
C SER E 135 -24.69 42.36 16.79
N SER E 136 -23.81 43.25 17.22
CA SER E 136 -23.14 44.13 16.28
C SER E 136 -22.08 43.37 15.46
N ALA E 137 -21.73 42.17 15.91
CA ALA E 137 -20.78 41.34 15.17
C ALA E 137 -21.45 40.63 14.00
N CYS E 138 -22.77 40.63 14.01
CA CYS E 138 -23.51 40.00 12.93
C CYS E 138 -24.44 41.02 12.27
N PRO E 139 -23.86 41.91 11.43
CA PRO E 139 -24.64 42.98 10.80
C PRO E 139 -25.47 42.52 9.59
N TYR E 140 -26.58 43.20 9.28
CA TYR E 140 -27.36 42.88 8.10
C TYR E 140 -27.39 44.04 7.09
N GLN E 141 -28.34 44.95 7.26
CA GLN E 141 -28.42 46.09 6.35
C GLN E 141 -28.25 47.38 7.11
N GLY E 142 -27.07 47.53 7.70
CA GLY E 142 -26.73 48.71 8.48
C GLY E 142 -27.13 48.62 9.94
N ARG E 143 -27.80 47.53 10.29
CA ARG E 143 -28.24 47.31 11.66
C ARG E 143 -27.71 45.97 12.22
N SER E 144 -27.81 45.79 13.54
CA SER E 144 -27.34 44.58 14.16
C SER E 144 -28.32 43.39 13.96
N SER E 145 -27.75 42.22 13.70
CA SER E 145 -28.54 41.04 13.31
C SER E 145 -28.03 39.75 13.99
N PHE E 146 -28.31 38.59 13.36
CA PHE E 146 -27.92 37.26 13.87
C PHE E 146 -28.13 36.12 12.84
N PHE E 147 -27.62 34.92 13.14
CA PHE E 147 -27.88 33.72 12.33
C PHE E 147 -29.38 33.45 12.09
N ARG E 148 -29.75 33.13 10.86
CA ARG E 148 -31.17 33.05 10.57
C ARG E 148 -31.78 31.72 10.91
N ASN E 149 -30.97 30.68 11.09
CA ASN E 149 -31.58 29.36 11.24
C ASN E 149 -31.70 28.92 12.68
N VAL E 150 -31.11 29.73 13.57
CA VAL E 150 -31.23 29.49 14.99
C VAL E 150 -31.64 30.83 15.63
N VAL E 151 -32.32 30.75 16.76
CA VAL E 151 -32.87 31.96 17.38
C VAL E 151 -32.34 32.18 18.81
N TRP E 152 -31.90 33.41 19.08
CA TRP E 152 -31.38 33.81 20.40
C TRP E 152 -32.46 34.28 21.39
N LEU E 153 -32.87 33.39 22.29
CA LEU E 153 -33.87 33.69 23.34
C LEU E 153 -33.25 34.29 24.63
N THR E 154 -33.89 35.34 25.17
CA THR E 154 -33.47 36.01 26.41
C THR E 154 -34.66 36.22 27.36
N LYS E 155 -34.43 36.73 28.57
CA LYS E 155 -35.53 36.92 29.54
C LYS E 155 -36.56 37.97 29.09
N LYS E 156 -37.82 37.76 29.48
CA LYS E 156 -38.91 38.68 29.14
C LYS E 156 -39.57 39.21 30.39
N ASP E 157 -39.76 40.54 30.44
CA ASP E 157 -40.01 41.27 31.68
C ASP E 157 -38.77 41.01 32.53
N ASN E 158 -38.91 40.27 33.63
CA ASN E 158 -37.74 39.85 34.38
C ASN E 158 -37.70 38.38 34.69
N ALA E 159 -38.03 37.56 33.71
CA ALA E 159 -38.11 36.11 33.93
C ALA E 159 -37.67 35.28 32.72
N TYR E 160 -37.22 34.06 33.01
CA TYR E 160 -36.95 33.03 32.01
C TYR E 160 -37.45 31.66 32.49
N PRO E 161 -38.72 31.34 32.22
CA PRO E 161 -39.28 30.03 32.58
C PRO E 161 -38.55 28.86 31.91
N THR E 162 -38.73 27.67 32.48
CA THR E 162 -38.17 26.43 31.94
C THR E 162 -38.90 26.03 30.67
N ILE E 163 -38.13 25.81 29.59
CA ILE E 163 -38.67 25.43 28.30
C ILE E 163 -38.74 23.89 28.15
N LYS E 164 -39.90 23.34 27.79
CA LYS E 164 -40.02 21.91 27.46
C LYS E 164 -40.75 21.79 26.13
N ARG E 165 -39.97 21.50 25.11
CA ARG E 165 -40.45 21.54 23.76
C ARG E 165 -40.06 20.26 23.03
N SER E 166 -40.89 19.84 22.09
CA SER E 166 -40.62 18.61 21.39
C SER E 166 -40.95 18.82 19.91
N TYR E 167 -40.31 18.05 19.04
CA TYR E 167 -40.56 18.07 17.60
C TYR E 167 -40.48 16.63 17.06
N ASN E 168 -41.49 16.21 16.31
CA ASN E 168 -41.49 14.88 15.70
C ASN E 168 -41.25 15.01 14.20
N ASN E 169 -40.22 14.34 13.69
CA ASN E 169 -39.91 14.40 12.27
C ASN E 169 -40.86 13.56 11.43
N THR E 170 -41.98 14.17 11.07
CA THR E 170 -43.05 13.52 10.33
C THR E 170 -42.76 13.53 8.83
N ASN E 171 -41.56 13.98 8.46
CA ASN E 171 -41.17 13.95 7.07
C ASN E 171 -40.73 12.55 6.71
N GLN E 172 -40.71 12.27 5.40
CA GLN E 172 -40.29 10.99 4.88
C GLN E 172 -38.76 10.90 4.90
N GLU E 173 -38.14 12.05 4.67
CA GLU E 173 -36.68 12.13 4.57
C GLU E 173 -36.04 12.40 5.94
N ASP E 174 -34.74 12.20 6.05
CA ASP E 174 -34.03 12.49 7.30
C ASP E 174 -33.74 13.99 7.43
N LEU E 175 -33.60 14.46 8.69
CA LEU E 175 -33.39 15.90 9.00
C LEU E 175 -32.04 16.25 9.61
N LEU E 176 -31.38 17.28 9.06
CA LEU E 176 -30.21 17.85 9.76
C LEU E 176 -30.67 19.00 10.66
N VAL E 177 -30.61 18.78 11.98
CA VAL E 177 -31.07 19.77 12.96
C VAL E 177 -29.87 20.44 13.70
N LEU E 178 -29.89 21.77 13.83
CA LEU E 178 -28.77 22.52 14.40
C LEU E 178 -29.21 23.25 15.68
N TRP E 179 -28.31 23.38 16.65
CA TRP E 179 -28.61 24.17 17.84
C TRP E 179 -27.35 24.67 18.55
N GLY E 180 -27.53 25.54 19.55
CA GLY E 180 -26.38 26.18 20.16
C GLY E 180 -26.55 26.51 21.63
N ILE E 181 -25.42 26.92 22.23
CA ILE E 181 -25.37 27.36 23.62
C ILE E 181 -24.44 28.59 23.75
N HIS E 182 -24.83 29.54 24.60
CA HIS E 182 -24.05 30.76 24.82
C HIS E 182 -23.23 30.72 26.11
N HIS E 183 -21.94 30.96 25.98
CA HIS E 183 -21.02 31.08 27.13
C HIS E 183 -20.75 32.55 27.38
N PRO E 184 -21.38 33.10 28.42
CA PRO E 184 -21.21 34.51 28.82
C PRO E 184 -19.81 34.81 29.41
N ASN E 185 -19.59 36.07 29.78
CA ASN E 185 -18.31 36.56 30.35
C ASN E 185 -18.29 36.71 31.87
N ASP E 186 -19.45 36.97 32.47
CA ASP E 186 -19.52 37.08 33.92
C ASP E 186 -20.94 36.86 34.42
N ALA E 187 -21.09 36.69 35.74
CA ALA E 187 -22.37 36.33 36.35
C ALA E 187 -23.44 37.40 36.13
N THR E 188 -22.97 38.64 35.95
CA THR E 188 -23.83 39.81 35.82
C THR E 188 -24.50 39.85 34.45
N GLU E 189 -23.70 39.64 33.41
CA GLU E 189 -24.21 39.50 32.05
C GLU E 189 -25.17 38.31 31.97
N GLN E 190 -24.81 37.25 32.68
CA GLN E 190 -25.65 36.06 32.76
C GLN E 190 -27.04 36.41 33.33
N THR E 191 -27.09 37.38 34.21
CA THR E 191 -28.36 37.71 34.83
C THR E 191 -29.20 38.68 33.99
N ARG E 192 -28.55 39.60 33.27
CA ARG E 192 -29.31 40.55 32.47
C ARG E 192 -29.96 39.88 31.26
N LEU E 193 -29.34 38.80 30.77
CA LEU E 193 -29.86 38.13 29.57
C LEU E 193 -30.82 37.00 29.94
N TYR E 194 -30.48 36.21 30.95
CA TYR E 194 -31.26 34.98 31.17
C TYR E 194 -31.79 34.86 32.59
N GLN E 195 -31.41 35.81 33.44
CA GLN E 195 -31.90 35.93 34.83
C GLN E 195 -31.39 34.83 35.78
N ASN E 196 -31.61 33.56 35.44
CA ASN E 196 -31.13 32.47 36.31
C ASN E 196 -29.61 32.29 36.29
N PRO E 197 -29.01 32.14 37.49
CA PRO E 197 -27.55 32.06 37.62
C PRO E 197 -26.99 30.71 37.19
N THR E 198 -27.75 29.63 37.38
CA THR E 198 -27.28 28.27 37.10
C THR E 198 -28.19 27.53 36.09
N THR E 199 -27.70 27.36 34.87
CA THR E 199 -28.52 26.87 33.77
C THR E 199 -27.95 25.61 33.11
N TYR E 200 -28.75 24.99 32.25
CA TYR E 200 -28.41 23.75 31.56
C TYR E 200 -29.24 23.62 30.30
N ILE E 201 -28.81 22.76 29.39
CA ILE E 201 -29.60 22.42 28.20
C ILE E 201 -29.63 20.90 28.03
N SER E 202 -30.80 20.30 27.98
CA SER E 202 -30.88 18.86 27.70
C SER E 202 -31.43 18.59 26.30
N VAL E 203 -30.82 17.64 25.60
CA VAL E 203 -31.29 17.22 24.28
C VAL E 203 -31.35 15.69 24.19
N GLY E 204 -32.50 15.15 23.80
CA GLY E 204 -32.71 13.71 23.74
C GLY E 204 -33.36 13.21 22.44
N THR E 205 -32.98 12.00 22.05
CA THR E 205 -33.39 11.40 20.78
C THR E 205 -33.49 9.90 21.05
N SER E 206 -33.82 9.07 20.08
CA SER E 206 -33.75 7.63 20.32
C SER E 206 -32.32 7.10 20.55
N THR E 207 -31.32 7.83 20.08
CA THR E 207 -29.90 7.45 20.19
C THR E 207 -29.04 8.45 20.94
N LEU E 208 -29.53 9.69 21.06
CA LEU E 208 -28.78 10.80 21.69
C LEU E 208 -29.25 11.10 23.12
N ASN E 209 -28.30 11.31 24.03
CA ASN E 209 -28.60 11.66 25.42
C ASN E 209 -27.58 12.70 25.89
N GLN E 210 -27.84 13.98 25.58
CA GLN E 210 -26.88 15.08 25.76
C GLN E 210 -27.25 16.07 26.88
N LYS E 211 -26.24 16.62 27.55
CA LYS E 211 -26.46 17.65 28.58
C LYS E 211 -25.37 18.73 28.57
N LEU E 212 -25.75 19.98 28.32
CA LEU E 212 -24.78 21.06 28.23
C LEU E 212 -24.93 22.05 29.41
N VAL E 213 -23.81 22.59 29.87
CA VAL E 213 -23.80 23.57 30.96
C VAL E 213 -22.85 24.69 30.52
N PRO E 214 -23.27 25.97 30.70
CA PRO E 214 -22.45 27.11 30.24
C PRO E 214 -21.14 27.27 31.04
N LYS E 215 -20.11 27.77 30.37
CA LYS E 215 -18.86 28.05 31.03
C LYS E 215 -18.62 29.58 31.12
N ILE E 216 -18.89 30.16 32.28
CA ILE E 216 -18.81 31.61 32.47
C ILE E 216 -17.39 31.96 32.88
N ALA E 217 -16.69 32.76 32.07
CA ALA E 217 -15.24 32.99 32.27
C ALA E 217 -14.63 34.17 31.46
N THR E 218 -13.34 34.40 31.65
CA THR E 218 -12.62 35.55 31.12
C THR E 218 -11.77 35.16 29.90
N ARG E 219 -12.05 35.75 28.73
CA ARG E 219 -11.34 35.39 27.51
C ARG E 219 -10.95 36.61 26.70
N SER E 220 -10.01 36.40 25.79
CA SER E 220 -9.59 37.41 24.83
C SER E 220 -10.79 37.92 24.02
N LYS E 221 -10.67 39.10 23.43
CA LYS E 221 -11.71 39.66 22.57
C LYS E 221 -11.46 39.19 21.13
N VAL E 222 -12.50 38.69 20.48
CA VAL E 222 -12.42 38.34 19.05
C VAL E 222 -13.50 39.12 18.33
N LYS E 223 -13.10 39.93 17.35
CA LYS E 223 -14.01 40.90 16.70
C LYS E 223 -14.72 41.79 17.72
N GLY E 224 -14.00 42.17 18.78
CA GLY E 224 -14.52 43.05 19.81
C GLY E 224 -15.33 42.35 20.89
N LEU E 225 -15.54 41.05 20.74
CA LEU E 225 -16.31 40.27 21.72
C LEU E 225 -15.47 39.17 22.40
N SER E 226 -15.79 38.90 23.65
CA SER E 226 -15.14 37.85 24.39
C SER E 226 -16.15 36.78 24.77
N GLY E 227 -17.41 36.96 24.34
CA GLY E 227 -18.43 35.97 24.62
C GLY E 227 -18.27 34.85 23.61
N ARG E 228 -18.88 33.69 23.86
CA ARG E 228 -18.73 32.60 22.91
C ARG E 228 -19.99 31.84 22.58
N MET E 229 -20.06 31.32 21.37
CA MET E 229 -21.18 30.45 20.97
C MET E 229 -20.65 29.10 20.47
N GLU E 230 -21.22 28.00 20.99
CA GLU E 230 -20.78 26.66 20.61
C GLU E 230 -21.94 25.90 19.97
N PHE E 231 -21.78 25.41 18.74
CA PHE E 231 -22.93 24.79 18.05
C PHE E 231 -22.85 23.26 17.89
N PHE E 232 -24.00 22.61 17.81
CA PHE E 232 -24.07 21.15 17.77
C PHE E 232 -24.98 20.74 16.64
N TRP E 233 -24.94 19.46 16.25
CA TRP E 233 -25.83 18.96 15.20
C TRP E 233 -26.17 17.49 15.41
N THR E 234 -27.26 17.04 14.80
CA THR E 234 -27.62 15.63 14.81
C THR E 234 -28.47 15.30 13.60
N ILE E 235 -28.50 14.03 13.23
CA ILE E 235 -29.39 13.61 12.16
C ILE E 235 -30.59 12.89 12.79
N LEU E 236 -31.76 13.52 12.64
CA LEU E 236 -32.99 12.98 13.18
C LEU E 236 -33.65 12.07 12.13
N LYS E 237 -33.69 10.78 12.43
CA LYS E 237 -34.32 9.80 11.52
C LYS E 237 -35.81 10.14 11.29
N SER E 238 -36.32 9.74 10.13
CA SER E 238 -37.75 9.90 9.81
C SER E 238 -38.58 9.23 10.88
N ASN E 239 -39.59 9.96 11.36
CA ASN E 239 -40.52 9.44 12.36
C ASN E 239 -39.91 9.36 13.78
N ASP E 240 -38.76 9.99 14.02
CA ASP E 240 -38.23 10.11 15.38
C ASP E 240 -38.47 11.51 15.94
N ALA E 241 -38.22 11.70 17.22
CA ALA E 241 -38.48 13.00 17.82
C ALA E 241 -37.30 13.51 18.62
N ILE E 242 -37.14 14.82 18.61
CA ILE E 242 -36.10 15.47 19.39
C ILE E 242 -36.75 16.35 20.48
N ASN E 243 -36.17 16.27 21.68
CA ASN E 243 -36.73 16.93 22.85
C ASN E 243 -35.71 17.88 23.48
N PHE E 244 -36.12 19.13 23.67
CA PHE E 244 -35.30 20.16 24.31
C PHE E 244 -35.84 20.55 25.69
N GLU E 245 -34.95 20.67 26.68
CA GLU E 245 -35.28 21.21 28.00
C GLU E 245 -34.17 22.19 28.44
N SER E 246 -34.56 23.41 28.82
CA SER E 246 -33.59 24.45 29.14
C SER E 246 -34.09 25.59 30.02
N ASN E 247 -33.24 26.04 30.94
CA ASN E 247 -33.53 27.25 31.71
C ASN E 247 -32.50 28.37 31.51
N GLY E 248 -31.88 28.39 30.33
CA GLY E 248 -31.01 29.50 29.95
C GLY E 248 -29.86 29.17 29.00
N ASN E 249 -29.36 30.20 28.31
CA ASN E 249 -28.20 30.06 27.44
C ASN E 249 -28.46 29.22 26.21
N PHE E 250 -29.75 29.03 25.87
CA PHE E 250 -30.20 28.12 24.82
C PHE E 250 -30.36 28.86 23.50
N ILE E 251 -29.63 28.45 22.48
CA ILE E 251 -29.82 29.00 21.14
C ILE E 251 -30.67 27.98 20.37
N ALA E 252 -31.97 28.25 20.25
CA ALA E 252 -32.94 27.26 19.77
C ALA E 252 -32.98 27.18 18.22
N PRO E 253 -33.41 26.02 17.69
CA PRO E 253 -33.63 25.82 16.23
C PRO E 253 -34.74 26.69 15.66
N GLU E 254 -34.55 27.27 14.47
CA GLU E 254 -35.71 27.79 13.72
C GLU E 254 -35.93 27.01 12.39
N ASN E 255 -34.87 26.86 11.59
CA ASN E 255 -34.94 26.12 10.35
C ASN E 255 -34.06 24.86 10.35
N ALA E 256 -34.51 23.81 9.65
CA ALA E 256 -33.77 22.55 9.56
C ALA E 256 -33.69 22.07 8.10
N TYR E 257 -32.89 21.05 7.82
CA TYR E 257 -32.68 20.61 6.42
C TYR E 257 -33.05 19.14 6.17
N LYS E 258 -33.91 18.95 5.17
CA LYS E 258 -34.36 17.64 4.72
C LYS E 258 -33.41 17.04 3.70
N ILE E 259 -32.95 15.83 3.96
CA ILE E 259 -32.03 15.18 3.01
C ILE E 259 -32.85 14.53 1.91
N VAL E 260 -32.81 15.16 0.73
CA VAL E 260 -33.72 14.86 -0.37
C VAL E 260 -33.09 13.91 -1.39
N LYS E 261 -31.79 14.11 -1.62
CA LYS E 261 -31.02 13.26 -2.54
C LYS E 261 -29.59 13.01 -2.03
N LYS E 262 -29.22 11.73 -1.94
CA LYS E 262 -27.85 11.32 -1.63
C LYS E 262 -27.15 10.76 -2.90
N GLY E 263 -25.82 10.85 -2.96
CA GLY E 263 -25.07 10.41 -4.12
C GLY E 263 -23.58 10.72 -4.00
N ASP E 264 -22.87 10.79 -5.13
CA ASP E 264 -21.45 11.10 -5.10
C ASP E 264 -21.20 12.60 -5.15
N SER E 265 -20.40 13.07 -4.20
CA SER E 265 -20.08 14.48 -4.15
C SER E 265 -18.74 14.65 -3.45
N THR E 266 -18.24 15.87 -3.42
CA THR E 266 -17.00 16.14 -2.72
C THR E 266 -17.01 17.61 -2.38
N ILE E 267 -16.09 18.03 -1.52
CA ILE E 267 -15.89 19.44 -1.22
C ILE E 267 -14.51 19.83 -1.77
N MET E 268 -14.48 20.67 -2.80
CA MET E 268 -13.20 21.13 -3.38
C MET E 268 -12.73 22.47 -2.79
N LYS E 269 -11.43 22.56 -2.54
CA LYS E 269 -10.82 23.81 -2.13
C LYS E 269 -10.24 24.56 -3.33
N SER E 270 -10.85 25.70 -3.64
CA SER E 270 -10.42 26.48 -4.81
C SER E 270 -10.81 27.96 -4.66
N GLU E 271 -10.01 28.82 -5.29
CA GLU E 271 -10.24 30.26 -5.23
C GLU E 271 -10.92 30.72 -6.49
N LEU E 272 -11.07 29.82 -7.46
CA LEU E 272 -11.61 30.17 -8.76
C LEU E 272 -13.11 30.46 -8.66
N GLU E 273 -13.70 30.98 -9.74
CA GLU E 273 -15.15 31.24 -9.77
C GLU E 273 -15.77 30.59 -10.98
N TYR E 274 -17.10 30.61 -11.04
CA TYR E 274 -17.83 29.94 -12.10
C TYR E 274 -17.34 30.34 -13.50
N GLY E 275 -17.45 29.43 -14.45
CA GLY E 275 -16.94 29.69 -15.79
C GLY E 275 -17.89 29.42 -16.93
N ASP E 276 -19.15 29.13 -16.61
CA ASP E 276 -20.18 28.83 -17.62
C ASP E 276 -19.74 27.81 -18.67
N CYS E 277 -19.06 26.76 -18.24
CA CYS E 277 -18.60 25.72 -19.15
C CYS E 277 -19.15 24.35 -18.74
N ASN E 278 -18.73 23.31 -19.45
CA ASN E 278 -19.19 21.98 -19.09
C ASN E 278 -18.09 20.93 -19.28
N THR E 279 -18.07 19.93 -18.39
CA THR E 279 -17.06 18.87 -18.40
C THR E 279 -17.58 17.59 -17.75
N LYS E 280 -16.77 16.53 -17.83
CA LYS E 280 -17.09 15.28 -17.16
C LYS E 280 -15.99 14.91 -16.17
N CYS E 281 -14.99 15.77 -16.05
CA CYS E 281 -13.92 15.54 -15.11
C CYS E 281 -13.41 16.86 -14.60
N GLN E 282 -13.52 17.06 -13.30
CA GLN E 282 -13.20 18.34 -12.66
C GLN E 282 -12.15 18.19 -11.55
N THR E 283 -11.18 19.10 -11.51
CA THR E 283 -10.19 19.16 -10.44
C THR E 283 -10.26 20.58 -9.86
N PRO E 284 -9.71 20.80 -8.64
CA PRO E 284 -9.81 22.14 -8.05
C PRO E 284 -9.20 23.26 -8.88
N ILE E 285 -8.35 22.96 -9.87
CA ILE E 285 -7.67 24.01 -10.65
C ILE E 285 -8.07 24.04 -12.12
N GLY E 286 -9.02 23.21 -12.54
CA GLY E 286 -9.44 23.18 -13.93
C GLY E 286 -10.05 21.85 -14.37
N ALA E 287 -10.80 21.86 -15.47
CA ALA E 287 -11.48 20.64 -15.93
C ALA E 287 -10.68 19.92 -17.02
N ILE E 288 -11.04 18.65 -17.26
CA ILE E 288 -10.33 17.77 -18.18
C ILE E 288 -11.25 17.15 -19.26
N ASN E 289 -10.90 17.31 -20.54
CA ASN E 289 -11.60 16.67 -21.65
C ASN E 289 -10.53 15.89 -22.40
N SER E 290 -10.46 14.58 -22.15
CA SER E 290 -9.35 13.78 -22.64
C SER E 290 -9.70 12.33 -22.94
N SER E 291 -8.81 11.63 -23.64
CA SER E 291 -8.99 10.22 -23.94
C SER E 291 -7.79 9.38 -23.47
N MET E 292 -6.78 10.06 -22.92
CA MET E 292 -5.61 9.41 -22.35
C MET E 292 -6.00 8.57 -21.13
N PRO E 293 -5.32 7.44 -20.91
CA PRO E 293 -5.60 6.61 -19.73
C PRO E 293 -4.94 7.13 -18.46
N PHE E 294 -4.03 8.09 -18.57
CA PHE E 294 -3.38 8.68 -17.40
C PHE E 294 -3.40 10.23 -17.49
N HIS E 295 -3.30 10.89 -16.34
CA HIS E 295 -3.13 12.35 -16.29
C HIS E 295 -2.26 12.73 -15.10
N ASN E 296 -1.82 13.99 -15.05
CA ASN E 296 -0.95 14.45 -13.97
C ASN E 296 -1.29 15.86 -13.47
N ILE E 297 -2.56 16.25 -13.59
CA ILE E 297 -2.99 17.62 -13.24
C ILE E 297 -3.21 17.84 -11.73
N HIS E 298 -3.92 16.93 -11.08
CA HIS E 298 -4.23 17.02 -9.66
C HIS E 298 -4.73 15.64 -9.18
N PRO E 299 -4.41 15.26 -7.94
CA PRO E 299 -4.88 13.97 -7.42
C PRO E 299 -6.33 13.99 -6.98
N LEU E 300 -6.86 15.17 -6.71
CA LEU E 300 -8.26 15.28 -6.25
C LEU E 300 -9.21 15.60 -7.41
N THR E 301 -9.84 14.57 -7.95
CA THR E 301 -10.77 14.76 -9.07
C THR E 301 -12.14 14.22 -8.73
N ILE E 302 -13.14 14.60 -9.52
CA ILE E 302 -14.47 13.99 -9.45
C ILE E 302 -15.01 13.81 -10.86
N GLY E 303 -15.71 12.70 -11.08
CA GLY E 303 -16.25 12.39 -12.39
C GLY E 303 -15.55 11.22 -13.06
N GLU E 304 -15.68 11.15 -14.38
CA GLU E 304 -15.07 10.07 -15.14
C GLU E 304 -13.69 10.48 -15.59
N CYS E 305 -12.65 10.06 -14.86
CA CYS E 305 -11.29 10.59 -15.07
C CYS E 305 -10.23 9.55 -15.44
N PRO E 306 -9.14 10.02 -16.05
CA PRO E 306 -7.93 9.20 -16.23
C PRO E 306 -7.33 8.80 -14.88
N LYS E 307 -6.33 7.93 -14.87
CA LYS E 307 -5.73 7.53 -13.61
C LYS E 307 -4.62 8.55 -13.33
N TYR E 308 -4.44 8.94 -12.06
CA TYR E 308 -3.45 9.96 -11.72
C TYR E 308 -2.08 9.34 -11.45
N VAL E 309 -1.02 9.98 -11.98
CA VAL E 309 0.36 9.59 -11.68
C VAL E 309 1.22 10.84 -11.52
N LYS E 310 2.38 10.72 -10.85
CA LYS E 310 3.29 11.86 -10.68
C LYS E 310 4.39 11.95 -11.76
N SER E 311 4.12 11.39 -12.94
CA SER E 311 5.10 11.37 -14.03
C SER E 311 5.01 12.60 -14.92
N ASN E 312 6.15 12.99 -15.49
CA ASN E 312 6.21 14.06 -16.48
C ASN E 312 5.93 13.54 -17.91
N ARG E 313 6.29 12.27 -18.15
CA ARG E 313 6.12 11.66 -19.48
C ARG E 313 5.85 10.17 -19.46
N LEU E 314 4.97 9.74 -20.36
CA LEU E 314 4.65 8.33 -20.53
C LEU E 314 4.35 8.01 -21.99
N VAL E 315 5.36 7.49 -22.69
CA VAL E 315 5.21 7.17 -24.11
C VAL E 315 5.55 5.69 -24.41
N LEU E 316 4.66 5.05 -25.17
CA LEU E 316 4.78 3.62 -25.47
C LEU E 316 5.27 3.35 -26.90
N ALA E 317 6.26 2.46 -27.00
CA ALA E 317 6.76 2.07 -28.32
C ALA E 317 5.75 1.17 -29.04
N THR E 318 5.37 1.59 -30.24
CA THR E 318 4.45 0.83 -31.09
C THR E 318 5.18 0.32 -32.33
N GLY E 319 6.07 1.15 -32.87
CA GLY E 319 6.84 0.81 -34.06
C GLY E 319 8.21 0.23 -33.78
N LEU E 320 9.15 0.45 -34.69
CA LEU E 320 10.52 -0.02 -34.48
C LEU E 320 11.51 1.15 -34.48
N ARG E 321 12.78 0.84 -34.24
CA ARG E 321 13.83 1.87 -34.19
C ARG E 321 14.05 2.54 -35.55
N ASN E 322 14.13 3.87 -35.55
CA ASN E 322 14.20 4.59 -36.82
C ASN E 322 15.61 4.98 -37.28
N SER E 323 15.90 4.57 -38.51
CA SER E 323 17.18 4.83 -39.17
C SER E 323 17.32 6.30 -39.60
N PRO E 324 18.45 6.94 -39.24
CA PRO E 324 18.73 8.36 -39.54
C PRO E 324 18.70 8.69 -41.04
N GLY F 1 19.88 -5.24 -31.20
CA GLY F 1 18.91 -6.10 -30.56
C GLY F 1 19.46 -7.46 -30.17
N LEU F 2 18.58 -8.30 -29.63
CA LEU F 2 18.96 -9.62 -29.11
C LEU F 2 19.02 -10.70 -30.18
N PHE F 3 18.93 -10.28 -31.44
CA PHE F 3 18.67 -11.19 -32.55
C PHE F 3 19.60 -10.87 -33.72
N GLY F 4 20.05 -9.62 -33.80
CA GLY F 4 21.08 -9.28 -34.77
C GLY F 4 20.58 -8.85 -36.13
N ALA F 5 19.27 -8.82 -36.31
CA ALA F 5 18.73 -8.48 -37.61
C ALA F 5 18.65 -6.95 -37.79
N ILE F 6 17.68 -6.29 -37.16
CA ILE F 6 17.56 -4.83 -37.27
C ILE F 6 18.81 -4.14 -36.68
N ALA F 7 19.39 -3.21 -37.45
CA ALA F 7 20.66 -2.55 -37.09
C ALA F 7 21.80 -3.55 -36.82
N GLY F 8 21.74 -4.70 -37.50
CA GLY F 8 22.71 -5.77 -37.35
C GLY F 8 23.26 -6.18 -38.70
N PHE F 9 23.05 -7.45 -39.09
CA PHE F 9 23.55 -7.94 -40.37
C PHE F 9 22.72 -7.31 -41.48
N ILE F 10 21.51 -6.88 -41.13
CA ILE F 10 20.75 -5.98 -42.00
C ILE F 10 20.95 -4.57 -41.48
N GLU F 11 21.45 -3.71 -42.34
CA GLU F 11 21.71 -2.35 -41.96
C GLU F 11 20.65 -1.37 -42.52
N GLY F 12 20.11 -0.53 -41.63
CA GLY F 12 19.19 0.54 -42.02
C GLY F 12 17.83 0.13 -42.58
N GLY F 13 16.85 1.04 -42.51
CA GLY F 13 15.54 0.73 -43.03
C GLY F 13 15.30 1.45 -44.35
N TRP F 14 14.21 1.08 -45.02
CA TRP F 14 13.85 1.63 -46.33
C TRP F 14 12.72 2.66 -46.24
N GLN F 15 13.05 3.94 -46.40
CA GLN F 15 12.04 4.99 -46.38
C GLN F 15 11.04 4.84 -47.53
N GLY F 16 11.45 4.13 -48.59
CA GLY F 16 10.62 4.04 -49.78
C GLY F 16 9.56 2.98 -49.64
N MET F 17 9.68 2.17 -48.60
CA MET F 17 8.67 1.15 -48.35
C MET F 17 7.62 1.67 -47.36
N VAL F 18 6.42 1.99 -47.87
CA VAL F 18 5.43 2.67 -47.06
C VAL F 18 4.08 1.94 -47.01
N ASP F 19 4.11 0.61 -47.08
CA ASP F 19 2.88 -0.17 -47.02
C ASP F 19 2.89 -1.15 -45.82
N GLY F 20 4.05 -1.29 -45.17
CA GLY F 20 4.16 -2.16 -44.01
C GLY F 20 5.39 -1.94 -43.15
N TRP F 21 5.63 -2.87 -42.24
CA TRP F 21 6.77 -2.77 -41.32
C TRP F 21 7.96 -3.60 -41.80
N TYR F 22 7.67 -4.79 -42.30
CA TYR F 22 8.71 -5.68 -42.81
C TYR F 22 8.38 -6.08 -44.24
N GLY F 23 9.38 -6.34 -45.08
CA GLY F 23 9.08 -6.76 -46.45
C GLY F 23 10.24 -7.06 -47.39
N TYR F 24 9.99 -6.93 -48.68
CA TYR F 24 10.94 -7.38 -49.71
C TYR F 24 11.25 -6.30 -50.74
N HIS F 25 12.50 -6.25 -51.15
CA HIS F 25 12.93 -5.51 -52.33
C HIS F 25 13.43 -6.45 -53.44
N HIS F 26 12.75 -6.48 -54.59
CA HIS F 26 13.12 -7.41 -55.66
C HIS F 26 13.84 -6.67 -56.76
N SER F 27 14.78 -7.36 -57.40
CA SER F 27 15.58 -6.72 -58.44
C SER F 27 15.79 -7.70 -59.60
N ASN F 28 14.86 -7.66 -60.55
CA ASN F 28 14.97 -8.47 -61.77
C ASN F 28 14.84 -7.61 -63.03
N GLU F 29 14.56 -8.25 -64.15
CA GLU F 29 14.41 -7.58 -65.46
C GLU F 29 13.23 -6.61 -65.51
N GLN F 30 12.11 -7.02 -64.94
CA GLN F 30 10.98 -6.11 -64.77
C GLN F 30 11.29 -5.14 -63.61
N GLY F 31 12.32 -4.34 -63.79
CA GLY F 31 12.73 -3.31 -62.84
C GLY F 31 12.89 -3.73 -61.38
N SER F 32 12.88 -2.72 -60.51
CA SER F 32 13.00 -2.93 -59.09
C SER F 32 11.66 -2.64 -58.46
N GLY F 33 11.64 -2.48 -57.14
CA GLY F 33 10.43 -2.13 -56.45
C GLY F 33 10.44 -2.60 -55.01
N TYR F 34 9.50 -2.09 -54.22
CA TYR F 34 9.37 -2.52 -52.83
C TYR F 34 8.07 -3.27 -52.67
N ALA F 35 8.05 -4.18 -51.69
CA ALA F 35 6.87 -4.99 -51.44
C ALA F 35 6.86 -5.43 -49.97
N ALA F 36 5.71 -5.24 -49.31
CA ALA F 36 5.56 -5.56 -47.90
C ALA F 36 4.96 -6.92 -47.71
N ASP F 37 5.50 -7.68 -46.77
CA ASP F 37 4.86 -8.94 -46.39
C ASP F 37 3.70 -8.64 -45.47
N LYS F 38 2.49 -8.72 -46.02
CA LYS F 38 1.28 -8.34 -45.31
C LYS F 38 1.07 -9.23 -44.09
N GLU F 39 1.29 -10.53 -44.29
CA GLU F 39 0.99 -11.54 -43.29
C GLU F 39 1.71 -11.30 -41.94
N SER F 40 3.03 -11.05 -41.99
CA SER F 40 3.81 -10.87 -40.77
C SER F 40 3.63 -9.50 -40.11
N THR F 41 3.28 -8.47 -40.89
CA THR F 41 3.06 -7.13 -40.33
C THR F 41 1.72 -7.07 -39.60
N GLN F 42 0.74 -7.81 -40.09
CA GLN F 42 -0.58 -7.81 -39.47
C GLN F 42 -0.55 -8.51 -38.12
N LYS F 43 0.13 -9.66 -38.05
CA LYS F 43 0.27 -10.40 -36.79
C LYS F 43 1.15 -9.60 -35.82
N ALA F 44 1.95 -8.70 -36.38
CA ALA F 44 2.79 -7.82 -35.57
C ALA F 44 1.96 -6.65 -35.03
N ILE F 45 1.04 -6.13 -35.83
CA ILE F 45 0.14 -5.07 -35.36
C ILE F 45 -0.85 -5.60 -34.30
N ASP F 46 -1.29 -6.85 -34.49
CA ASP F 46 -2.19 -7.51 -33.55
C ASP F 46 -1.50 -7.77 -32.19
N GLY F 47 -0.20 -8.07 -32.22
CA GLY F 47 0.51 -8.33 -30.98
C GLY F 47 0.68 -7.06 -30.15
N VAL F 48 1.00 -5.96 -30.83
CA VAL F 48 1.28 -4.68 -30.17
C VAL F 48 -0.01 -4.02 -29.69
N THR F 49 -1.09 -4.19 -30.45
CA THR F 49 -2.35 -3.59 -30.08
C THR F 49 -2.92 -4.30 -28.87
N ASN F 50 -2.65 -5.60 -28.78
CA ASN F 50 -3.02 -6.39 -27.60
C ASN F 50 -2.22 -5.96 -26.38
N LYS F 51 -0.93 -5.71 -26.57
CA LYS F 51 -0.07 -5.29 -25.49
C LYS F 51 -0.53 -3.95 -24.88
N VAL F 52 -0.77 -2.95 -25.72
CA VAL F 52 -1.10 -1.61 -25.27
C VAL F 52 -2.45 -1.56 -24.53
N ASN F 53 -3.37 -2.43 -24.95
CA ASN F 53 -4.66 -2.56 -24.29
C ASN F 53 -4.54 -3.30 -22.96
N SER F 54 -3.64 -4.29 -22.93
CA SER F 54 -3.34 -5.05 -21.71
C SER F 54 -2.75 -4.16 -20.62
N ILE F 55 -1.94 -3.17 -21.03
CA ILE F 55 -1.27 -2.26 -20.11
C ILE F 55 -2.30 -1.26 -19.55
N ILE F 56 -3.30 -0.92 -20.36
CA ILE F 56 -4.38 -0.01 -19.95
C ILE F 56 -5.39 -0.72 -19.02
N ASP F 57 -5.75 -1.95 -19.37
CA ASP F 57 -6.69 -2.73 -18.57
C ASP F 57 -6.11 -3.23 -17.25
N LYS F 58 -4.77 -3.29 -17.16
CA LYS F 58 -4.10 -3.68 -15.91
C LYS F 58 -4.03 -2.53 -14.90
N MET F 59 -4.38 -1.32 -15.34
CA MET F 59 -4.25 -0.13 -14.51
C MET F 59 -5.62 0.48 -14.18
N ASN F 60 -6.69 -0.14 -14.66
CA ASN F 60 -8.02 0.43 -14.47
C ASN F 60 -8.45 0.41 -13.01
N THR F 61 -7.97 -0.58 -12.25
CA THR F 61 -8.20 -0.60 -10.82
C THR F 61 -6.94 -0.12 -10.11
N GLN F 62 -6.97 1.14 -9.69
CA GLN F 62 -5.79 1.78 -9.14
C GLN F 62 -6.27 2.77 -8.07
N PHE F 63 -5.42 3.03 -7.08
CA PHE F 63 -5.78 3.86 -5.93
C PHE F 63 -6.27 5.26 -6.30
N GLU F 64 -7.34 5.71 -5.64
CA GLU F 64 -7.85 7.05 -5.84
C GLU F 64 -7.93 7.84 -4.52
N ALA F 65 -7.32 9.04 -4.49
CA ALA F 65 -7.30 9.85 -3.27
C ALA F 65 -8.59 10.63 -3.09
N VAL F 66 -9.05 10.71 -1.85
CA VAL F 66 -10.21 11.52 -1.51
C VAL F 66 -9.81 12.46 -0.36
N GLY F 67 -10.29 13.70 -0.40
CA GLY F 67 -9.94 14.68 0.63
C GLY F 67 -10.62 14.41 1.96
N ARG F 68 -9.86 14.52 3.04
CA ARG F 68 -10.39 14.40 4.41
C ARG F 68 -9.86 15.53 5.25
N GLU F 69 -10.66 16.00 6.21
CA GLU F 69 -10.18 17.10 7.05
C GLU F 69 -10.01 16.65 8.50
N PHE F 70 -9.10 17.29 9.24
CA PHE F 70 -8.83 16.89 10.63
C PHE F 70 -8.67 18.13 11.44
N ASN F 71 -9.04 18.09 12.71
CA ASN F 71 -8.90 19.32 13.49
C ASN F 71 -7.47 19.44 14.07
N ASN F 72 -7.24 20.44 14.91
CA ASN F 72 -5.94 20.83 15.37
C ASN F 72 -5.34 19.84 16.40
N LEU F 73 -6.17 18.94 16.96
CA LEU F 73 -5.66 17.90 17.88
C LEU F 73 -5.81 16.48 17.33
N GLU F 74 -5.85 16.38 15.99
CA GLU F 74 -5.82 15.09 15.29
C GLU F 74 -4.61 15.02 14.37
N ARG F 75 -3.48 15.56 14.84
CA ARG F 75 -2.28 15.66 14.00
C ARG F 75 -1.65 14.31 13.62
N ARG F 76 -1.65 13.34 14.56
CA ARG F 76 -1.07 12.01 14.30
C ARG F 76 -1.77 11.28 13.15
N ILE F 77 -3.10 11.27 13.15
CA ILE F 77 -3.84 10.62 12.10
C ILE F 77 -3.93 11.48 10.84
N GLU F 78 -3.79 12.80 10.95
CA GLU F 78 -3.67 13.61 9.74
C GLU F 78 -2.40 13.24 8.98
N ASN F 79 -1.35 12.98 9.74
CA ASN F 79 -0.07 12.55 9.18
C ASN F 79 -0.17 11.12 8.62
N LEU F 80 -0.89 10.25 9.31
CA LEU F 80 -1.14 8.88 8.84
C LEU F 80 -1.87 8.89 7.50
N ASN F 81 -2.94 9.66 7.41
CA ASN F 81 -3.75 9.73 6.21
C ASN F 81 -2.93 10.20 4.99
N LYS F 82 -2.10 11.21 5.21
CA LYS F 82 -1.31 11.83 4.17
C LYS F 82 -0.27 10.86 3.63
N LYS F 83 0.38 10.15 4.53
CA LYS F 83 1.41 9.20 4.13
C LYS F 83 0.87 7.97 3.43
N MET F 84 -0.33 7.56 3.80
CA MET F 84 -0.94 6.39 3.18
C MET F 84 -1.31 6.67 1.74
N GLU F 85 -1.88 7.85 1.51
CA GLU F 85 -2.28 8.27 0.19
C GLU F 85 -1.06 8.59 -0.69
N ASP F 86 -0.09 9.30 -0.14
CA ASP F 86 1.17 9.54 -0.85
C ASP F 86 1.87 8.21 -1.15
N GLY F 87 1.75 7.26 -0.23
CA GLY F 87 2.38 5.95 -0.37
C GLY F 87 1.84 5.17 -1.56
N PHE F 88 0.53 5.20 -1.78
CA PHE F 88 -0.07 4.50 -2.90
C PHE F 88 0.25 5.21 -4.22
N LEU F 89 0.42 6.52 -4.19
CA LEU F 89 0.69 7.28 -5.40
C LEU F 89 2.13 7.00 -5.88
N ASP F 90 3.04 6.75 -4.94
CA ASP F 90 4.42 6.38 -5.30
C ASP F 90 4.52 4.95 -5.87
N VAL F 91 3.72 4.03 -5.33
CA VAL F 91 3.68 2.64 -5.80
C VAL F 91 3.09 2.51 -7.21
N TRP F 92 1.98 3.19 -7.47
CA TRP F 92 1.37 3.07 -8.78
C TRP F 92 2.13 3.88 -9.84
N THR F 93 2.91 4.87 -9.42
CA THR F 93 3.73 5.62 -10.35
C THR F 93 4.89 4.75 -10.78
N TYR F 94 5.47 4.03 -9.82
CA TYR F 94 6.54 3.06 -10.11
C TYR F 94 6.03 1.94 -11.02
N ASN F 95 4.85 1.41 -10.74
CA ASN F 95 4.33 0.31 -11.52
C ASN F 95 4.13 0.65 -13.01
N ALA F 96 3.71 1.90 -13.28
CA ALA F 96 3.39 2.32 -14.63
C ALA F 96 4.66 2.71 -15.37
N GLU F 97 5.60 3.37 -14.69
CA GLU F 97 6.84 3.77 -15.33
C GLU F 97 7.67 2.55 -15.70
N LEU F 98 7.80 1.61 -14.75
CA LEU F 98 8.60 0.41 -14.96
C LEU F 98 7.99 -0.55 -16.00
N LEU F 99 6.67 -0.57 -16.10
CA LEU F 99 6.03 -1.50 -17.02
C LEU F 99 6.29 -1.01 -18.42
N VAL F 100 6.29 0.31 -18.58
CA VAL F 100 6.54 0.91 -19.87
C VAL F 100 7.98 0.71 -20.33
N LEU F 101 8.94 0.87 -19.43
CA LEU F 101 10.33 0.62 -19.79
C LEU F 101 10.54 -0.84 -20.18
N MET F 102 9.91 -1.75 -19.45
CA MET F 102 10.11 -3.16 -19.73
C MET F 102 9.51 -3.55 -21.07
N GLU F 103 8.29 -3.07 -21.34
CA GLU F 103 7.60 -3.51 -22.53
C GLU F 103 8.09 -2.74 -23.76
N ASN F 104 8.69 -1.57 -23.55
CA ASN F 104 9.36 -0.88 -24.63
C ASN F 104 10.51 -1.72 -25.16
N GLU F 105 11.35 -2.19 -24.25
CA GLU F 105 12.51 -2.99 -24.60
C GLU F 105 12.11 -4.28 -25.34
N ARG F 106 10.99 -4.88 -24.93
CA ARG F 106 10.58 -6.14 -25.54
C ARG F 106 9.89 -5.91 -26.88
N THR F 107 9.25 -4.76 -27.01
CA THR F 107 8.58 -4.42 -28.24
C THR F 107 9.64 -4.25 -29.33
N LEU F 108 10.75 -3.61 -28.98
CA LEU F 108 11.83 -3.40 -29.93
C LEU F 108 12.49 -4.72 -30.34
N ASP F 109 12.67 -5.63 -29.38
CA ASP F 109 13.23 -6.95 -29.69
C ASP F 109 12.23 -7.84 -30.41
N PHE F 110 10.94 -7.47 -30.37
CA PHE F 110 9.88 -8.24 -31.05
C PHE F 110 9.97 -8.02 -32.56
N HIS F 111 10.24 -6.77 -32.96
CA HIS F 111 10.47 -6.45 -34.35
C HIS F 111 11.76 -7.09 -34.83
N ASP F 112 12.78 -7.08 -33.98
CA ASP F 112 14.08 -7.65 -34.34
C ASP F 112 13.95 -9.16 -34.60
N SER F 113 13.20 -9.84 -33.75
CA SER F 113 12.96 -11.26 -33.96
C SER F 113 12.14 -11.50 -35.24
N ASN F 114 11.26 -10.56 -35.55
CA ASN F 114 10.38 -10.72 -36.69
C ASN F 114 11.09 -10.48 -38.02
N VAL F 115 12.11 -9.62 -38.03
CA VAL F 115 12.85 -9.41 -39.27
C VAL F 115 13.67 -10.68 -39.58
N LYS F 116 14.40 -11.21 -38.59
CA LYS F 116 15.23 -12.42 -38.77
C LYS F 116 14.44 -13.69 -39.13
N ASN F 117 13.26 -13.87 -38.54
CA ASN F 117 12.43 -15.04 -38.82
C ASN F 117 11.90 -15.02 -40.26
N LEU F 118 11.70 -13.82 -40.79
CA LEU F 118 11.30 -13.63 -42.19
C LEU F 118 12.48 -13.97 -43.10
N TYR F 119 13.68 -13.55 -42.70
CA TYR F 119 14.90 -13.86 -43.42
C TYR F 119 15.16 -15.37 -43.45
N ASP F 120 15.05 -16.07 -42.32
CA ASP F 120 15.26 -17.52 -42.32
C ASP F 120 14.14 -18.28 -43.07
N LYS F 121 13.02 -17.59 -43.26
CA LYS F 121 11.87 -18.14 -43.98
C LYS F 121 12.23 -18.30 -45.45
N VAL F 122 13.04 -17.36 -45.93
CA VAL F 122 13.45 -17.37 -47.32
C VAL F 122 14.73 -18.19 -47.51
N ARG F 123 15.63 -18.13 -46.54
CA ARG F 123 16.90 -18.88 -46.59
C ARG F 123 16.64 -20.37 -46.62
N LEU F 124 15.54 -20.79 -45.99
CA LEU F 124 15.19 -22.20 -45.91
C LEU F 124 14.54 -22.73 -47.18
N GLN F 125 14.06 -21.84 -48.03
CA GLN F 125 13.33 -22.27 -49.22
C GLN F 125 14.30 -22.47 -50.38
N LEU F 126 15.23 -21.54 -50.52
CA LEU F 126 16.15 -21.54 -51.65
C LEU F 126 17.36 -22.46 -51.46
N ARG F 127 18.01 -22.39 -50.30
CA ARG F 127 19.24 -23.15 -50.01
C ARG F 127 20.27 -22.97 -51.13
N ASP F 128 20.72 -24.07 -51.74
CA ASP F 128 21.80 -23.98 -52.74
C ASP F 128 21.33 -23.55 -54.15
N ASN F 129 20.13 -22.99 -54.24
CA ASN F 129 19.64 -22.34 -55.46
C ASN F 129 19.91 -20.83 -55.41
N ALA F 130 20.53 -20.38 -54.31
CA ALA F 130 20.92 -18.98 -54.15
C ALA F 130 22.11 -18.84 -53.17
N LYS F 131 22.68 -17.63 -53.09
CA LYS F 131 23.80 -17.35 -52.19
C LYS F 131 23.50 -16.28 -51.13
N GLU F 132 23.98 -16.51 -49.91
CA GLU F 132 23.86 -15.50 -48.86
C GLU F 132 24.98 -14.49 -49.01
N LEU F 133 24.62 -13.27 -49.36
CA LEU F 133 25.60 -12.21 -49.51
C LEU F 133 26.08 -11.73 -48.13
N GLY F 134 25.21 -11.84 -47.13
CA GLY F 134 25.59 -11.50 -45.77
C GLY F 134 25.06 -10.14 -45.32
N ASN F 135 24.08 -9.61 -46.06
CA ASN F 135 23.48 -8.31 -45.73
C ASN F 135 21.96 -8.34 -45.85
N GLY F 136 21.39 -9.54 -45.86
CA GLY F 136 19.94 -9.68 -45.95
C GLY F 136 19.51 -10.04 -47.36
N CYS F 137 20.48 -10.10 -48.27
CA CYS F 137 20.23 -10.35 -49.70
C CYS F 137 20.54 -11.77 -50.16
N PHE F 138 19.72 -12.25 -51.10
CA PHE F 138 19.92 -13.54 -51.75
C PHE F 138 20.15 -13.36 -53.26
N GLU F 139 21.31 -13.79 -53.76
CA GLU F 139 21.58 -13.77 -55.19
C GLU F 139 21.33 -15.15 -55.79
N PHE F 140 20.34 -15.24 -56.67
CA PHE F 140 19.92 -16.54 -57.19
C PHE F 140 20.94 -17.19 -58.13
N TYR F 141 20.81 -18.50 -58.31
CA TYR F 141 21.62 -19.25 -59.25
C TYR F 141 20.81 -19.50 -60.52
N HIS F 142 19.64 -18.87 -60.61
CA HIS F 142 18.79 -18.94 -61.80
C HIS F 142 18.04 -17.63 -61.98
N ARG F 143 17.02 -17.63 -62.83
CA ARG F 143 16.26 -16.41 -63.13
C ARG F 143 14.95 -16.38 -62.37
N CYS F 144 14.60 -15.19 -61.87
CA CYS F 144 13.36 -15.00 -61.13
C CYS F 144 12.57 -13.86 -61.75
N ASP F 145 11.42 -14.19 -62.32
CA ASP F 145 10.53 -13.20 -62.94
C ASP F 145 9.77 -12.41 -61.87
N ASN F 146 8.63 -11.84 -62.23
CA ASN F 146 7.78 -11.25 -61.21
C ASN F 146 6.66 -12.21 -60.86
N GLU F 147 7.01 -13.50 -60.77
CA GLU F 147 6.06 -14.53 -60.37
C GLU F 147 6.83 -15.67 -59.71
N CYS F 148 8.15 -15.62 -59.87
CA CYS F 148 9.08 -16.45 -59.11
C CYS F 148 9.28 -15.75 -57.76
N MET F 149 9.62 -14.45 -57.80
CA MET F 149 9.72 -13.60 -56.61
C MET F 149 8.49 -13.74 -55.72
N GLU F 150 7.33 -13.82 -56.38
CA GLU F 150 6.06 -13.96 -55.71
C GLU F 150 5.92 -15.33 -55.03
N SER F 151 6.49 -16.37 -55.64
CA SER F 151 6.37 -17.71 -55.06
C SER F 151 7.16 -17.82 -53.75
N VAL F 152 8.18 -16.96 -53.61
CA VAL F 152 9.01 -16.93 -52.40
C VAL F 152 8.33 -16.09 -51.31
N ARG F 153 7.63 -15.03 -51.72
CA ARG F 153 6.96 -14.13 -50.78
C ARG F 153 5.73 -14.78 -50.12
N ASN F 154 5.12 -15.75 -50.81
CA ASN F 154 4.03 -16.49 -50.21
C ASN F 154 4.40 -17.93 -49.86
N GLY F 155 5.69 -18.25 -49.98
CA GLY F 155 6.21 -19.56 -49.60
C GLY F 155 5.69 -20.76 -50.37
N THR F 156 5.73 -20.66 -51.71
CA THR F 156 5.27 -21.73 -52.59
C THR F 156 6.40 -22.15 -53.54
N TYR F 157 7.51 -21.41 -53.48
CA TYR F 157 8.73 -21.68 -54.26
C TYR F 157 9.09 -23.17 -54.42
N ASP F 158 8.95 -23.68 -55.63
CA ASP F 158 9.25 -25.07 -55.97
C ASP F 158 10.75 -25.31 -56.18
N TYR F 159 11.39 -26.00 -55.24
CA TYR F 159 12.86 -26.17 -55.28
C TYR F 159 13.41 -27.02 -56.45
N PRO F 160 12.92 -28.28 -56.63
CA PRO F 160 13.51 -29.11 -57.70
C PRO F 160 13.30 -28.55 -59.10
N GLN F 161 12.33 -27.65 -59.23
CA GLN F 161 12.01 -27.00 -60.49
C GLN F 161 13.14 -26.07 -60.95
N TYR F 162 14.11 -25.82 -60.08
CA TYR F 162 15.20 -24.91 -60.43
C TYR F 162 16.54 -25.52 -60.04
N SER F 163 16.49 -26.74 -59.48
CA SER F 163 17.68 -27.42 -58.94
C SER F 163 18.74 -27.67 -60.02
N GLU F 164 18.27 -27.97 -61.23
CA GLU F 164 19.12 -28.31 -62.36
C GLU F 164 19.77 -27.07 -62.98
N GLU F 165 18.95 -26.09 -63.36
CA GLU F 165 19.43 -24.85 -63.96
C GLU F 165 20.48 -24.18 -63.07
N ALA F 166 20.20 -24.20 -61.76
CA ALA F 166 21.09 -23.67 -60.75
C ALA F 166 22.41 -24.44 -60.57
N ARG F 167 22.32 -25.77 -60.43
CA ARG F 167 23.48 -26.62 -60.16
C ARG F 167 24.58 -26.44 -61.21
N LEU F 168 24.17 -26.33 -62.47
CA LEU F 168 25.07 -26.07 -63.59
C LEU F 168 25.80 -24.72 -63.43
N LYS F 169 25.05 -23.70 -63.00
CA LYS F 169 25.58 -22.33 -62.91
C LYS F 169 26.71 -22.20 -61.90
N ARG F 170 26.58 -22.86 -60.75
CA ARG F 170 27.61 -22.78 -59.71
C ARG F 170 28.85 -23.61 -60.07
N GLU F 171 28.68 -24.60 -60.94
CA GLU F 171 29.81 -25.34 -61.47
C GLU F 171 30.66 -24.51 -62.44
N GLU F 172 30.04 -23.60 -63.18
CA GLU F 172 30.76 -22.68 -64.05
C GLU F 172 31.64 -21.77 -63.21
N ILE F 173 31.14 -21.45 -62.01
CA ILE F 173 31.84 -20.62 -61.04
C ILE F 173 32.88 -21.42 -60.25
N SER F 174 32.52 -22.65 -59.93
CA SER F 174 33.36 -23.56 -59.16
C SER F 174 34.22 -24.45 -60.04
N GLY F 175 34.64 -23.94 -61.19
CA GLY F 175 35.47 -24.71 -62.11
C GLY F 175 36.68 -23.93 -62.59
C1 NAG G . -4.51 -6.83 47.39
C2 NAG G . -3.66 -5.61 47.77
C3 NAG G . -2.21 -6.01 48.08
C4 NAG G . -2.10 -7.32 48.87
C5 NAG G . -3.15 -8.37 48.47
C6 NAG G . -3.24 -9.53 49.44
C7 NAG G . -4.08 -3.35 46.90
C8 NAG G . -4.00 -2.46 45.71
N2 NAG G . -3.67 -4.61 46.72
O3 NAG G . -1.70 -4.99 48.92
O4 NAG G . -0.79 -7.82 48.65
O5 NAG G . -4.44 -7.79 48.39
O6 NAG G . -3.11 -9.14 50.81
O7 NAG G . -4.52 -2.96 47.98
C1 FUL G . -0.41 -4.45 48.60
C2 FUL G . -0.49 -2.87 48.67
O2 FUL G . -1.07 -2.35 49.90
C3 FUL G . 0.91 -2.28 48.40
O3 FUL G . 0.93 -0.85 48.49
C4 FUL G . 1.26 -2.70 46.99
O4 FUL G . 0.19 -2.31 46.09
C5 FUL G . 1.45 -4.24 47.01
C6 FUL G . 1.99 -4.84 45.70
O5 FUL G . 0.20 -4.95 47.42
C1 NAG G . -0.13 -8.11 49.89
C2 NAG G . 1.37 -8.33 49.62
C3 NAG G . 2.21 -7.27 50.33
C4 NAG G . 1.92 -7.26 51.84
C5 NAG G . 0.44 -7.41 52.12
C6 NAG G . -0.06 -6.45 53.17
C7 NAG G . 1.81 -10.69 49.13
C8 NAG G . 2.28 -12.00 49.67
N2 NAG G . 1.80 -9.68 49.98
O3 NAG G . 1.96 -5.99 49.75
O4 NAG G . 2.61 -8.33 52.48
O5 NAG G . -0.30 -7.11 50.92
O6 NAG G . 0.81 -5.34 53.30
O7 NAG G . 1.44 -10.57 47.96
C1 GAL H . -43.04 2.37 31.18
C2 GAL H . -42.71 1.80 32.59
C3 GAL H . -42.10 0.36 32.55
C4 GAL H . -42.89 -0.59 31.52
C5 GAL H . -43.22 0.17 30.20
C6 GAL H . -44.11 -0.65 29.20
O2 GAL H . -41.80 2.65 33.29
O3 GAL H . -42.08 -0.27 33.89
O4 GAL H . -44.09 -1.19 32.08
O5 GAL H . -43.86 1.46 30.46
O6 GAL H . -44.35 0.04 27.95
C1 SIA H . -40.44 -1.99 33.11
C2 SIA H . -40.88 -1.04 34.24
C3 SIA H . -41.26 -1.85 35.49
C4 SIA H . -40.07 -2.35 36.34
C5 SIA H . -39.17 -1.18 36.70
C6 SIA H . -38.75 -0.39 35.45
C7 SIA H . -38.08 0.94 35.84
C8 SIA H . -37.90 1.86 34.63
C9 SIA H . -36.78 2.87 34.88
C10 SIA H . -37.56 -1.13 38.51
C11 SIA H . -36.30 -1.72 39.10
N5 SIA H . -37.99 -1.67 37.38
O1A SIA H . -39.45 -1.69 32.39
O1B SIA H . -41.06 -3.07 32.93
O4 SIA H . -40.54 -2.99 37.54
O6 SIA H . -39.79 -0.13 34.47
O7 SIA H . -38.84 1.60 36.87
O8 SIA H . -37.59 1.09 33.46
O9 SIA H . -36.78 3.93 33.91
O10 SIA H . -38.15 -0.20 39.05
C1 NAG I . -1.64 41.35 23.70
C2 NAG I . -3.11 41.70 23.41
C3 NAG I . -3.26 42.49 22.10
C4 NAG I . -2.23 43.62 21.97
C5 NAG I . -0.84 43.11 22.30
C6 NAG I . 0.24 44.19 22.24
C7 NAG I . -5.20 40.43 23.67
C8 NAG I . -5.87 39.10 23.49
N2 NAG I . -3.91 40.49 23.33
O3 NAG I . -4.58 43.04 22.08
O4 NAG I . -2.24 44.12 20.64
O5 NAG I . -0.82 42.53 23.61
O6 NAG I . 0.55 44.83 23.47
O7 NAG I . -5.81 41.41 24.12
C1 FUL I . -5.12 43.21 20.75
C2 FUL I . -6.61 42.90 20.60
O2 FUL I . -7.43 43.25 21.74
C3 FUL I . -7.06 43.66 19.35
O3 FUL I . -8.45 43.45 19.13
C4 FUL I . -6.23 43.19 18.08
O4 FUL I . -6.64 41.90 17.66
C5 FUL I . -4.68 43.19 18.35
C6 FUL I . -3.86 42.41 17.31
O5 FUL I . -4.35 42.65 19.67
C1 NAG I . -2.51 45.55 20.57
C2 NAG I . -2.29 46.05 19.15
C3 NAG I . -3.41 47.01 18.74
C4 NAG I . -3.63 48.06 19.82
C5 NAG I . -3.99 47.39 21.15
C6 NAG I . -5.42 47.65 21.58
C7 NAG I . 0.01 46.17 18.31
C8 NAG I . 1.27 46.96 18.27
N2 NAG I . -1.00 46.69 19.02
O3 NAG I . -4.62 46.30 18.52
O4 NAG I . -2.41 48.79 19.99
O5 NAG I . -3.84 45.96 21.04
O6 NAG I . -6.34 47.45 20.52
O7 NAG I . -0.10 45.09 17.72
C1 FUC I . -0.47 45.71 24.03
C2 FUC I . -0.32 45.80 25.61
C3 FUC I . -0.30 47.23 26.15
C4 FUC I . -1.35 48.07 25.46
C5 FUC I . -0.88 48.25 24.03
C6 FUC I . -1.86 49.08 23.21
O2 FUC I . 0.84 45.11 26.09
O3 FUC I . -0.62 47.23 27.54
O4 FUC I . -2.63 47.44 25.51
O5 FUC I . -0.65 46.98 23.32
C1 NAG J . -0.48 5.09 55.34
C2 NAG J . -0.89 6.56 55.25
C3 NAG J . 0.35 7.43 55.17
C4 NAG J . 1.20 7.22 56.42
C5 NAG J . 1.63 5.75 56.44
C6 NAG J . 2.48 5.38 57.64
C7 NAG J . -3.12 6.80 54.26
C8 NAG J . -3.91 7.10 53.03
N2 NAG J . -1.79 6.82 54.14
O1 NAG J . -1.62 4.31 55.49
O3 NAG J . -0.01 8.80 54.92
O4 NAG J . 2.34 8.07 56.46
O5 NAG J . 0.47 4.90 56.45
O6 NAG J . 1.94 5.84 58.86
O7 NAG J . -3.66 6.55 55.34
C1 GAL J . 0.50 9.18 53.61
C2 GAL J . 0.88 10.71 53.68
C3 GAL J . 1.88 11.20 52.61
C4 GAL J . 3.06 10.17 52.46
C5 GAL J . 2.47 8.75 52.27
C6 GAL J . 3.50 7.61 52.13
O2 GAL J . -0.27 11.55 53.59
O3 GAL J . 2.43 12.50 52.98
O4 GAL J . 4.00 10.24 53.55
O5 GAL J . 1.63 8.36 53.34
O6 GAL J . 4.22 7.39 53.34
C1 SIA J . 3.39 13.11 50.81
C2 SIA J . 2.50 13.53 51.97
C3 SIA J . 3.18 14.73 52.66
C4 SIA J . 3.17 16.02 51.85
C5 SIA J . 1.77 16.35 51.37
C6 SIA J . 1.09 15.13 50.70
C7 SIA J . -0.35 15.45 50.26
C8 SIA J . -1.11 14.27 49.63
C9 SIA J . -2.33 14.78 48.88
C10 SIA J . 0.99 18.58 50.62
C11 SIA J . 1.21 19.70 49.65
N5 SIA J . 1.83 17.53 50.51
O1A SIA J . 4.58 12.75 51.07
O1B SIA J . 2.93 13.12 49.63
O4 SIA J . 3.67 17.10 52.66
O6 SIA J . 1.20 13.90 51.48
O7 SIA J . -1.06 15.93 51.42
O8 SIA J . -0.32 13.51 48.70
O9 SIA J . -2.98 13.70 48.19
O10 SIA J . 0.09 18.65 51.45
C1 NAG K . -43.60 10.65 15.78
C2 NAG K . -43.54 9.57 16.87
C3 NAG K . -44.17 8.26 16.38
C4 NAG K . -45.51 8.49 15.66
C5 NAG K . -45.44 9.67 14.69
C6 NAG K . -46.79 10.06 14.11
C7 NAG K . -41.76 9.13 18.53
C8 NAG K . -40.28 8.95 18.72
N2 NAG K . -42.16 9.35 17.28
O3 NAG K . -44.37 7.45 17.53
O4 NAG K . -45.88 7.32 14.93
O5 NAG K . -44.93 10.83 15.37
O6 NAG K . -47.87 9.77 14.98
O7 NAG K . -42.55 9.07 19.47
C1 FUL K . -44.29 6.01 17.37
C2 FUL K . -43.98 5.39 18.74
O2 FUL K . -44.80 5.92 19.80
C3 FUL K . -44.07 3.85 18.65
O3 FUL K . -43.63 3.23 19.87
C4 FUL K . -43.18 3.30 17.49
O4 FUL K . -41.79 3.44 17.82
C5 FUL K . -43.48 4.05 16.18
C6 FUL K . -42.48 3.71 15.08
O5 FUL K . -43.46 5.52 16.36
C1 NAG K . -47.15 6.78 15.36
C2 NAG K . -47.40 5.41 14.72
C3 NAG K . -47.76 4.37 15.78
C4 NAG K . -48.88 4.86 16.68
C5 NAG K . -48.58 6.26 17.22
C6 NAG K . -48.58 6.34 18.73
C7 NAG K . -48.24 6.02 12.50
C8 NAG K . -49.43 6.04 11.57
N2 NAG K . -48.44 5.50 13.70
O3 NAG K . -46.60 4.06 16.55
O4 NAG K . -50.13 4.86 15.99
O5 NAG K . -47.26 6.67 16.79
O6 NAG K . -48.59 5.06 19.33
O7 NAG K . -47.14 6.46 12.14
C1 GAL L . -19.47 45.56 23.71
C2 GAL L . -21.02 45.65 23.83
C3 GAL L . -21.75 44.98 22.62
C4 GAL L . -21.22 45.65 21.32
C5 GAL L . -19.64 45.60 21.26
C6 GAL L . -19.00 46.33 20.05
O2 GAL L . -21.50 45.05 25.02
O3 GAL L . -23.24 45.10 22.68
O4 GAL L . -21.75 47.00 21.17
O5 GAL L . -19.00 46.12 22.48
O6 GAL L . -17.63 45.95 19.84
C1 SIA L . -23.50 43.38 20.85
C2 SIA L . -24.02 43.96 22.15
C3 SIA L . -25.44 44.48 21.88
C4 SIA L . -26.50 43.40 21.73
C5 SIA L . -26.44 42.42 22.88
C6 SIA L . -25.01 41.84 22.96
C7 SIA L . -24.82 40.76 24.04
C8 SIA L . -23.38 40.24 24.18
C9 SIA L . -23.35 39.03 25.13
C10 SIA L . -28.17 40.75 23.59
C11 SIA L . -29.19 39.75 23.12
N5 SIA L . -27.48 41.42 22.65
O1A SIA L . -22.72 42.41 20.93
O1B SIA L . -23.87 43.87 19.75
O4 SIA L . -27.81 43.98 21.70
O6 SIA L . -24.01 42.86 23.08
O7 SIA L . -25.31 41.22 25.32
O8 SIA L . -22.86 39.87 22.90
O9 SIA L . -22.05 38.40 25.24
O10 SIA L . -27.99 40.94 24.78
C1 NAG M . -11.06 -16.83 -24.00
C2 NAG M . -12.03 -15.82 -24.62
C3 NAG M . -13.31 -15.72 -23.79
C4 NAG M . -13.92 -17.10 -23.60
C5 NAG M . -12.89 -18.05 -23.00
C6 NAG M . -13.39 -19.48 -22.84
C7 NAG M . -11.24 -13.91 -25.94
C8 NAG M . -10.56 -12.57 -25.90
N2 NAG M . -11.40 -14.51 -24.75
O3 NAG M . -14.24 -14.86 -24.45
O4 NAG M . -15.07 -17.01 -22.76
O5 NAG M . -11.73 -18.11 -23.84
O6 NAG M . -14.81 -19.57 -22.85
O7 NAG M . -11.60 -14.43 -26.99
C1 NAG N . 23.54 -21.79 -2.16
C2 NAG N . 23.00 -23.02 -1.39
C3 NAG N . 23.03 -22.76 0.12
C4 NAG N . 24.44 -22.35 0.55
C5 NAG N . 24.88 -21.12 -0.25
C6 NAG N . 26.27 -20.62 0.10
C7 NAG N . 20.99 -24.46 -1.49
C8 NAG N . 19.62 -24.61 -2.07
N2 NAG N . 21.65 -23.34 -1.84
O3 NAG N . 22.63 -23.92 0.85
O4 NAG N . 24.46 -22.05 1.94
O5 NAG N . 24.87 -21.44 -1.66
O6 NAG N . 27.30 -21.48 -0.34
O7 NAG N . 21.47 -25.29 -0.73
C1 NAG O . 16.71 12.92 -24.11
C2 NAG O . 17.65 13.67 -23.15
C3 NAG O . 16.96 14.91 -22.58
C4 NAG O . 16.39 15.78 -23.71
C5 NAG O . 15.52 14.95 -24.65
C6 NAG O . 15.06 15.73 -25.85
C7 NAG O . 19.07 13.06 -21.21
C8 NAG O . 19.37 12.00 -20.19
N2 NAG O . 18.09 12.78 -22.07
O3 NAG O . 17.86 15.69 -21.80
O4 NAG O . 15.64 16.85 -23.17
O5 NAG O . 16.25 13.81 -25.14
O6 NAG O . 15.75 16.98 -25.95
O7 NAG O . 19.67 14.14 -21.22
#